data_1D9S
#
_entry.id   1D9S
#
_cell.length_a   1.000
_cell.length_b   1.000
_cell.length_c   1.000
_cell.angle_alpha   90.00
_cell.angle_beta   90.00
_cell.angle_gamma   90.00
#
_symmetry.space_group_name_H-M   'P 1'
#
_entity_poly.entity_id   1
_entity_poly.type   'polypeptide(L)'
_entity_poly.pdbx_seq_one_letter_code
;GSPGIHMLGGSSDAGLATAAARGQVETVRQLLEAGADPNALNRFGRRPIQVMMMGSAQVAELLLLHGAEPNCADPATLTR
PVHDAAREGFLDTLVVLHRAGARLDVCDAWGRLPVDLAEEQGHRDIARYLHAATGD
;
_entity_poly.pdbx_strand_id   A
#
# COMPACT_ATOMS: atom_id res chain seq x y z
N GLY A 1 23.86 31.11 -9.30
CA GLY A 1 22.74 30.20 -8.90
C GLY A 1 22.09 30.74 -7.62
N SER A 2 20.84 30.45 -7.42
CA SER A 2 20.14 30.93 -6.18
C SER A 2 20.66 30.17 -4.96
N PRO A 3 20.73 30.84 -3.85
CA PRO A 3 21.22 30.19 -2.61
C PRO A 3 20.15 29.25 -2.03
N GLY A 4 20.58 28.16 -1.47
CA GLY A 4 19.63 27.18 -0.89
C GLY A 4 20.41 26.05 -0.22
N ILE A 5 19.75 25.14 0.45
CA ILE A 5 20.50 24.03 1.11
C ILE A 5 19.53 23.00 1.71
N HIS A 6 19.99 21.78 1.83
CA HIS A 6 19.16 20.65 2.40
C HIS A 6 17.70 20.68 1.92
N MET A 7 17.35 19.75 1.07
CA MET A 7 15.94 19.65 0.55
C MET A 7 15.48 20.96 -0.08
N LEU A 8 14.19 21.11 -0.25
CA LEU A 8 13.65 22.36 -0.87
C LEU A 8 12.16 22.53 -0.49
N GLY A 9 11.35 21.54 -0.77
CA GLY A 9 9.89 21.66 -0.43
C GLY A 9 9.04 20.82 -1.39
N GLY A 10 7.78 20.61 -1.08
CA GLY A 10 6.90 19.80 -1.97
C GLY A 10 5.60 19.39 -1.24
N SER A 11 4.49 19.43 -1.92
CA SER A 11 3.19 19.05 -1.29
C SER A 11 2.56 17.87 -2.06
N SER A 12 1.30 17.55 -1.83
CA SER A 12 0.70 16.41 -2.59
C SER A 12 -0.80 16.28 -2.45
N ASP A 13 -1.25 15.30 -3.15
CA ASP A 13 -2.64 14.83 -3.05
C ASP A 13 -2.44 13.43 -2.49
N ALA A 14 -1.64 13.35 -1.44
CA ALA A 14 -1.28 12.04 -0.84
C ALA A 14 -1.81 11.88 0.60
N GLY A 15 -2.58 12.82 1.08
CA GLY A 15 -3.14 12.69 2.47
C GLY A 15 -3.58 11.24 2.68
N LEU A 16 -4.04 10.61 1.64
CA LEU A 16 -4.47 9.19 1.72
C LEU A 16 -3.33 8.34 2.30
N ALA A 17 -2.11 8.75 2.09
CA ALA A 17 -0.95 7.99 2.63
C ALA A 17 -0.63 8.47 4.04
N THR A 18 -0.30 9.74 4.19
CA THR A 18 0.03 10.28 5.54
C THR A 18 -1.08 9.97 6.53
N ALA A 19 -2.31 10.23 6.15
CA ALA A 19 -3.45 9.95 7.09
C ALA A 19 -3.59 8.44 7.28
N ALA A 20 -3.40 7.68 6.23
CA ALA A 20 -3.53 6.19 6.36
C ALA A 20 -2.57 5.69 7.44
N ALA A 21 -1.31 6.04 7.34
CA ALA A 21 -0.34 5.60 8.38
C ALA A 21 -0.86 6.00 9.76
N ARG A 22 -1.59 7.08 9.83
CA ARG A 22 -2.16 7.54 11.12
C ARG A 22 -3.54 6.92 11.34
N GLY A 23 -3.93 5.99 10.50
CA GLY A 23 -5.27 5.35 10.64
C GLY A 23 -6.37 6.38 10.37
N GLN A 24 -6.37 6.96 9.20
CA GLN A 24 -7.41 7.99 8.86
C GLN A 24 -8.04 7.71 7.50
N VAL A 25 -8.99 6.80 7.42
CA VAL A 25 -9.63 6.52 6.11
C VAL A 25 -10.47 7.73 5.68
N GLU A 26 -10.98 8.47 6.64
CA GLU A 26 -11.79 9.67 6.28
C GLU A 26 -10.93 10.66 5.51
N THR A 27 -9.72 10.87 5.95
CA THR A 27 -8.81 11.80 5.21
C THR A 27 -8.44 11.17 3.88
N VAL A 28 -8.17 9.89 3.86
CA VAL A 28 -7.83 9.22 2.58
C VAL A 28 -9.02 9.36 1.63
N ARG A 29 -10.21 9.33 2.18
CA ARG A 29 -11.42 9.50 1.32
C ARG A 29 -11.45 10.96 0.85
N GLN A 30 -11.00 11.86 1.70
CA GLN A 30 -11.00 13.31 1.33
C GLN A 30 -9.88 13.63 0.33
N LEU A 31 -8.65 13.28 0.63
CA LEU A 31 -7.54 13.56 -0.32
C LEU A 31 -7.87 12.94 -1.70
N LEU A 32 -8.68 11.90 -1.71
CA LEU A 32 -9.02 11.25 -3.02
C LEU A 32 -10.34 11.79 -3.59
N GLU A 33 -11.45 11.49 -2.95
CA GLU A 33 -12.77 11.96 -3.48
C GLU A 33 -12.75 13.46 -3.78
N ALA A 34 -11.80 14.19 -3.24
CA ALA A 34 -11.76 15.66 -3.50
C ALA A 34 -11.22 15.94 -4.91
N GLY A 35 -10.95 14.94 -5.69
CA GLY A 35 -10.44 15.17 -7.07
C GLY A 35 -8.91 15.21 -7.04
N ALA A 36 -8.28 14.08 -6.87
CA ALA A 36 -6.78 14.07 -6.83
C ALA A 36 -6.21 12.96 -7.72
N ASP A 37 -4.94 12.67 -7.56
CA ASP A 37 -4.29 11.61 -8.37
C ASP A 37 -4.17 10.32 -7.54
N PRO A 38 -4.39 9.19 -8.18
CA PRO A 38 -4.31 7.91 -7.46
C PRO A 38 -2.84 7.52 -7.19
N ASN A 39 -1.90 8.38 -7.50
CA ASN A 39 -0.47 8.02 -7.25
C ASN A 39 0.28 9.17 -6.57
N ALA A 40 -0.31 9.83 -5.62
CA ALA A 40 0.40 10.95 -4.94
C ALA A 40 1.55 10.39 -4.11
N LEU A 41 2.64 10.06 -4.74
CA LEU A 41 3.81 9.48 -4.01
C LEU A 41 4.17 10.32 -2.78
N ASN A 42 4.85 9.72 -1.83
CA ASN A 42 5.26 10.46 -0.61
C ASN A 42 6.78 10.43 -0.48
N ARG A 43 7.35 11.33 0.26
CA ARG A 43 8.83 11.35 0.41
C ARG A 43 9.35 9.99 0.89
N PHE A 44 8.50 9.21 1.52
CA PHE A 44 8.94 7.87 2.01
C PHE A 44 9.00 6.88 0.84
N GLY A 45 8.49 7.25 -0.31
CA GLY A 45 8.52 6.33 -1.48
C GLY A 45 7.92 4.98 -1.10
N ARG A 46 7.01 4.97 -0.16
CA ARG A 46 6.38 3.68 0.25
C ARG A 46 4.99 3.55 -0.38
N ARG A 47 4.84 3.99 -1.61
CA ARG A 47 3.51 3.89 -2.29
C ARG A 47 2.40 4.50 -1.41
N PRO A 48 1.20 4.51 -1.94
CA PRO A 48 0.07 5.08 -1.19
C PRO A 48 -0.49 4.05 -0.20
N ILE A 49 -0.29 2.78 -0.45
CA ILE A 49 -0.82 1.74 0.48
C ILE A 49 0.29 1.19 1.38
N GLN A 50 1.45 0.95 0.83
CA GLN A 50 2.57 0.40 1.65
C GLN A 50 2.78 1.24 2.92
N VAL A 51 2.32 2.47 2.93
CA VAL A 51 2.50 3.33 4.13
C VAL A 51 1.15 3.65 4.78
N MET A 52 0.30 2.68 4.93
CA MET A 52 -1.03 2.94 5.56
C MET A 52 -1.11 2.25 6.93
N MET A 53 0.02 2.02 7.55
CA MET A 53 0.03 1.34 8.89
C MET A 53 -0.40 -0.12 8.77
N MET A 54 -0.75 -0.57 7.58
CA MET A 54 -1.16 -1.99 7.39
C MET A 54 -2.08 -2.46 8.53
N GLY A 55 -2.85 -1.56 9.10
CA GLY A 55 -3.76 -1.95 10.21
C GLY A 55 -5.20 -1.56 9.89
N SER A 56 -5.43 -0.91 8.78
CA SER A 56 -6.83 -0.52 8.42
C SER A 56 -7.14 -0.87 6.97
N ALA A 57 -7.82 -1.96 6.74
CA ALA A 57 -8.17 -2.36 5.34
C ALA A 57 -9.01 -1.27 4.69
N GLN A 58 -9.75 -0.52 5.47
CA GLN A 58 -10.59 0.58 4.92
C GLN A 58 -9.73 1.49 4.03
N VAL A 59 -8.46 1.57 4.30
CA VAL A 59 -7.56 2.42 3.46
C VAL A 59 -7.05 1.61 2.28
N ALA A 60 -6.78 0.35 2.50
CA ALA A 60 -6.27 -0.52 1.39
C ALA A 60 -7.28 -0.57 0.24
N GLU A 61 -8.54 -0.67 0.56
CA GLU A 61 -9.58 -0.74 -0.51
C GLU A 61 -9.80 0.63 -1.13
N LEU A 62 -9.82 1.67 -0.33
CA LEU A 62 -10.05 3.04 -0.88
C LEU A 62 -9.15 3.33 -2.09
N LEU A 63 -7.85 3.37 -1.89
CA LEU A 63 -6.93 3.67 -3.02
C LEU A 63 -6.94 2.54 -4.05
N LEU A 64 -7.02 1.31 -3.62
CA LEU A 64 -7.01 0.17 -4.60
C LEU A 64 -8.10 0.37 -5.66
N LEU A 65 -9.35 0.33 -5.27
CA LEU A 65 -10.44 0.53 -6.27
C LEU A 65 -10.20 1.81 -7.06
N HIS A 66 -9.54 2.77 -6.48
CA HIS A 66 -9.27 4.05 -7.21
C HIS A 66 -8.13 3.85 -8.20
N GLY A 67 -6.93 3.65 -7.74
CA GLY A 67 -5.79 3.45 -8.65
C GLY A 67 -4.47 3.48 -7.87
N ALA A 68 -4.45 2.90 -6.69
CA ALA A 68 -3.20 2.90 -5.89
C ALA A 68 -2.08 2.17 -6.65
N GLU A 69 -1.01 1.83 -5.97
CA GLU A 69 0.11 1.13 -6.63
C GLU A 69 0.37 -0.21 -5.94
N PRO A 70 -0.50 -1.16 -6.19
CA PRO A 70 -0.36 -2.50 -5.58
C PRO A 70 0.72 -3.32 -6.31
N ASN A 71 1.02 -2.96 -7.53
CA ASN A 71 2.06 -3.71 -8.29
C ASN A 71 3.42 -3.03 -8.17
N CYS A 72 3.47 -1.74 -8.37
CA CYS A 72 4.77 -1.01 -8.26
C CYS A 72 5.37 -1.21 -6.86
N ALA A 73 6.58 -0.76 -6.65
CA ALA A 73 7.22 -0.93 -5.32
C ALA A 73 8.50 -0.10 -5.22
N ASP A 74 9.21 -0.21 -4.13
CA ASP A 74 10.47 0.57 -3.97
C ASP A 74 11.60 -0.10 -4.76
N PRO A 75 12.19 0.66 -5.65
CA PRO A 75 13.29 0.12 -6.49
C PRO A 75 14.59 0.01 -5.68
N ALA A 76 14.65 0.63 -4.52
CA ALA A 76 15.89 0.56 -3.69
C ALA A 76 15.99 -0.80 -2.99
N THR A 77 14.91 -1.51 -2.84
CA THR A 77 14.97 -2.83 -2.15
C THR A 77 13.81 -3.73 -2.60
N LEU A 78 13.31 -3.53 -3.78
CA LEU A 78 12.19 -4.39 -4.28
C LEU A 78 11.13 -4.62 -3.20
N THR A 79 10.75 -3.60 -2.48
CA THR A 79 9.73 -3.78 -1.41
C THR A 79 8.32 -3.51 -1.95
N ARG A 80 7.56 -4.54 -2.20
CA ARG A 80 6.17 -4.36 -2.72
C ARG A 80 5.20 -4.13 -1.56
N PRO A 81 3.94 -3.95 -1.88
CA PRO A 81 2.92 -3.72 -0.84
C PRO A 81 2.50 -5.04 -0.18
N VAL A 82 2.79 -6.15 -0.83
CA VAL A 82 2.41 -7.47 -0.24
C VAL A 82 3.25 -7.74 1.02
N HIS A 83 4.49 -7.34 1.02
CA HIS A 83 5.36 -7.57 2.21
C HIS A 83 4.88 -6.72 3.39
N ASP A 84 4.49 -5.50 3.13
CA ASP A 84 4.01 -4.62 4.25
C ASP A 84 2.85 -5.29 4.99
N ALA A 85 1.81 -5.64 4.27
CA ALA A 85 0.65 -6.29 4.94
C ALA A 85 1.08 -7.63 5.54
N ALA A 86 2.19 -8.17 5.10
CA ALA A 86 2.66 -9.47 5.65
C ALA A 86 3.41 -9.26 6.97
N ARG A 87 4.27 -8.29 7.04
CA ARG A 87 5.01 -8.04 8.31
C ARG A 87 4.04 -7.64 9.42
N GLU A 88 2.88 -7.17 9.07
CA GLU A 88 1.89 -6.75 10.10
C GLU A 88 0.89 -7.89 10.36
N GLY A 89 0.35 -8.46 9.31
CA GLY A 89 -0.62 -9.57 9.49
C GLY A 89 -2.01 -9.11 9.04
N PHE A 90 -2.11 -8.02 8.34
CA PHE A 90 -3.45 -7.54 7.89
C PHE A 90 -3.89 -8.35 6.65
N LEU A 91 -4.41 -9.53 6.87
CA LEU A 91 -4.85 -10.38 5.73
C LEU A 91 -5.95 -9.66 4.94
N ASP A 92 -6.65 -8.76 5.55
CA ASP A 92 -7.74 -8.03 4.82
C ASP A 92 -7.15 -7.25 3.64
N THR A 93 -6.14 -6.44 3.89
CA THR A 93 -5.53 -5.66 2.77
C THR A 93 -5.01 -6.61 1.69
N LEU A 94 -4.51 -7.76 2.07
CA LEU A 94 -4.00 -8.73 1.06
C LEU A 94 -5.10 -9.06 0.07
N VAL A 95 -6.28 -9.36 0.54
CA VAL A 95 -7.40 -9.68 -0.38
C VAL A 95 -7.62 -8.51 -1.34
N VAL A 96 -7.66 -7.31 -0.82
CA VAL A 96 -7.87 -6.11 -1.69
C VAL A 96 -6.88 -6.13 -2.86
N LEU A 97 -5.60 -6.21 -2.57
CA LEU A 97 -4.59 -6.24 -3.67
C LEU A 97 -4.96 -7.30 -4.71
N HIS A 98 -4.99 -8.54 -4.33
CA HIS A 98 -5.36 -9.63 -5.29
C HIS A 98 -6.79 -9.40 -5.81
N ARG A 99 -7.58 -8.67 -5.08
CA ARG A 99 -8.99 -8.41 -5.52
C ARG A 99 -9.01 -7.35 -6.62
N ALA A 100 -7.90 -6.70 -6.87
CA ALA A 100 -7.86 -5.66 -7.92
C ALA A 100 -6.61 -5.82 -8.79
N GLY A 101 -6.18 -7.04 -9.01
CA GLY A 101 -4.97 -7.27 -9.85
C GLY A 101 -3.73 -6.80 -9.09
N ALA A 102 -3.11 -7.67 -8.33
CA ALA A 102 -1.90 -7.28 -7.56
C ALA A 102 -0.71 -8.16 -7.98
N ARG A 103 0.49 -7.65 -7.81
CA ARG A 103 1.69 -8.45 -8.18
C ARG A 103 2.16 -9.30 -7.00
N LEU A 104 1.46 -10.36 -6.71
CA LEU A 104 1.86 -11.23 -5.56
C LEU A 104 2.94 -12.22 -6.01
N ASP A 105 4.12 -11.73 -6.30
CA ASP A 105 5.22 -12.63 -6.73
C ASP A 105 6.54 -11.86 -6.77
N VAL A 106 6.80 -11.09 -5.76
CA VAL A 106 8.07 -10.30 -5.73
C VAL A 106 8.85 -10.61 -4.44
N CYS A 107 10.06 -10.13 -4.34
CA CYS A 107 10.87 -10.38 -3.12
C CYS A 107 11.28 -9.05 -2.49
N ASP A 108 11.18 -8.93 -1.20
CA ASP A 108 11.58 -7.65 -0.55
C ASP A 108 13.09 -7.48 -0.64
N ALA A 109 13.57 -7.16 -1.81
CA ALA A 109 15.03 -6.97 -2.03
C ALA A 109 15.75 -8.31 -1.88
N TRP A 110 15.80 -8.82 -0.67
CA TRP A 110 16.49 -10.13 -0.42
C TRP A 110 15.69 -10.93 0.60
N GLY A 111 14.38 -10.82 0.57
CA GLY A 111 13.54 -11.57 1.54
C GLY A 111 12.82 -12.74 0.86
N ARG A 112 13.36 -13.22 -0.23
CA ARG A 112 12.72 -14.37 -0.95
C ARG A 112 11.30 -14.00 -1.39
N LEU A 113 10.37 -13.94 -0.46
CA LEU A 113 8.97 -13.59 -0.84
C LEU A 113 8.25 -13.00 0.38
N PRO A 114 7.09 -12.43 0.14
CA PRO A 114 6.30 -11.82 1.24
C PRO A 114 5.72 -12.91 2.14
N VAL A 115 5.43 -14.06 1.60
CA VAL A 115 4.86 -15.16 2.44
C VAL A 115 5.89 -15.59 3.49
N ASP A 116 7.14 -15.64 3.11
CA ASP A 116 8.20 -16.05 4.09
C ASP A 116 8.31 -15.02 5.21
N LEU A 117 8.45 -13.77 4.86
CA LEU A 117 8.57 -12.70 5.90
C LEU A 117 7.38 -12.75 6.85
N ALA A 118 6.25 -13.21 6.37
CA ALA A 118 5.05 -13.28 7.26
C ALA A 118 5.25 -14.34 8.34
N GLU A 119 5.15 -15.60 7.98
CA GLU A 119 5.34 -16.68 8.99
C GLU A 119 6.66 -16.51 9.74
N GLU A 120 7.63 -15.88 9.12
CA GLU A 120 8.94 -15.69 9.80
C GLU A 120 8.76 -14.90 11.11
N GLN A 121 8.09 -13.78 11.06
CA GLN A 121 7.89 -12.97 12.31
C GLN A 121 6.78 -13.60 13.17
N GLY A 122 5.54 -13.41 12.81
CA GLY A 122 4.43 -14.00 13.61
C GLY A 122 3.12 -13.91 12.83
N HIS A 123 3.18 -14.06 11.53
CA HIS A 123 1.94 -13.98 10.71
C HIS A 123 1.78 -15.27 9.90
N ARG A 124 1.29 -16.32 10.52
CA ARG A 124 1.10 -17.60 9.79
C ARG A 124 -0.20 -17.56 8.99
N ASP A 125 -1.24 -17.01 9.55
CA ASP A 125 -2.54 -16.95 8.83
C ASP A 125 -2.38 -16.24 7.49
N ILE A 126 -1.65 -15.15 7.47
CA ILE A 126 -1.44 -14.41 6.20
C ILE A 126 -0.42 -15.15 5.33
N ALA A 127 0.61 -15.69 5.94
CA ALA A 127 1.65 -16.42 5.16
C ALA A 127 1.00 -17.58 4.39
N ARG A 128 0.14 -18.32 5.03
CA ARG A 128 -0.53 -19.46 4.32
C ARG A 128 -1.37 -18.93 3.15
N TYR A 129 -2.12 -17.89 3.36
CA TYR A 129 -2.94 -17.32 2.26
C TYR A 129 -2.04 -16.78 1.15
N LEU A 130 -0.93 -16.19 1.51
CA LEU A 130 0.00 -15.66 0.47
C LEU A 130 0.49 -16.78 -0.44
N HIS A 131 1.13 -17.77 0.12
CA HIS A 131 1.63 -18.90 -0.72
C HIS A 131 0.51 -19.49 -1.58
N ALA A 132 -0.71 -19.32 -1.16
CA ALA A 132 -1.87 -19.86 -1.94
C ALA A 132 -2.35 -18.82 -2.96
N ALA A 133 -1.89 -17.60 -2.87
CA ALA A 133 -2.33 -16.56 -3.83
C ALA A 133 -1.11 -15.83 -4.44
N THR A 134 0.07 -16.36 -4.25
CA THR A 134 1.29 -15.71 -4.83
C THR A 134 1.99 -16.65 -5.81
N GLY A 135 1.78 -17.93 -5.67
CA GLY A 135 2.43 -18.89 -6.60
C GLY A 135 3.88 -19.13 -6.17
N ASP A 136 4.20 -20.32 -5.76
CA ASP A 136 5.60 -20.62 -5.32
C ASP A 136 6.60 -20.18 -6.39
N GLY A 1 -21.17 22.09 -15.18
CA GLY A 1 -19.87 21.39 -15.34
C GLY A 1 -19.21 21.22 -13.97
N SER A 2 -19.39 20.08 -13.35
CA SER A 2 -18.78 19.83 -12.01
C SER A 2 -19.33 20.83 -10.99
N PRO A 3 -19.34 20.42 -9.74
CA PRO A 3 -19.84 21.30 -8.65
C PRO A 3 -18.86 22.43 -8.37
N GLY A 4 -19.31 23.48 -7.74
CA GLY A 4 -18.40 24.61 -7.42
C GLY A 4 -17.56 24.25 -6.20
N ILE A 5 -16.32 23.88 -6.41
CA ILE A 5 -15.45 23.51 -5.26
C ILE A 5 -14.90 24.77 -4.57
N HIS A 6 -14.90 25.87 -5.25
CA HIS A 6 -14.38 27.14 -4.65
C HIS A 6 -12.94 26.94 -4.15
N MET A 7 -11.97 27.34 -4.93
CA MET A 7 -10.54 27.19 -4.52
C MET A 7 -10.20 25.73 -4.23
N LEU A 8 -9.27 25.18 -4.95
CA LEU A 8 -8.88 23.75 -4.71
C LEU A 8 -8.02 23.65 -3.44
N GLY A 9 -7.85 22.47 -2.93
CA GLY A 9 -7.03 22.30 -1.70
C GLY A 9 -5.60 22.79 -1.97
N GLY A 10 -5.17 22.72 -3.20
CA GLY A 10 -3.79 23.18 -3.54
C GLY A 10 -3.02 22.03 -4.19
N SER A 11 -1.76 21.91 -3.89
CA SER A 11 -0.95 20.82 -4.50
C SER A 11 -0.66 19.73 -3.46
N SER A 12 -1.63 19.40 -2.65
CA SER A 12 -1.41 18.34 -1.61
C SER A 12 -1.08 17.01 -2.29
N ASP A 13 -2.08 16.26 -2.69
CA ASP A 13 -1.83 14.94 -3.35
C ASP A 13 -0.93 14.04 -2.48
N ALA A 14 -0.77 14.37 -1.22
CA ALA A 14 0.08 13.54 -0.33
C ALA A 14 -0.70 13.10 0.91
N GLY A 15 -1.74 13.80 1.25
CA GLY A 15 -2.55 13.42 2.45
C GLY A 15 -2.99 11.96 2.33
N LEU A 16 -3.18 11.48 1.12
CA LEU A 16 -3.63 10.07 0.93
C LEU A 16 -2.65 9.10 1.61
N ALA A 17 -1.39 9.21 1.30
CA ALA A 17 -0.39 8.28 1.91
C ALA A 17 -0.28 8.54 3.42
N THR A 18 -0.07 9.78 3.81
CA THR A 18 0.04 10.09 5.27
C THR A 18 -1.24 9.68 6.00
N ALA A 19 -2.38 10.03 5.48
CA ALA A 19 -3.66 9.65 6.16
C ALA A 19 -3.75 8.13 6.29
N ALA A 20 -3.29 7.42 5.30
CA ALA A 20 -3.34 5.93 5.37
C ALA A 20 -2.29 5.41 6.36
N ALA A 21 -1.18 6.10 6.48
CA ALA A 21 -0.12 5.65 7.43
C ALA A 21 -0.57 5.91 8.87
N ARG A 22 -1.38 6.90 9.08
CA ARG A 22 -1.86 7.20 10.46
C ARG A 22 -3.15 6.44 10.76
N GLY A 23 -3.52 5.50 9.92
CA GLY A 23 -4.77 4.73 10.16
C GLY A 23 -5.97 5.68 10.17
N GLN A 24 -6.17 6.39 9.09
CA GLN A 24 -7.32 7.34 9.03
C GLN A 24 -8.18 7.06 7.79
N VAL A 25 -9.05 6.09 7.86
CA VAL A 25 -9.92 5.78 6.69
C VAL A 25 -10.78 6.99 6.32
N GLU A 26 -11.45 7.57 7.28
CA GLU A 26 -12.31 8.76 6.99
C GLU A 26 -11.52 9.83 6.24
N THR A 27 -10.38 10.20 6.75
CA THR A 27 -9.55 11.24 6.06
C THR A 27 -9.14 10.76 4.67
N VAL A 28 -8.74 9.52 4.56
CA VAL A 28 -8.33 8.99 3.22
C VAL A 28 -9.53 8.90 2.29
N ARG A 29 -10.68 8.53 2.80
CA ARG A 29 -11.89 8.43 1.93
C ARG A 29 -12.35 9.82 1.50
N GLN A 30 -12.13 10.81 2.32
CA GLN A 30 -12.56 12.19 1.97
C GLN A 30 -11.55 12.85 1.02
N LEU A 31 -10.29 12.83 1.37
CA LEU A 31 -9.25 13.46 0.49
C LEU A 31 -9.25 12.78 -0.89
N LEU A 32 -8.97 11.51 -0.94
CA LEU A 32 -8.93 10.80 -2.26
C LEU A 32 -10.24 11.03 -3.03
N GLU A 33 -11.36 10.94 -2.36
CA GLU A 33 -12.66 11.16 -3.06
C GLU A 33 -12.91 12.65 -3.26
N ALA A 34 -12.00 13.50 -2.84
CA ALA A 34 -12.20 14.96 -3.02
C ALA A 34 -11.31 15.50 -4.14
N GLY A 35 -10.17 14.87 -4.38
CA GLY A 35 -9.28 15.35 -5.46
C GLY A 35 -7.93 14.61 -5.39
N ALA A 36 -7.53 14.17 -4.22
CA ALA A 36 -6.22 13.46 -4.10
C ALA A 36 -6.07 12.37 -5.16
N ASP A 37 -4.93 12.30 -5.79
CA ASP A 37 -4.71 11.28 -6.84
C ASP A 37 -4.20 9.97 -6.22
N PRO A 38 -4.67 8.86 -6.74
CA PRO A 38 -4.25 7.54 -6.20
C PRO A 38 -2.81 7.22 -6.65
N ASN A 39 -2.40 7.75 -7.78
CA ASN A 39 -1.01 7.47 -8.26
C ASN A 39 -0.05 8.56 -7.77
N ALA A 40 -0.43 9.30 -6.77
CA ALA A 40 0.47 10.37 -6.25
C ALA A 40 1.49 9.78 -5.27
N LEU A 41 2.71 10.27 -5.30
CA LEU A 41 3.75 9.74 -4.37
C LEU A 41 3.91 10.66 -3.17
N ASN A 42 4.34 10.14 -2.05
CA ASN A 42 4.52 10.98 -0.84
C ASN A 42 6.01 11.32 -0.65
N ARG A 43 6.74 11.43 -1.71
CA ARG A 43 8.20 11.76 -1.60
C ARG A 43 8.91 10.78 -0.68
N PHE A 44 8.37 9.59 -0.53
CA PHE A 44 9.01 8.58 0.36
C PHE A 44 9.34 7.30 -0.42
N GLY A 45 9.09 7.29 -1.71
CA GLY A 45 9.40 6.08 -2.52
C GLY A 45 8.73 4.85 -1.89
N ARG A 46 7.64 5.05 -1.19
CA ARG A 46 6.93 3.91 -0.55
C ARG A 46 5.50 3.79 -1.08
N ARG A 47 5.21 4.42 -2.20
CA ARG A 47 3.83 4.34 -2.77
C ARG A 47 2.79 4.77 -1.72
N PRO A 48 1.55 4.84 -2.13
CA PRO A 48 0.47 5.24 -1.20
C PRO A 48 -0.05 4.05 -0.39
N ILE A 49 0.50 2.87 -0.60
CA ILE A 49 0.01 1.69 0.17
C ILE A 49 1.12 1.16 1.09
N GLN A 50 2.34 1.11 0.63
CA GLN A 50 3.45 0.60 1.49
C GLN A 50 3.53 1.43 2.78
N VAL A 51 3.39 2.72 2.66
CA VAL A 51 3.45 3.60 3.88
C VAL A 51 2.15 3.48 4.68
N MET A 52 1.14 2.88 4.11
CA MET A 52 -0.17 2.72 4.82
C MET A 52 0.06 2.12 6.22
N MET A 53 -0.78 2.45 7.15
CA MET A 53 -0.62 1.88 8.53
C MET A 53 -0.78 0.36 8.50
N MET A 54 -1.32 -0.17 7.43
CA MET A 54 -1.51 -1.66 7.33
C MET A 54 -2.32 -2.17 8.52
N GLY A 55 -3.13 -1.32 9.09
CA GLY A 55 -3.97 -1.74 10.26
C GLY A 55 -5.43 -1.39 9.99
N SER A 56 -5.78 -1.17 8.75
CA SER A 56 -7.18 -0.82 8.41
C SER A 56 -7.48 -1.14 6.94
N ALA A 57 -8.15 -2.24 6.69
CA ALA A 57 -8.47 -2.61 5.28
C ALA A 57 -9.27 -1.50 4.60
N GLN A 58 -9.99 -0.73 5.38
CA GLN A 58 -10.80 0.39 4.80
C GLN A 58 -9.91 1.31 3.96
N VAL A 59 -8.68 1.49 4.35
CA VAL A 59 -7.76 2.38 3.57
C VAL A 59 -7.28 1.66 2.31
N ALA A 60 -6.56 0.57 2.46
CA ALA A 60 -6.05 -0.17 1.25
C ALA A 60 -7.18 -0.38 0.22
N GLU A 61 -8.41 -0.43 0.67
CA GLU A 61 -9.54 -0.62 -0.29
C GLU A 61 -9.74 0.64 -1.14
N LEU A 62 -9.95 1.76 -0.51
CA LEU A 62 -10.17 3.03 -1.28
C LEU A 62 -9.04 3.24 -2.29
N LEU A 63 -7.81 3.27 -1.83
CA LEU A 63 -6.67 3.48 -2.76
C LEU A 63 -6.73 2.50 -3.95
N LEU A 64 -6.82 1.24 -3.67
CA LEU A 64 -6.88 0.23 -4.76
C LEU A 64 -8.13 0.45 -5.63
N LEU A 65 -9.17 1.00 -5.05
CA LEU A 65 -10.42 1.24 -5.83
C LEU A 65 -10.19 2.37 -6.84
N HIS A 66 -9.45 3.38 -6.46
CA HIS A 66 -9.19 4.51 -7.40
C HIS A 66 -8.01 4.17 -8.33
N GLY A 67 -7.20 3.23 -7.94
CA GLY A 67 -6.04 2.85 -8.79
C GLY A 67 -4.75 3.39 -8.18
N ALA A 68 -4.50 3.08 -6.93
CA ALA A 68 -3.25 3.57 -6.28
C ALA A 68 -2.03 2.93 -6.96
N GLU A 69 -0.98 2.69 -6.22
CA GLU A 69 0.23 2.07 -6.83
C GLU A 69 0.63 0.80 -6.07
N PRO A 70 -0.17 -0.22 -6.21
CA PRO A 70 0.10 -1.50 -5.53
C PRO A 70 1.11 -2.33 -6.33
N ASN A 71 1.13 -2.14 -7.63
CA ASN A 71 2.09 -2.91 -8.48
C ASN A 71 3.48 -2.28 -8.40
N CYS A 72 3.55 -0.97 -8.30
CA CYS A 72 4.88 -0.31 -8.23
C CYS A 72 5.65 -0.78 -6.99
N ALA A 73 6.88 -1.19 -7.15
CA ALA A 73 7.68 -1.66 -5.99
C ALA A 73 8.91 -0.77 -5.80
N ASP A 74 9.51 -0.83 -4.64
CA ASP A 74 10.71 0.01 -4.39
C ASP A 74 11.89 -0.50 -5.23
N PRO A 75 12.46 0.39 -6.01
CA PRO A 75 13.60 0.00 -6.88
C PRO A 75 14.87 -0.17 -6.04
N ALA A 76 14.93 0.46 -4.90
CA ALA A 76 16.15 0.34 -4.04
C ALA A 76 16.34 -1.11 -3.58
N THR A 77 15.27 -1.83 -3.37
CA THR A 77 15.40 -3.25 -2.92
C THR A 77 14.27 -4.10 -3.50
N LEU A 78 13.70 -3.69 -4.61
CA LEU A 78 12.59 -4.47 -5.23
C LEU A 78 11.57 -4.92 -4.17
N THR A 79 11.11 -4.01 -3.36
CA THR A 79 10.13 -4.39 -2.31
C THR A 79 8.70 -4.03 -2.76
N ARG A 80 7.78 -4.94 -2.63
CA ARG A 80 6.38 -4.66 -3.04
C ARG A 80 5.51 -4.36 -1.81
N PRO A 81 4.34 -3.81 -2.05
CA PRO A 81 3.42 -3.47 -0.94
C PRO A 81 2.88 -4.74 -0.27
N VAL A 82 3.08 -5.88 -0.89
CA VAL A 82 2.58 -7.15 -0.28
C VAL A 82 3.33 -7.45 1.02
N HIS A 83 4.56 -7.00 1.11
CA HIS A 83 5.35 -7.25 2.35
C HIS A 83 4.75 -6.47 3.53
N ASP A 84 4.56 -5.18 3.37
CA ASP A 84 4.00 -4.37 4.48
C ASP A 84 2.69 -4.99 5.01
N ALA A 85 1.73 -5.18 4.16
CA ALA A 85 0.43 -5.77 4.62
C ALA A 85 0.66 -7.20 5.13
N ALA A 86 1.78 -7.80 4.83
CA ALA A 86 2.03 -9.20 5.29
C ALA A 86 2.76 -9.18 6.64
N ARG A 87 3.66 -8.25 6.83
CA ARG A 87 4.42 -8.18 8.12
C ARG A 87 3.50 -7.72 9.25
N GLU A 88 2.40 -7.11 8.94
CA GLU A 88 1.47 -6.63 10.02
C GLU A 88 0.34 -7.63 10.25
N GLY A 89 0.44 -8.82 9.69
CA GLY A 89 -0.64 -9.83 9.88
C GLY A 89 -1.98 -9.24 9.41
N PHE A 90 -1.98 -8.56 8.31
CA PHE A 90 -3.25 -7.96 7.80
C PHE A 90 -3.70 -8.67 6.52
N LEU A 91 -4.61 -9.59 6.64
CA LEU A 91 -5.09 -10.33 5.44
C LEU A 91 -6.18 -9.53 4.73
N ASP A 92 -7.00 -8.82 5.46
CA ASP A 92 -8.10 -8.03 4.83
C ASP A 92 -7.54 -7.16 3.70
N THR A 93 -6.43 -6.50 3.92
CA THR A 93 -5.83 -5.64 2.86
C THR A 93 -5.15 -6.53 1.81
N LEU A 94 -4.62 -7.65 2.24
CA LEU A 94 -3.95 -8.57 1.27
C LEU A 94 -4.95 -9.02 0.22
N VAL A 95 -6.17 -9.25 0.62
CA VAL A 95 -7.21 -9.68 -0.36
C VAL A 95 -7.52 -8.54 -1.31
N VAL A 96 -7.66 -7.34 -0.79
CA VAL A 96 -7.95 -6.17 -1.66
C VAL A 96 -6.87 -6.03 -2.74
N LEU A 97 -5.63 -6.21 -2.38
CA LEU A 97 -4.53 -6.08 -3.37
C LEU A 97 -4.73 -7.11 -4.50
N HIS A 98 -4.91 -8.35 -4.17
CA HIS A 98 -5.13 -9.39 -5.22
C HIS A 98 -6.52 -9.22 -5.83
N ARG A 99 -7.45 -8.73 -5.06
CA ARG A 99 -8.83 -8.53 -5.59
C ARG A 99 -8.83 -7.43 -6.65
N ALA A 100 -8.39 -6.24 -6.28
CA ALA A 100 -8.37 -5.12 -7.26
C ALA A 100 -7.29 -5.36 -8.31
N GLY A 101 -6.05 -5.44 -7.90
CA GLY A 101 -4.94 -5.67 -8.88
C GLY A 101 -3.60 -5.49 -8.17
N ALA A 102 -2.91 -6.57 -7.91
CA ALA A 102 -1.58 -6.46 -7.22
C ALA A 102 -0.84 -7.80 -7.29
N ARG A 103 0.42 -7.77 -7.63
CA ARG A 103 1.19 -9.05 -7.72
C ARG A 103 1.33 -9.67 -6.32
N LEU A 104 1.69 -10.92 -6.27
CA LEU A 104 1.86 -11.61 -4.95
C LEU A 104 2.95 -12.67 -5.05
N ASP A 105 4.09 -12.32 -5.60
CA ASP A 105 5.19 -13.32 -5.73
C ASP A 105 6.53 -12.59 -5.91
N VAL A 106 6.81 -11.64 -5.05
CA VAL A 106 8.10 -10.89 -5.17
C VAL A 106 8.89 -11.01 -3.86
N CYS A 107 10.13 -10.59 -3.88
CA CYS A 107 10.96 -10.67 -2.64
C CYS A 107 11.68 -9.34 -2.43
N ASP A 108 12.24 -9.12 -1.27
CA ASP A 108 12.96 -7.84 -1.04
C ASP A 108 14.26 -7.81 -1.86
N ALA A 109 14.14 -7.66 -3.16
CA ALA A 109 15.35 -7.62 -4.03
C ALA A 109 16.12 -8.94 -3.92
N TRP A 110 16.89 -9.10 -2.88
CA TRP A 110 17.66 -10.36 -2.70
C TRP A 110 17.51 -10.84 -1.25
N GLY A 111 16.42 -10.50 -0.62
CA GLY A 111 16.21 -10.93 0.80
C GLY A 111 15.08 -11.94 0.91
N ARG A 112 14.26 -11.83 1.92
CA ARG A 112 13.14 -12.79 2.10
C ARG A 112 11.93 -12.39 1.25
N LEU A 113 10.81 -13.02 1.48
CA LEU A 113 9.58 -12.70 0.69
C LEU A 113 8.48 -12.20 1.63
N PRO A 114 7.36 -11.81 1.07
CA PRO A 114 6.24 -11.31 1.89
C PRO A 114 5.59 -12.46 2.66
N VAL A 115 5.68 -13.66 2.15
CA VAL A 115 5.08 -14.83 2.85
C VAL A 115 5.98 -15.28 4.00
N ASP A 116 7.26 -15.22 3.82
CA ASP A 116 8.19 -15.65 4.90
C ASP A 116 8.09 -14.69 6.09
N LEU A 117 8.04 -13.41 5.83
CA LEU A 117 7.94 -12.42 6.94
C LEU A 117 6.66 -12.67 7.77
N ALA A 118 5.60 -13.08 7.13
CA ALA A 118 4.34 -13.34 7.87
C ALA A 118 4.57 -14.47 8.88
N GLU A 119 4.95 -15.63 8.42
CA GLU A 119 5.18 -16.77 9.35
C GLU A 119 6.14 -16.37 10.47
N GLU A 120 6.99 -15.41 10.22
CA GLU A 120 7.95 -14.96 11.27
C GLU A 120 7.19 -14.35 12.45
N GLN A 121 6.20 -13.54 12.17
CA GLN A 121 5.42 -12.91 13.28
C GLN A 121 4.37 -13.89 13.82
N GLY A 122 3.85 -14.74 12.98
CA GLY A 122 2.82 -15.72 13.43
C GLY A 122 1.50 -15.49 12.70
N HIS A 123 1.56 -14.98 11.50
CA HIS A 123 0.30 -14.73 10.73
C HIS A 123 -0.05 -15.96 9.89
N ARG A 124 -0.51 -17.01 10.54
CA ARG A 124 -0.88 -18.25 9.79
C ARG A 124 -1.96 -17.95 8.75
N ASP A 125 -2.77 -16.95 9.00
CA ASP A 125 -3.85 -16.62 8.03
C ASP A 125 -3.26 -15.90 6.81
N ILE A 126 -2.33 -15.00 7.03
CA ILE A 126 -1.72 -14.27 5.87
C ILE A 126 -0.67 -15.16 5.20
N ALA A 127 0.02 -15.97 5.95
CA ALA A 127 1.05 -16.87 5.34
C ALA A 127 0.37 -17.87 4.41
N ARG A 128 -0.86 -18.22 4.69
CA ARG A 128 -1.59 -19.19 3.83
C ARG A 128 -1.97 -18.53 2.50
N TYR A 129 -2.64 -17.41 2.57
CA TYR A 129 -3.05 -16.70 1.32
C TYR A 129 -1.80 -16.28 0.52
N LEU A 130 -0.71 -16.03 1.20
CA LEU A 130 0.52 -15.61 0.48
C LEU A 130 1.12 -16.80 -0.28
N HIS A 131 1.69 -17.75 0.42
CA HIS A 131 2.30 -18.93 -0.27
C HIS A 131 1.27 -19.56 -1.22
N ALA A 132 0.01 -19.45 -0.92
CA ALA A 132 -1.03 -20.04 -1.81
C ALA A 132 -1.00 -19.35 -3.17
N ALA A 133 -0.73 -18.06 -3.18
CA ALA A 133 -0.68 -17.33 -4.48
C ALA A 133 0.71 -16.70 -4.67
N THR A 134 1.70 -17.26 -4.03
CA THR A 134 3.09 -16.70 -4.17
C THR A 134 4.09 -17.82 -4.46
N GLY A 135 3.98 -18.92 -3.77
CA GLY A 135 4.93 -20.05 -4.00
C GLY A 135 4.20 -21.19 -4.71
N ASP A 136 2.97 -21.00 -5.09
CA ASP A 136 2.20 -22.08 -5.78
C ASP A 136 2.99 -22.62 -6.98
N GLY A 1 -4.93 27.89 -6.68
CA GLY A 1 -4.29 26.75 -5.99
C GLY A 1 -4.19 27.05 -4.49
N SER A 2 -5.30 27.37 -3.86
CA SER A 2 -5.27 27.68 -2.40
C SER A 2 -4.21 28.75 -2.09
N PRO A 3 -4.48 29.95 -2.51
CA PRO A 3 -3.52 31.07 -2.26
C PRO A 3 -3.51 31.46 -0.78
N GLY A 4 -2.61 32.31 -0.39
CA GLY A 4 -2.54 32.73 1.04
C GLY A 4 -1.72 31.72 1.85
N ILE A 5 -1.24 30.68 1.22
CA ILE A 5 -0.45 29.66 1.98
C ILE A 5 0.87 30.27 2.47
N HIS A 6 1.49 29.66 3.44
CA HIS A 6 2.78 30.20 3.98
C HIS A 6 3.97 29.40 3.47
N MET A 7 3.74 28.19 3.02
CA MET A 7 4.87 27.34 2.54
C MET A 7 5.03 27.49 1.01
N LEU A 8 5.50 26.45 0.35
CA LEU A 8 5.70 26.55 -1.13
C LEU A 8 4.36 26.39 -1.85
N GLY A 9 4.40 25.96 -3.10
CA GLY A 9 3.13 25.80 -3.87
C GLY A 9 2.50 24.45 -3.55
N GLY A 10 2.69 23.46 -4.40
CA GLY A 10 2.11 22.12 -4.16
C GLY A 10 2.49 21.64 -2.76
N SER A 11 1.79 20.67 -2.23
CA SER A 11 2.13 20.18 -0.86
C SER A 11 1.44 18.85 -0.56
N SER A 12 0.14 18.85 -0.43
CA SER A 12 -0.59 17.59 -0.11
C SER A 12 -0.39 16.53 -1.21
N ASP A 13 -1.13 16.63 -2.30
CA ASP A 13 -0.98 15.61 -3.39
C ASP A 13 -1.17 14.20 -2.83
N ALA A 14 -0.14 13.64 -2.24
CA ALA A 14 -0.26 12.28 -1.66
C ALA A 14 -0.78 12.34 -0.21
N GLY A 15 -1.56 13.35 0.10
CA GLY A 15 -2.10 13.47 1.50
C GLY A 15 -2.82 12.17 1.85
N LEU A 16 -3.44 11.54 0.89
CA LEU A 16 -4.15 10.26 1.14
C LEU A 16 -3.19 9.26 1.81
N ALA A 17 -1.92 9.38 1.54
CA ALA A 17 -0.93 8.45 2.16
C ALA A 17 -0.60 8.89 3.59
N THR A 18 -0.38 10.16 3.78
CA THR A 18 -0.05 10.65 5.17
C THR A 18 -1.18 10.30 6.13
N ALA A 19 -2.38 10.75 5.86
CA ALA A 19 -3.53 10.43 6.75
C ALA A 19 -3.68 8.91 6.89
N ALA A 20 -3.39 8.19 5.82
CA ALA A 20 -3.50 6.71 5.88
C ALA A 20 -2.49 6.15 6.89
N ALA A 21 -1.29 6.67 6.88
CA ALA A 21 -0.26 6.18 7.85
C ALA A 21 -0.75 6.34 9.29
N ARG A 22 -1.56 7.34 9.53
CA ARG A 22 -2.08 7.56 10.91
C ARG A 22 -3.32 6.70 11.16
N GLY A 23 -3.67 5.86 10.23
CA GLY A 23 -4.89 5.00 10.41
C GLY A 23 -6.13 5.89 10.39
N GLN A 24 -6.19 6.83 9.49
CA GLN A 24 -7.37 7.73 9.40
C GLN A 24 -8.16 7.47 8.11
N VAL A 25 -8.87 6.38 8.05
CA VAL A 25 -9.67 6.08 6.82
C VAL A 25 -10.63 7.23 6.53
N GLU A 26 -11.21 7.80 7.55
CA GLU A 26 -12.16 8.93 7.34
C GLU A 26 -11.46 10.07 6.59
N THR A 27 -10.29 10.46 7.02
CA THR A 27 -9.57 11.56 6.34
C THR A 27 -9.13 11.11 4.94
N VAL A 28 -8.70 9.88 4.81
CA VAL A 28 -8.27 9.37 3.48
C VAL A 28 -9.49 9.23 2.55
N ARG A 29 -10.63 8.95 3.12
CA ARG A 29 -11.86 8.79 2.29
C ARG A 29 -12.26 10.15 1.69
N GLN A 30 -12.01 11.21 2.39
CA GLN A 30 -12.38 12.56 1.87
C GLN A 30 -11.35 13.04 0.84
N LEU A 31 -10.10 13.04 1.20
CA LEU A 31 -9.05 13.50 0.24
C LEU A 31 -9.18 12.78 -1.10
N LEU A 32 -9.19 11.47 -1.09
CA LEU A 32 -9.31 10.71 -2.38
C LEU A 32 -10.57 11.14 -3.13
N GLU A 33 -11.72 10.95 -2.54
CA GLU A 33 -12.99 11.35 -3.22
C GLU A 33 -13.00 12.85 -3.51
N ALA A 34 -12.24 13.61 -2.76
CA ALA A 34 -12.20 15.09 -2.99
C ALA A 34 -11.43 15.41 -4.28
N GLY A 35 -10.17 15.06 -4.34
CA GLY A 35 -9.38 15.35 -5.55
C GLY A 35 -7.93 14.93 -5.33
N ALA A 36 -7.70 13.72 -4.87
CA ALA A 36 -6.31 13.25 -4.63
C ALA A 36 -5.86 12.34 -5.78
N ASP A 37 -4.66 12.52 -6.28
CA ASP A 37 -4.17 11.66 -7.38
C ASP A 37 -4.03 10.22 -6.89
N PRO A 38 -4.41 9.28 -7.74
CA PRO A 38 -4.32 7.85 -7.36
C PRO A 38 -2.87 7.36 -7.40
N ASN A 39 -1.94 8.19 -7.81
CA ASN A 39 -0.52 7.74 -7.87
C ASN A 39 0.41 8.76 -7.19
N ALA A 40 -0.12 9.63 -6.37
CA ALA A 40 0.75 10.62 -5.67
C ALA A 40 1.70 9.88 -4.71
N LEU A 41 2.88 9.56 -5.16
CA LEU A 41 3.86 8.83 -4.28
C LEU A 41 4.03 9.56 -2.95
N ASN A 42 4.74 8.96 -2.03
CA ASN A 42 4.95 9.60 -0.69
C ASN A 42 6.36 10.19 -0.62
N ARG A 43 6.83 10.48 0.57
CA ARG A 43 8.21 11.05 0.71
C ARG A 43 9.21 9.95 1.02
N PHE A 44 8.75 8.83 1.51
CA PHE A 44 9.69 7.71 1.84
C PHE A 44 9.76 6.73 0.66
N GLY A 45 9.62 7.23 -0.55
CA GLY A 45 9.67 6.32 -1.74
C GLY A 45 8.66 5.18 -1.55
N ARG A 46 7.64 5.39 -0.77
CA ARG A 46 6.64 4.32 -0.54
C ARG A 46 5.37 4.59 -1.38
N ARG A 47 4.56 3.59 -1.55
CA ARG A 47 3.31 3.79 -2.36
C ARG A 47 2.21 4.43 -1.49
N PRO A 48 1.07 4.66 -2.08
CA PRO A 48 -0.05 5.29 -1.34
C PRO A 48 -0.61 4.34 -0.29
N ILE A 49 -0.48 3.05 -0.50
CA ILE A 49 -1.00 2.08 0.50
C ILE A 49 0.15 1.54 1.36
N GLN A 50 1.30 1.36 0.78
CA GLN A 50 2.45 0.84 1.58
C GLN A 50 2.70 1.70 2.82
N VAL A 51 2.17 2.90 2.85
CA VAL A 51 2.38 3.78 4.04
C VAL A 51 1.05 4.05 4.76
N MET A 52 0.10 3.16 4.63
CA MET A 52 -1.22 3.37 5.31
C MET A 52 -1.24 2.64 6.65
N MET A 53 -0.10 2.53 7.30
CA MET A 53 -0.04 1.82 8.62
C MET A 53 -0.28 0.31 8.45
N MET A 54 -0.65 -0.13 7.28
CA MET A 54 -0.89 -1.59 7.06
C MET A 54 -1.75 -2.17 8.18
N GLY A 55 -2.57 -1.35 8.79
CA GLY A 55 -3.44 -1.85 9.89
C GLY A 55 -4.88 -1.41 9.66
N SER A 56 -5.19 -0.94 8.47
CA SER A 56 -6.57 -0.49 8.18
C SER A 56 -6.95 -0.84 6.74
N ALA A 57 -7.52 -2.00 6.52
CA ALA A 57 -7.91 -2.40 5.14
C ALA A 57 -8.78 -1.30 4.50
N GLN A 58 -9.46 -0.54 5.30
CA GLN A 58 -10.32 0.55 4.75
C GLN A 58 -9.49 1.47 3.85
N VAL A 59 -8.24 1.67 4.18
CA VAL A 59 -7.38 2.56 3.35
C VAL A 59 -6.80 1.79 2.16
N ALA A 60 -6.53 0.52 2.33
CA ALA A 60 -5.96 -0.28 1.21
C ALA A 60 -6.97 -0.34 0.05
N GLU A 61 -8.19 -0.72 0.33
CA GLU A 61 -9.20 -0.81 -0.76
C GLU A 61 -9.53 0.59 -1.30
N LEU A 62 -9.50 1.59 -0.46
CA LEU A 62 -9.82 2.97 -0.93
C LEU A 62 -8.95 3.35 -2.13
N LEU A 63 -7.66 3.42 -1.93
CA LEU A 63 -6.75 3.79 -3.05
C LEU A 63 -6.68 2.67 -4.09
N LEU A 64 -6.76 1.44 -3.66
CA LEU A 64 -6.70 0.31 -4.62
C LEU A 64 -7.81 0.42 -5.67
N LEU A 65 -9.05 0.40 -5.25
CA LEU A 65 -10.17 0.51 -6.22
C LEU A 65 -10.09 1.83 -6.99
N HIS A 66 -9.47 2.83 -6.41
CA HIS A 66 -9.36 4.14 -7.11
C HIS A 66 -8.24 4.10 -8.16
N GLY A 67 -7.02 3.90 -7.75
CA GLY A 67 -5.91 3.84 -8.72
C GLY A 67 -4.56 3.78 -7.98
N ALA A 68 -4.50 3.07 -6.89
CA ALA A 68 -3.21 2.98 -6.14
C ALA A 68 -2.21 2.14 -6.92
N GLU A 69 -1.05 1.90 -6.35
CA GLU A 69 -0.03 1.07 -7.04
C GLU A 69 0.29 -0.17 -6.22
N PRO A 70 -0.61 -1.13 -6.29
CA PRO A 70 -0.43 -2.39 -5.54
C PRO A 70 0.61 -3.29 -6.24
N ASN A 71 1.06 -2.90 -7.40
CA ASN A 71 2.06 -3.73 -8.13
C ASN A 71 3.44 -3.06 -8.07
N CYS A 72 3.52 -1.81 -8.44
CA CYS A 72 4.83 -1.10 -8.41
C CYS A 72 5.48 -1.24 -7.02
N ALA A 73 6.75 -1.53 -6.98
CA ALA A 73 7.44 -1.68 -5.67
C ALA A 73 8.58 -0.66 -5.53
N ASP A 74 9.33 -0.75 -4.48
CA ASP A 74 10.47 0.21 -4.29
C ASP A 74 11.73 -0.32 -5.00
N PRO A 75 12.31 0.51 -5.83
CA PRO A 75 13.53 0.10 -6.57
C PRO A 75 14.74 0.05 -5.63
N ALA A 76 14.74 0.87 -4.61
CA ALA A 76 15.89 0.88 -3.66
C ALA A 76 16.03 -0.48 -2.98
N THR A 77 14.94 -1.14 -2.70
CA THR A 77 15.02 -2.47 -2.03
C THR A 77 13.92 -3.40 -2.55
N LEU A 78 13.62 -3.34 -3.82
CA LEU A 78 12.56 -4.21 -4.43
C LEU A 78 11.53 -4.65 -3.38
N THR A 79 10.83 -3.71 -2.81
CA THR A 79 9.82 -4.07 -1.77
C THR A 79 8.40 -3.75 -2.28
N ARG A 80 7.56 -4.75 -2.36
CA ARG A 80 6.16 -4.52 -2.85
C ARG A 80 5.23 -4.29 -1.67
N PRO A 81 3.99 -3.94 -1.98
CA PRO A 81 2.99 -3.69 -0.92
C PRO A 81 2.56 -5.01 -0.26
N VAL A 82 2.75 -6.10 -0.94
CA VAL A 82 2.37 -7.43 -0.34
C VAL A 82 3.14 -7.65 0.96
N HIS A 83 4.38 -7.27 0.99
CA HIS A 83 5.19 -7.46 2.24
C HIS A 83 4.62 -6.62 3.37
N ASP A 84 4.29 -5.39 3.10
CA ASP A 84 3.72 -4.50 4.16
C ASP A 84 2.52 -5.18 4.83
N ALA A 85 1.45 -5.38 4.11
CA ALA A 85 0.25 -6.04 4.70
C ALA A 85 0.64 -7.36 5.36
N ALA A 86 1.69 -7.98 4.88
CA ALA A 86 2.14 -9.28 5.48
C ALA A 86 2.90 -9.01 6.77
N ARG A 87 3.75 -8.02 6.78
CA ARG A 87 4.52 -7.70 8.02
C ARG A 87 3.56 -7.31 9.15
N GLU A 88 2.37 -6.89 8.81
CA GLU A 88 1.39 -6.50 9.86
C GLU A 88 0.45 -7.68 10.16
N GLY A 89 0.17 -8.47 9.17
CA GLY A 89 -0.74 -9.65 9.39
C GLY A 89 -2.18 -9.25 9.09
N PHE A 90 -2.39 -8.25 8.27
CA PHE A 90 -3.78 -7.83 7.94
C PHE A 90 -4.29 -8.61 6.74
N LEU A 91 -4.98 -9.70 6.98
CA LEU A 91 -5.51 -10.52 5.86
C LEU A 91 -6.51 -9.72 5.01
N ASP A 92 -7.27 -8.86 5.63
CA ASP A 92 -8.27 -8.05 4.86
C ASP A 92 -7.58 -7.24 3.76
N THR A 93 -6.40 -6.74 4.02
CA THR A 93 -5.69 -5.92 2.98
C THR A 93 -5.14 -6.83 1.87
N LEU A 94 -4.59 -7.96 2.24
CA LEU A 94 -4.04 -8.89 1.22
C LEU A 94 -5.11 -9.23 0.18
N VAL A 95 -6.33 -9.44 0.63
CA VAL A 95 -7.43 -9.77 -0.32
C VAL A 95 -7.64 -8.58 -1.27
N VAL A 96 -7.67 -7.39 -0.74
CA VAL A 96 -7.87 -6.19 -1.60
C VAL A 96 -6.82 -6.16 -2.72
N LEU A 97 -5.58 -6.41 -2.39
CA LEU A 97 -4.51 -6.41 -3.44
C LEU A 97 -4.73 -7.53 -4.46
N HIS A 98 -5.49 -8.54 -4.09
CA HIS A 98 -5.74 -9.66 -5.04
C HIS A 98 -6.79 -9.27 -6.09
N ARG A 99 -7.98 -8.99 -5.65
CA ARG A 99 -9.06 -8.62 -6.62
C ARG A 99 -8.61 -7.44 -7.50
N ALA A 100 -7.82 -6.56 -6.96
CA ALA A 100 -7.34 -5.39 -7.75
C ALA A 100 -6.38 -5.85 -8.85
N GLY A 101 -5.60 -6.86 -8.58
CA GLY A 101 -4.64 -7.37 -9.60
C GLY A 101 -3.21 -7.05 -9.16
N ALA A 102 -2.88 -7.31 -7.92
CA ALA A 102 -1.51 -7.02 -7.43
C ALA A 102 -0.66 -8.29 -7.44
N ARG A 103 0.58 -8.19 -7.87
CA ARG A 103 1.46 -9.39 -7.91
C ARG A 103 1.86 -9.80 -6.49
N LEU A 104 2.12 -11.06 -6.28
CA LEU A 104 2.52 -11.52 -4.91
C LEU A 104 3.83 -12.32 -4.96
N ASP A 105 4.31 -12.63 -6.14
CA ASP A 105 5.58 -13.41 -6.25
C ASP A 105 6.79 -12.49 -6.37
N VAL A 106 6.80 -11.41 -5.63
CA VAL A 106 7.96 -10.46 -5.69
C VAL A 106 8.89 -10.70 -4.50
N CYS A 107 10.17 -10.49 -4.67
CA CYS A 107 11.12 -10.69 -3.55
C CYS A 107 11.46 -9.35 -2.89
N ASP A 108 11.84 -9.38 -1.63
CA ASP A 108 12.20 -8.11 -0.93
C ASP A 108 13.63 -7.69 -1.26
N ALA A 109 13.93 -7.54 -2.53
CA ALA A 109 15.32 -7.14 -2.95
C ALA A 109 16.32 -8.24 -2.59
N TRP A 110 16.56 -8.45 -1.33
CA TRP A 110 17.53 -9.50 -0.91
C TRP A 110 17.10 -10.87 -1.44
N GLY A 111 15.95 -11.34 -1.04
CA GLY A 111 15.47 -12.66 -1.52
C GLY A 111 14.28 -13.13 -0.68
N ARG A 112 14.22 -12.72 0.57
CA ARG A 112 13.07 -13.14 1.44
C ARG A 112 11.74 -12.75 0.80
N LEU A 113 10.87 -13.71 0.60
CA LEU A 113 9.55 -13.40 -0.02
C LEU A 113 8.60 -12.81 1.04
N PRO A 114 7.50 -12.26 0.57
CA PRO A 114 6.50 -11.67 1.50
C PRO A 114 5.80 -12.77 2.30
N VAL A 115 5.78 -13.97 1.79
CA VAL A 115 5.11 -15.09 2.52
C VAL A 115 6.00 -15.55 3.68
N ASP A 116 7.29 -15.53 3.49
CA ASP A 116 8.21 -15.96 4.59
C ASP A 116 8.13 -14.97 5.76
N LEU A 117 8.10 -13.70 5.46
CA LEU A 117 8.02 -12.69 6.56
C LEU A 117 6.71 -12.87 7.35
N ALA A 118 5.69 -13.35 6.70
CA ALA A 118 4.40 -13.56 7.40
C ALA A 118 4.56 -14.65 8.48
N GLU A 119 4.65 -15.88 8.05
CA GLU A 119 4.81 -17.00 9.03
C GLU A 119 5.98 -16.75 9.98
N GLU A 120 6.91 -15.91 9.58
CA GLU A 120 8.09 -15.64 10.46
C GLU A 120 7.65 -14.87 11.71
N GLN A 121 7.29 -13.62 11.56
CA GLN A 121 6.86 -12.81 12.74
C GLN A 121 5.64 -13.45 13.42
N GLY A 122 4.45 -13.02 13.08
CA GLY A 122 3.24 -13.60 13.73
C GLY A 122 2.06 -13.53 12.77
N HIS A 123 2.32 -13.59 11.50
CA HIS A 123 1.21 -13.52 10.50
C HIS A 123 1.04 -14.88 9.81
N ARG A 124 0.39 -15.80 10.47
CA ARG A 124 0.19 -17.14 9.86
C ARG A 124 -0.97 -17.10 8.86
N ASP A 125 -2.03 -16.43 9.20
CA ASP A 125 -3.19 -16.33 8.26
C ASP A 125 -2.75 -15.68 6.95
N ILE A 126 -1.87 -14.72 7.02
CA ILE A 126 -1.39 -14.04 5.78
C ILE A 126 -0.31 -14.90 5.11
N ALA A 127 0.45 -15.62 5.90
CA ALA A 127 1.52 -16.49 5.33
C ALA A 127 0.89 -17.58 4.47
N ARG A 128 -0.02 -18.31 5.03
CA ARG A 128 -0.70 -19.40 4.30
C ARG A 128 -1.40 -18.85 3.05
N TYR A 129 -2.23 -17.86 3.20
CA TYR A 129 -2.94 -17.28 2.01
C TYR A 129 -1.93 -16.73 1.00
N LEU A 130 -0.78 -16.33 1.46
CA LEU A 130 0.25 -15.77 0.53
C LEU A 130 0.75 -16.86 -0.43
N HIS A 131 1.33 -17.92 0.09
CA HIS A 131 1.84 -19.00 -0.80
C HIS A 131 0.73 -19.51 -1.73
N ALA A 132 -0.51 -19.35 -1.33
CA ALA A 132 -1.63 -19.83 -2.18
C ALA A 132 -1.88 -18.86 -3.34
N ALA A 133 -1.51 -17.61 -3.18
CA ALA A 133 -1.74 -16.62 -4.27
C ALA A 133 -0.42 -16.24 -4.95
N THR A 134 0.69 -16.39 -4.27
CA THR A 134 2.00 -16.03 -4.90
C THR A 134 2.63 -17.24 -5.59
N GLY A 135 1.87 -18.27 -5.83
CA GLY A 135 2.44 -19.48 -6.51
C GLY A 135 1.29 -20.37 -6.97
N ASP A 136 0.58 -20.95 -6.05
CA ASP A 136 -0.56 -21.84 -6.43
C ASP A 136 -1.50 -21.13 -7.40
N GLY A 1 -9.19 34.77 -2.67
CA GLY A 1 -9.43 33.87 -3.83
C GLY A 1 -8.35 34.11 -4.90
N SER A 2 -8.61 33.72 -6.11
CA SER A 2 -7.60 33.91 -7.19
C SER A 2 -7.82 35.25 -7.89
N PRO A 3 -6.76 35.82 -8.40
CA PRO A 3 -6.85 37.13 -9.10
C PRO A 3 -7.50 36.94 -10.47
N GLY A 4 -7.19 35.86 -11.15
CA GLY A 4 -7.79 35.62 -12.49
C GLY A 4 -6.88 36.22 -13.57
N ILE A 5 -5.68 35.71 -13.70
CA ILE A 5 -4.74 36.24 -14.73
C ILE A 5 -3.65 35.21 -15.02
N HIS A 6 -3.04 34.64 -14.01
CA HIS A 6 -1.97 33.63 -14.23
C HIS A 6 -1.47 33.07 -12.89
N MET A 7 -1.27 31.78 -12.81
CA MET A 7 -0.78 31.18 -11.54
C MET A 7 -0.41 29.70 -11.77
N LEU A 8 0.56 29.21 -11.04
CA LEU A 8 0.97 27.79 -11.21
C LEU A 8 -0.05 26.86 -10.55
N GLY A 9 -0.09 25.62 -10.97
CA GLY A 9 -1.07 24.66 -10.38
C GLY A 9 -0.33 23.65 -9.49
N GLY A 10 -0.57 23.70 -8.21
CA GLY A 10 0.10 22.75 -7.29
C GLY A 10 -0.85 22.37 -6.15
N SER A 11 -1.88 21.63 -6.46
CA SER A 11 -2.85 21.22 -5.39
C SER A 11 -2.14 20.37 -4.33
N SER A 12 -2.89 19.76 -3.46
CA SER A 12 -2.27 18.91 -2.40
C SER A 12 -2.22 17.44 -2.84
N ASP A 13 -1.06 16.85 -2.85
CA ASP A 13 -0.95 15.43 -3.28
C ASP A 13 -0.35 14.59 -2.15
N ALA A 14 -0.29 13.29 -2.33
CA ALA A 14 0.27 12.40 -1.27
C ALA A 14 -0.51 12.56 0.04
N GLY A 15 -1.71 13.07 -0.03
CA GLY A 15 -2.53 13.25 1.20
C GLY A 15 -3.12 11.89 1.63
N LEU A 16 -3.12 10.93 0.73
CA LEU A 16 -3.67 9.59 1.08
C LEU A 16 -2.64 8.81 1.88
N ALA A 17 -1.40 8.83 1.45
CA ALA A 17 -0.33 8.08 2.18
C ALA A 17 -0.19 8.64 3.60
N THR A 18 -0.17 9.94 3.75
CA THR A 18 -0.04 10.54 5.11
C THR A 18 -1.17 10.03 6.02
N ALA A 19 -2.39 10.21 5.61
CA ALA A 19 -3.54 9.74 6.44
C ALA A 19 -3.54 8.21 6.50
N ALA A 20 -3.09 7.56 5.45
CA ALA A 20 -3.07 6.07 5.44
C ALA A 20 -2.08 5.56 6.50
N ALA A 21 -0.88 6.07 6.50
CA ALA A 21 0.12 5.62 7.50
C ALA A 21 -0.34 5.97 8.92
N ARG A 22 -1.18 6.97 9.05
CA ARG A 22 -1.67 7.35 10.40
C ARG A 22 -2.97 6.61 10.73
N GLY A 23 -3.41 5.72 9.88
CA GLY A 23 -4.67 4.98 10.16
C GLY A 23 -5.87 5.93 10.12
N GLN A 24 -5.91 6.78 9.11
CA GLN A 24 -7.05 7.74 9.00
C GLN A 24 -7.95 7.36 7.82
N VAL A 25 -8.62 6.24 7.89
CA VAL A 25 -9.51 5.81 6.78
C VAL A 25 -10.50 6.94 6.44
N GLU A 26 -10.93 7.69 7.43
CA GLU A 26 -11.89 8.79 7.16
C GLU A 26 -11.26 9.89 6.31
N THR A 27 -10.13 10.41 6.73
CA THR A 27 -9.46 11.50 5.94
C THR A 27 -9.17 11.03 4.51
N VAL A 28 -8.84 9.78 4.34
CA VAL A 28 -8.54 9.27 2.97
C VAL A 28 -9.82 9.14 2.15
N ARG A 29 -10.94 8.94 2.80
CA ARG A 29 -12.23 8.79 2.05
C ARG A 29 -12.62 10.13 1.40
N GLN A 30 -12.54 11.20 2.14
CA GLN A 30 -12.92 12.53 1.59
C GLN A 30 -11.86 13.05 0.61
N LEU A 31 -10.64 13.20 1.05
CA LEU A 31 -9.57 13.73 0.15
C LEU A 31 -9.45 12.88 -1.14
N LEU A 32 -9.30 11.59 -1.00
CA LEU A 32 -9.15 10.73 -2.21
C LEU A 32 -10.31 10.97 -3.20
N GLU A 33 -11.52 10.71 -2.79
CA GLU A 33 -12.67 10.92 -3.73
C GLU A 33 -12.83 12.41 -4.06
N ALA A 34 -12.17 13.27 -3.34
CA ALA A 34 -12.28 14.74 -3.63
C ALA A 34 -11.34 15.15 -4.76
N GLY A 35 -10.26 14.43 -4.94
CA GLY A 35 -9.31 14.80 -6.03
C GLY A 35 -7.89 14.34 -5.72
N ALA A 36 -7.63 13.84 -4.53
CA ALA A 36 -6.25 13.38 -4.20
C ALA A 36 -5.71 12.43 -5.27
N ASP A 37 -4.44 12.52 -5.57
CA ASP A 37 -3.85 11.63 -6.61
C ASP A 37 -3.72 10.19 -6.07
N PRO A 38 -4.28 9.26 -6.79
CA PRO A 38 -4.22 7.84 -6.36
C PRO A 38 -2.81 7.28 -6.57
N ASN A 39 -2.03 7.88 -7.41
CA ASN A 39 -0.65 7.38 -7.66
C ASN A 39 0.39 8.34 -7.07
N ALA A 40 0.01 9.09 -6.05
CA ALA A 40 0.96 10.05 -5.43
C ALA A 40 2.01 9.29 -4.60
N LEU A 41 3.26 9.65 -4.73
CA LEU A 41 4.32 8.95 -3.96
C LEU A 41 4.44 9.57 -2.55
N ASN A 42 5.18 8.93 -1.68
CA ASN A 42 5.33 9.49 -0.30
C ASN A 42 6.73 10.09 -0.12
N ARG A 43 7.09 10.40 1.09
CA ARG A 43 8.44 10.99 1.34
C ARG A 43 9.52 9.90 1.30
N PHE A 44 9.14 8.67 1.53
CA PHE A 44 10.14 7.56 1.51
C PHE A 44 10.13 6.88 0.15
N GLY A 45 9.72 7.57 -0.88
CA GLY A 45 9.68 6.97 -2.24
C GLY A 45 8.90 5.66 -2.19
N ARG A 46 7.92 5.58 -1.33
CA ARG A 46 7.11 4.33 -1.22
C ARG A 46 5.81 4.46 -2.02
N ARG A 47 4.81 3.69 -1.66
CA ARG A 47 3.51 3.76 -2.38
C ARG A 47 2.44 4.38 -1.47
N PRO A 48 1.31 4.68 -2.02
CA PRO A 48 0.20 5.27 -1.22
C PRO A 48 -0.35 4.25 -0.22
N ILE A 49 -0.14 2.98 -0.48
CA ILE A 49 -0.62 1.93 0.46
C ILE A 49 0.56 1.32 1.22
N GLN A 50 1.63 1.02 0.52
CA GLN A 50 2.82 0.42 1.20
C GLN A 50 3.23 1.26 2.42
N VAL A 51 2.85 2.52 2.44
CA VAL A 51 3.22 3.38 3.60
C VAL A 51 2.01 3.63 4.50
N MET A 52 1.05 2.74 4.50
CA MET A 52 -0.14 2.95 5.37
C MET A 52 0.04 2.20 6.70
N MET A 53 -0.76 2.49 7.68
CA MET A 53 -0.63 1.79 9.00
C MET A 53 -0.86 0.28 8.83
N MET A 54 -1.38 -0.14 7.71
CA MET A 54 -1.63 -1.59 7.47
C MET A 54 -2.51 -2.16 8.59
N GLY A 55 -3.27 -1.32 9.25
CA GLY A 55 -4.15 -1.80 10.35
C GLY A 55 -5.61 -1.56 9.95
N SER A 56 -5.86 -0.69 9.01
CA SER A 56 -7.27 -0.42 8.58
C SER A 56 -7.45 -0.79 7.11
N ALA A 57 -8.11 -1.88 6.83
CA ALA A 57 -8.33 -2.29 5.41
C ALA A 57 -9.10 -1.20 4.65
N GLN A 58 -9.82 -0.36 5.34
CA GLN A 58 -10.58 0.72 4.64
C GLN A 58 -9.63 1.65 3.89
N VAL A 59 -8.37 1.63 4.23
CA VAL A 59 -7.39 2.50 3.51
C VAL A 59 -6.88 1.79 2.26
N ALA A 60 -6.61 0.52 2.37
CA ALA A 60 -6.11 -0.24 1.18
C ALA A 60 -7.25 -0.46 0.17
N GLU A 61 -8.47 -0.46 0.63
CA GLU A 61 -9.62 -0.67 -0.29
C GLU A 61 -9.94 0.63 -1.05
N LEU A 62 -9.95 1.74 -0.36
CA LEU A 62 -10.25 3.04 -1.04
C LEU A 62 -9.24 3.30 -2.16
N LEU A 63 -7.99 3.45 -1.82
CA LEU A 63 -6.95 3.73 -2.86
C LEU A 63 -7.02 2.69 -3.98
N LEU A 64 -7.07 1.42 -3.63
CA LEU A 64 -7.14 0.37 -4.70
C LEU A 64 -8.37 0.58 -5.57
N LEU A 65 -9.47 0.98 -4.99
CA LEU A 65 -10.70 1.21 -5.79
C LEU A 65 -10.49 2.36 -6.78
N HIS A 66 -9.71 3.33 -6.41
CA HIS A 66 -9.45 4.48 -7.33
C HIS A 66 -8.31 4.13 -8.30
N GLY A 67 -7.12 3.92 -7.79
CA GLY A 67 -5.98 3.58 -8.68
C GLY A 67 -4.67 3.70 -7.90
N ALA A 68 -4.56 3.03 -6.79
CA ALA A 68 -3.30 3.10 -5.99
C ALA A 68 -2.17 2.38 -6.73
N GLU A 69 -1.14 1.97 -6.03
CA GLU A 69 -0.02 1.27 -6.68
C GLU A 69 0.25 -0.06 -5.97
N PRO A 70 -0.65 -0.99 -6.16
CA PRO A 70 -0.51 -2.32 -5.52
C PRO A 70 0.48 -3.20 -6.29
N ASN A 71 0.71 -2.88 -7.55
CA ASN A 71 1.67 -3.70 -8.35
C ASN A 71 3.09 -3.15 -8.22
N CYS A 72 3.27 -1.88 -8.45
CA CYS A 72 4.63 -1.28 -8.33
C CYS A 72 5.21 -1.51 -6.93
N ALA A 73 6.48 -1.29 -6.75
CA ALA A 73 7.09 -1.50 -5.41
C ALA A 73 8.22 -0.50 -5.18
N ASP A 74 9.02 -0.70 -4.16
CA ASP A 74 10.14 0.25 -3.88
C ASP A 74 11.39 -0.15 -4.69
N PRO A 75 11.93 0.79 -5.42
CA PRO A 75 13.13 0.52 -6.23
C PRO A 75 14.36 0.40 -5.33
N ALA A 76 14.33 1.01 -4.18
CA ALA A 76 15.50 0.94 -3.26
C ALA A 76 15.73 -0.50 -2.80
N THR A 77 14.71 -1.15 -2.30
CA THR A 77 14.87 -2.55 -1.84
C THR A 77 13.87 -3.48 -2.54
N LEU A 78 13.44 -3.11 -3.72
CA LEU A 78 12.46 -3.97 -4.47
C LEU A 78 11.35 -4.47 -3.55
N THR A 79 10.90 -3.65 -2.64
CA THR A 79 9.82 -4.07 -1.70
C THR A 79 8.46 -3.59 -2.19
N ARG A 80 7.52 -4.48 -2.34
CA ARG A 80 6.16 -4.06 -2.81
C ARG A 80 5.23 -3.81 -1.61
N PRO A 81 3.97 -3.52 -1.88
CA PRO A 81 3.01 -3.24 -0.79
C PRO A 81 2.56 -4.53 -0.08
N VAL A 82 2.43 -5.61 -0.81
CA VAL A 82 1.99 -6.88 -0.16
C VAL A 82 2.88 -7.21 1.03
N HIS A 83 4.13 -6.83 0.98
CA HIS A 83 5.05 -7.12 2.12
C HIS A 83 4.56 -6.40 3.38
N ASP A 84 4.16 -5.16 3.25
CA ASP A 84 3.67 -4.41 4.44
C ASP A 84 2.36 -5.02 4.94
N ALA A 85 1.42 -5.23 4.04
CA ALA A 85 0.11 -5.83 4.47
C ALA A 85 0.34 -7.14 5.22
N ALA A 86 1.42 -7.82 4.93
CA ALA A 86 1.71 -9.10 5.64
C ALA A 86 2.47 -8.81 6.94
N ARG A 87 3.24 -7.75 6.96
CA ARG A 87 4.00 -7.41 8.20
C ARG A 87 3.03 -7.15 9.36
N GLU A 88 1.82 -6.77 9.06
CA GLU A 88 0.84 -6.49 10.15
C GLU A 88 -0.11 -7.69 10.33
N GLY A 89 -0.34 -8.44 9.28
CA GLY A 89 -1.24 -9.62 9.38
C GLY A 89 -2.67 -9.19 9.01
N PHE A 90 -2.79 -8.30 8.06
CA PHE A 90 -4.15 -7.83 7.64
C PHE A 90 -4.59 -8.57 6.38
N LEU A 91 -5.33 -9.64 6.53
CA LEU A 91 -5.79 -10.41 5.33
C LEU A 91 -6.74 -9.56 4.48
N ASP A 92 -7.41 -8.60 5.08
CA ASP A 92 -8.33 -7.74 4.29
C ASP A 92 -7.58 -6.98 3.21
N THR A 93 -6.57 -6.23 3.58
CA THR A 93 -5.78 -5.47 2.57
C THR A 93 -5.20 -6.42 1.53
N LEU A 94 -4.68 -7.54 1.96
CA LEU A 94 -4.10 -8.52 0.99
C LEU A 94 -5.17 -8.92 -0.03
N VAL A 95 -6.37 -9.20 0.42
CA VAL A 95 -7.45 -9.58 -0.52
C VAL A 95 -7.74 -8.41 -1.45
N VAL A 96 -7.79 -7.22 -0.90
CA VAL A 96 -8.07 -6.01 -1.72
C VAL A 96 -7.02 -5.89 -2.84
N LEU A 97 -5.77 -6.06 -2.51
CA LEU A 97 -4.70 -5.97 -3.55
C LEU A 97 -4.91 -7.05 -4.62
N HIS A 98 -5.15 -8.27 -4.20
CA HIS A 98 -5.37 -9.38 -5.18
C HIS A 98 -6.67 -9.14 -5.96
N ARG A 99 -7.59 -8.43 -5.38
CA ARG A 99 -8.88 -8.16 -6.07
C ARG A 99 -8.65 -7.23 -7.27
N ALA A 100 -7.68 -6.36 -7.18
CA ALA A 100 -7.40 -5.42 -8.29
C ALA A 100 -6.04 -5.72 -8.91
N GLY A 101 -5.71 -6.98 -9.08
CA GLY A 101 -4.39 -7.32 -9.68
C GLY A 101 -3.28 -6.91 -8.71
N ALA A 102 -2.61 -7.85 -8.11
CA ALA A 102 -1.51 -7.51 -7.15
C ALA A 102 -0.42 -8.58 -7.15
N ARG A 103 0.69 -8.31 -7.76
CA ARG A 103 1.80 -9.31 -7.79
C ARG A 103 2.21 -9.66 -6.34
N LEU A 104 1.86 -10.82 -5.87
CA LEU A 104 2.21 -11.21 -4.48
C LEU A 104 3.39 -12.18 -4.48
N ASP A 105 4.19 -12.18 -5.50
CA ASP A 105 5.35 -13.11 -5.57
C ASP A 105 6.64 -12.34 -5.84
N VAL A 106 6.64 -11.06 -5.65
CA VAL A 106 7.88 -10.27 -5.90
C VAL A 106 8.96 -10.64 -4.88
N CYS A 107 10.20 -10.34 -5.16
CA CYS A 107 11.28 -10.67 -4.19
C CYS A 107 11.67 -9.43 -3.39
N ASP A 108 11.86 -9.56 -2.10
CA ASP A 108 12.24 -8.38 -1.27
C ASP A 108 13.71 -7.99 -1.54
N ALA A 109 14.02 -7.65 -2.75
CA ALA A 109 15.42 -7.25 -3.11
C ALA A 109 16.40 -8.38 -2.77
N TRP A 110 16.77 -8.52 -1.53
CA TRP A 110 17.72 -9.61 -1.13
C TRP A 110 17.21 -10.96 -1.62
N GLY A 111 15.93 -11.21 -1.47
CA GLY A 111 15.36 -12.51 -1.92
C GLY A 111 14.23 -12.95 -0.99
N ARG A 112 14.17 -12.39 0.19
CA ARG A 112 13.08 -12.78 1.14
C ARG A 112 11.71 -12.58 0.50
N LEU A 113 10.91 -13.61 0.46
CA LEU A 113 9.55 -13.48 -0.15
C LEU A 113 8.59 -12.83 0.85
N PRO A 114 7.43 -12.45 0.36
CA PRO A 114 6.42 -11.80 1.25
C PRO A 114 5.86 -12.82 2.24
N VAL A 115 5.89 -14.08 1.91
CA VAL A 115 5.37 -15.11 2.84
C VAL A 115 6.42 -15.47 3.89
N ASP A 116 7.67 -15.23 3.58
CA ASP A 116 8.75 -15.55 4.57
C ASP A 116 8.64 -14.62 5.79
N LEU A 117 8.40 -13.36 5.57
CA LEU A 117 8.28 -12.41 6.71
C LEU A 117 7.15 -12.86 7.65
N ALA A 118 6.13 -13.46 7.11
CA ALA A 118 4.99 -13.92 7.96
C ALA A 118 5.45 -15.01 8.92
N GLU A 119 5.86 -16.14 8.41
CA GLU A 119 6.32 -17.25 9.30
C GLU A 119 7.39 -16.74 10.26
N GLU A 120 8.11 -15.71 9.90
CA GLU A 120 9.18 -15.18 10.80
C GLU A 120 8.56 -14.24 11.84
N GLN A 121 7.67 -13.38 11.43
CA GLN A 121 7.04 -12.43 12.40
C GLN A 121 5.98 -13.16 13.24
N GLY A 122 4.83 -13.39 12.68
CA GLY A 122 3.75 -14.10 13.44
C GLY A 122 2.40 -13.92 12.74
N HIS A 123 2.38 -14.06 11.44
CA HIS A 123 1.11 -13.90 10.69
C HIS A 123 0.74 -15.22 10.00
N ARG A 124 0.56 -16.27 10.76
CA ARG A 124 0.22 -17.59 10.16
C ARG A 124 -0.97 -17.45 9.19
N ASP A 125 -1.84 -16.50 9.45
CA ASP A 125 -3.01 -16.31 8.55
C ASP A 125 -2.56 -15.74 7.20
N ILE A 126 -1.61 -14.85 7.20
CA ILE A 126 -1.12 -14.27 5.92
C ILE A 126 -0.23 -15.29 5.18
N ALA A 127 0.53 -16.06 5.91
CA ALA A 127 1.41 -17.06 5.24
C ALA A 127 0.58 -18.09 4.49
N ARG A 128 -0.62 -18.35 4.95
CA ARG A 128 -1.49 -19.35 4.26
C ARG A 128 -2.03 -18.75 2.95
N TYR A 129 -2.68 -17.62 3.03
CA TYR A 129 -3.22 -16.99 1.79
C TYR A 129 -2.08 -16.61 0.85
N LEU A 130 -0.98 -16.18 1.39
CA LEU A 130 0.18 -15.78 0.52
C LEU A 130 0.63 -16.97 -0.34
N HIS A 131 1.07 -18.03 0.28
CA HIS A 131 1.52 -19.23 -0.48
C HIS A 131 0.45 -19.64 -1.50
N ALA A 132 -0.78 -19.33 -1.22
CA ALA A 132 -1.89 -19.70 -2.17
C ALA A 132 -1.89 -18.74 -3.36
N ALA A 133 -1.65 -17.48 -3.13
CA ALA A 133 -1.64 -16.49 -4.25
C ALA A 133 -0.22 -15.95 -4.46
N THR A 134 0.77 -16.74 -4.17
CA THR A 134 2.18 -16.29 -4.36
C THR A 134 2.99 -17.39 -5.05
N GLY A 135 2.44 -18.00 -6.06
CA GLY A 135 3.17 -19.08 -6.77
C GLY A 135 2.83 -20.44 -6.15
N ASP A 136 1.64 -20.57 -5.62
CA ASP A 136 1.25 -21.86 -4.99
C ASP A 136 1.50 -23.03 -5.95
N GLY A 1 -2.53 21.10 -13.80
CA GLY A 1 -1.49 22.17 -13.96
C GLY A 1 -0.72 21.94 -15.27
N SER A 2 -1.41 21.99 -16.38
CA SER A 2 -0.72 21.79 -17.69
C SER A 2 0.18 22.99 -18.01
N PRO A 3 -0.40 24.16 -18.05
CA PRO A 3 0.38 25.38 -18.35
C PRO A 3 1.28 25.75 -17.17
N GLY A 4 2.48 25.25 -17.15
CA GLY A 4 3.41 25.58 -16.03
C GLY A 4 4.62 24.65 -16.09
N ILE A 5 5.62 24.91 -15.28
CA ILE A 5 6.83 24.04 -15.28
C ILE A 5 6.96 23.28 -13.96
N HIS A 6 6.31 23.76 -12.93
CA HIS A 6 6.40 23.06 -11.61
C HIS A 6 5.74 21.68 -11.70
N MET A 7 6.48 20.64 -11.41
CA MET A 7 5.91 19.27 -11.48
C MET A 7 5.57 18.75 -10.08
N LEU A 8 6.20 19.30 -9.07
CA LEU A 8 5.92 18.84 -7.68
C LEU A 8 4.98 19.82 -6.98
N GLY A 9 4.08 19.33 -6.17
CA GLY A 9 3.12 20.24 -5.47
C GLY A 9 3.26 20.05 -3.95
N GLY A 10 2.68 20.92 -3.18
CA GLY A 10 2.77 20.79 -1.69
C GLY A 10 1.37 20.59 -1.10
N SER A 11 0.34 20.81 -1.89
CA SER A 11 -1.04 20.63 -1.36
C SER A 11 -1.63 19.30 -1.84
N SER A 12 -2.57 18.75 -1.10
CA SER A 12 -3.20 17.46 -1.49
C SER A 12 -2.14 16.44 -1.92
N ASP A 13 -2.55 15.34 -2.50
CA ASP A 13 -1.58 14.29 -2.94
C ASP A 13 -0.56 13.99 -1.83
N ALA A 14 -0.89 14.28 -0.60
CA ALA A 14 0.05 14.01 0.52
C ALA A 14 -0.71 13.44 1.72
N GLY A 15 -1.79 14.08 2.10
CA GLY A 15 -2.58 13.58 3.25
C GLY A 15 -3.09 12.16 2.95
N LEU A 16 -3.17 11.81 1.69
CA LEU A 16 -3.65 10.45 1.31
C LEU A 16 -2.64 9.39 1.77
N ALA A 17 -1.38 9.57 1.46
CA ALA A 17 -0.36 8.56 1.87
C ALA A 17 -0.08 8.66 3.38
N THR A 18 0.17 9.84 3.87
CA THR A 18 0.45 9.99 5.34
C THR A 18 -0.72 9.45 6.17
N ALA A 19 -1.93 9.86 5.86
CA ALA A 19 -3.10 9.37 6.64
C ALA A 19 -3.20 7.84 6.54
N ALA A 20 -2.92 7.29 5.40
CA ALA A 20 -2.99 5.81 5.23
C ALA A 20 -1.98 5.13 6.16
N ALA A 21 -0.88 5.79 6.43
CA ALA A 21 0.16 5.18 7.32
C ALA A 21 -0.22 5.43 8.79
N ARG A 22 -0.83 6.54 9.08
CA ARG A 22 -1.22 6.83 10.49
C ARG A 22 -2.45 6.01 10.89
N GLY A 23 -3.24 5.61 9.93
CA GLY A 23 -4.45 4.81 10.25
C GLY A 23 -5.69 5.70 10.20
N GLN A 24 -5.80 6.52 9.19
CA GLN A 24 -6.99 7.43 9.08
C GLN A 24 -7.75 7.13 7.79
N VAL A 25 -8.78 6.34 7.87
CA VAL A 25 -9.57 6.00 6.66
C VAL A 25 -10.48 7.18 6.28
N GLU A 26 -11.06 7.84 7.25
CA GLU A 26 -11.97 8.99 6.94
C GLU A 26 -11.21 10.09 6.18
N THR A 27 -10.03 10.43 6.63
CA THR A 27 -9.24 11.49 5.94
C THR A 27 -8.86 11.05 4.52
N VAL A 28 -8.45 9.82 4.35
CA VAL A 28 -8.07 9.33 2.99
C VAL A 28 -9.31 9.20 2.10
N ARG A 29 -10.36 8.63 2.61
CA ARG A 29 -11.60 8.47 1.78
C ARG A 29 -12.12 9.82 1.30
N GLN A 30 -12.07 10.82 2.15
CA GLN A 30 -12.57 12.17 1.75
C GLN A 30 -11.61 12.84 0.77
N LEU A 31 -10.33 12.77 1.03
CA LEU A 31 -9.34 13.41 0.11
C LEU A 31 -9.38 12.75 -1.27
N LEU A 32 -9.35 11.45 -1.32
CA LEU A 32 -9.37 10.74 -2.65
C LEU A 32 -10.57 11.21 -3.48
N GLU A 33 -11.77 10.95 -3.02
CA GLU A 33 -12.98 11.37 -3.78
C GLU A 33 -13.00 12.90 -3.93
N ALA A 34 -12.22 13.60 -3.13
CA ALA A 34 -12.20 15.09 -3.23
C ALA A 34 -11.23 15.54 -4.34
N GLY A 35 -10.13 14.88 -4.49
CA GLY A 35 -9.16 15.27 -5.54
C GLY A 35 -7.83 14.54 -5.38
N ALA A 36 -7.52 14.07 -4.19
CA ALA A 36 -6.23 13.35 -3.96
C ALA A 36 -6.01 12.27 -5.05
N ASP A 37 -4.90 12.33 -5.72
CA ASP A 37 -4.61 11.32 -6.78
C ASP A 37 -4.03 10.05 -6.15
N PRO A 38 -4.63 8.92 -6.45
CA PRO A 38 -4.15 7.64 -5.89
C PRO A 38 -2.87 7.18 -6.60
N ASN A 39 -2.50 7.82 -7.68
CA ASN A 39 -1.27 7.41 -8.41
C ASN A 39 -0.16 8.46 -8.22
N ALA A 40 -0.17 9.15 -7.10
CA ALA A 40 0.87 10.18 -6.86
C ALA A 40 1.69 9.83 -5.61
N LEU A 41 2.88 9.34 -5.79
CA LEU A 41 3.72 8.97 -4.61
C LEU A 41 4.47 10.20 -4.09
N ASN A 42 4.67 10.29 -2.81
CA ASN A 42 5.40 11.46 -2.24
C ASN A 42 6.82 11.06 -1.85
N ARG A 43 7.40 11.75 -0.91
CA ARG A 43 8.79 11.39 -0.49
C ARG A 43 8.84 9.94 0.00
N PHE A 44 9.95 9.53 0.56
CA PHE A 44 10.09 8.14 1.07
C PHE A 44 10.08 7.12 -0.08
N GLY A 45 9.99 7.58 -1.31
CA GLY A 45 9.98 6.65 -2.47
C GLY A 45 9.02 5.49 -2.22
N ARG A 46 7.96 5.73 -1.49
CA ARG A 46 6.99 4.63 -1.20
C ARG A 46 5.73 4.77 -2.09
N ARG A 47 4.70 4.02 -1.78
CA ARG A 47 3.45 4.09 -2.59
C ARG A 47 2.29 4.56 -1.69
N PRO A 48 1.12 4.71 -2.27
CA PRO A 48 -0.05 5.17 -1.48
C PRO A 48 -0.52 4.07 -0.53
N ILE A 49 -0.15 2.84 -0.77
CA ILE A 49 -0.58 1.75 0.14
C ILE A 49 0.65 1.13 0.85
N GLN A 50 1.76 1.07 0.17
CA GLN A 50 2.99 0.49 0.80
C GLN A 50 3.27 1.19 2.14
N VAL A 51 2.89 2.43 2.25
CA VAL A 51 3.13 3.18 3.53
C VAL A 51 1.91 3.06 4.45
N MET A 52 0.86 2.42 3.99
CA MET A 52 -0.36 2.27 4.84
C MET A 52 -0.01 1.62 6.18
N MET A 53 -0.79 1.86 7.19
CA MET A 53 -0.51 1.24 8.52
C MET A 53 -0.81 -0.26 8.47
N MET A 54 -1.37 -0.74 7.38
CA MET A 54 -1.68 -2.20 7.26
C MET A 54 -2.53 -2.65 8.46
N GLY A 55 -3.25 -1.75 9.06
CA GLY A 55 -4.10 -2.12 10.23
C GLY A 55 -5.58 -1.84 9.89
N SER A 56 -5.83 -1.13 8.82
CA SER A 56 -7.25 -0.83 8.44
C SER A 56 -7.49 -1.19 6.97
N ALA A 57 -8.32 -2.17 6.73
CA ALA A 57 -8.61 -2.58 5.32
C ALA A 57 -9.33 -1.44 4.57
N GLN A 58 -9.81 -0.46 5.28
CA GLN A 58 -10.51 0.67 4.59
C GLN A 58 -9.49 1.56 3.88
N VAL A 59 -8.26 1.53 4.30
CA VAL A 59 -7.21 2.37 3.64
C VAL A 59 -6.66 1.64 2.41
N ALA A 60 -6.51 0.35 2.48
CA ALA A 60 -5.98 -0.41 1.31
C ALA A 60 -7.01 -0.44 0.18
N GLU A 61 -8.19 -0.94 0.45
CA GLU A 61 -9.23 -0.99 -0.62
C GLU A 61 -9.53 0.42 -1.15
N LEU A 62 -9.70 1.36 -0.26
CA LEU A 62 -10.01 2.75 -0.71
C LEU A 62 -8.98 3.24 -1.75
N LEU A 63 -7.71 3.13 -1.43
CA LEU A 63 -6.66 3.59 -2.38
C LEU A 63 -6.58 2.66 -3.59
N LEU A 64 -6.89 1.40 -3.42
CA LEU A 64 -6.83 0.46 -4.58
C LEU A 64 -8.01 0.66 -5.52
N LEU A 65 -9.22 0.58 -5.02
CA LEU A 65 -10.41 0.76 -5.90
C LEU A 65 -10.30 2.08 -6.67
N HIS A 66 -9.64 3.05 -6.09
CA HIS A 66 -9.49 4.37 -6.79
C HIS A 66 -8.45 4.25 -7.90
N GLY A 67 -7.25 3.84 -7.57
CA GLY A 67 -6.20 3.71 -8.60
C GLY A 67 -4.82 3.77 -7.94
N ALA A 68 -4.64 3.09 -6.84
CA ALA A 68 -3.31 3.11 -6.14
C ALA A 68 -2.29 2.25 -6.89
N GLU A 69 -1.15 2.01 -6.29
CA GLU A 69 -0.12 1.17 -6.95
C GLU A 69 0.11 -0.12 -6.17
N PRO A 70 -0.76 -1.08 -6.37
CA PRO A 70 -0.64 -2.38 -5.67
C PRO A 70 0.47 -3.22 -6.28
N ASN A 71 0.75 -3.01 -7.54
CA ASN A 71 1.84 -3.79 -8.21
C ASN A 71 3.16 -3.04 -8.13
N CYS A 72 3.14 -1.75 -8.32
CA CYS A 72 4.40 -0.96 -8.25
C CYS A 72 5.11 -1.20 -6.91
N ALA A 73 6.41 -1.08 -6.89
CA ALA A 73 7.15 -1.32 -5.61
C ALA A 73 8.34 -0.37 -5.50
N ASP A 74 9.16 -0.55 -4.51
CA ASP A 74 10.35 0.33 -4.33
C ASP A 74 11.55 -0.25 -5.10
N PRO A 75 12.13 0.55 -5.96
CA PRO A 75 13.29 0.08 -6.75
C PRO A 75 14.55 0.00 -5.87
N ALA A 76 14.56 0.71 -4.77
CA ALA A 76 15.75 0.67 -3.87
C ALA A 76 15.91 -0.71 -3.23
N THR A 77 14.85 -1.48 -3.17
CA THR A 77 14.94 -2.84 -2.56
C THR A 77 13.82 -3.76 -3.05
N LEU A 78 13.25 -3.46 -4.19
CA LEU A 78 12.14 -4.32 -4.74
C LEU A 78 11.15 -4.69 -3.62
N THR A 79 10.46 -3.73 -3.09
CA THR A 79 9.50 -4.04 -1.98
C THR A 79 8.07 -3.66 -2.38
N ARG A 80 7.27 -4.64 -2.72
CA ARG A 80 5.86 -4.35 -3.09
C ARG A 80 5.05 -4.05 -1.82
N PRO A 81 3.84 -3.57 -1.99
CA PRO A 81 2.98 -3.25 -0.83
C PRO A 81 2.45 -4.53 -0.17
N VAL A 82 2.72 -5.67 -0.74
CA VAL A 82 2.22 -6.95 -0.14
C VAL A 82 2.99 -7.27 1.14
N HIS A 83 4.25 -6.95 1.17
CA HIS A 83 5.06 -7.24 2.40
C HIS A 83 4.51 -6.46 3.59
N ASP A 84 4.17 -5.21 3.39
CA ASP A 84 3.64 -4.39 4.51
C ASP A 84 2.40 -5.05 5.13
N ALA A 85 1.40 -5.30 4.34
CA ALA A 85 0.17 -5.95 4.88
C ALA A 85 0.52 -7.31 5.48
N ALA A 86 1.55 -7.94 4.98
CA ALA A 86 1.96 -9.27 5.53
C ALA A 86 2.77 -9.08 6.82
N ARG A 87 3.43 -7.97 6.96
CA ARG A 87 4.24 -7.71 8.19
C ARG A 87 3.31 -7.44 9.38
N GLU A 88 2.11 -7.01 9.12
CA GLU A 88 1.16 -6.72 10.24
C GLU A 88 0.22 -7.91 10.45
N GLY A 89 -0.31 -8.47 9.39
CA GLY A 89 -1.23 -9.64 9.54
C GLY A 89 -2.63 -9.24 9.10
N PHE A 90 -2.75 -8.32 8.19
CA PHE A 90 -4.09 -7.87 7.73
C PHE A 90 -4.51 -8.67 6.49
N LEU A 91 -5.19 -9.76 6.66
CA LEU A 91 -5.63 -10.57 5.49
C LEU A 91 -6.57 -9.75 4.61
N ASP A 92 -7.27 -8.81 5.19
CA ASP A 92 -8.22 -7.98 4.39
C ASP A 92 -7.45 -7.23 3.29
N THR A 93 -6.43 -6.50 3.65
CA THR A 93 -5.65 -5.75 2.62
C THR A 93 -5.02 -6.73 1.62
N LEU A 94 -4.62 -7.90 2.07
CA LEU A 94 -4.01 -8.89 1.15
C LEU A 94 -5.01 -9.25 0.04
N VAL A 95 -6.20 -9.63 0.43
CA VAL A 95 -7.24 -9.98 -0.60
C VAL A 95 -7.49 -8.76 -1.50
N VAL A 96 -7.63 -7.61 -0.90
CA VAL A 96 -7.87 -6.36 -1.69
C VAL A 96 -6.84 -6.24 -2.82
N LEU A 97 -5.59 -6.44 -2.51
CA LEU A 97 -4.53 -6.35 -3.56
C LEU A 97 -4.73 -7.44 -4.61
N HIS A 98 -4.74 -8.68 -4.21
CA HIS A 98 -4.93 -9.79 -5.17
C HIS A 98 -6.32 -9.71 -5.82
N ARG A 99 -7.21 -8.97 -5.23
CA ARG A 99 -8.58 -8.84 -5.80
C ARG A 99 -8.64 -7.70 -6.83
N ALA A 100 -7.65 -6.86 -6.84
CA ALA A 100 -7.66 -5.73 -7.81
C ALA A 100 -6.30 -5.62 -8.51
N GLY A 101 -5.79 -6.71 -9.02
CA GLY A 101 -4.47 -6.66 -9.72
C GLY A 101 -3.37 -6.29 -8.72
N ALA A 102 -2.53 -7.23 -8.38
CA ALA A 102 -1.44 -6.94 -7.41
C ALA A 102 -0.42 -8.10 -7.38
N ARG A 103 0.73 -7.91 -7.98
CA ARG A 103 1.75 -9.00 -7.99
C ARG A 103 2.29 -9.21 -6.57
N LEU A 104 1.95 -10.30 -5.95
CA LEU A 104 2.45 -10.58 -4.57
C LEU A 104 3.73 -11.41 -4.61
N ASP A 105 3.96 -12.10 -5.70
CA ASP A 105 5.19 -12.94 -5.79
C ASP A 105 6.42 -12.04 -5.92
N VAL A 106 6.81 -11.40 -4.86
CA VAL A 106 8.00 -10.50 -4.91
C VAL A 106 8.78 -10.59 -3.60
N CYS A 107 10.03 -10.17 -3.63
CA CYS A 107 10.85 -10.20 -2.38
C CYS A 107 11.49 -8.82 -2.16
N ASP A 108 11.67 -8.42 -0.93
CA ASP A 108 12.29 -7.08 -0.67
C ASP A 108 13.77 -7.08 -1.06
N ALA A 109 14.04 -7.23 -2.33
CA ALA A 109 15.46 -7.23 -2.83
C ALA A 109 16.29 -8.30 -2.12
N TRP A 110 16.76 -8.02 -0.93
CA TRP A 110 17.59 -9.03 -0.21
C TRP A 110 16.71 -9.91 0.69
N GLY A 111 15.59 -10.36 0.17
CA GLY A 111 14.69 -11.23 0.98
C GLY A 111 14.25 -12.42 0.14
N ARG A 112 13.21 -13.09 0.53
CA ARG A 112 12.74 -14.28 -0.25
C ARG A 112 11.30 -14.06 -0.71
N LEU A 113 10.42 -13.71 0.19
CA LEU A 113 8.99 -13.49 -0.17
C LEU A 113 8.27 -12.96 1.09
N PRO A 114 7.10 -12.37 0.91
CA PRO A 114 6.36 -11.83 2.06
C PRO A 114 5.82 -12.97 2.94
N VAL A 115 5.50 -14.08 2.33
CA VAL A 115 4.99 -15.24 3.13
C VAL A 115 6.07 -15.69 4.12
N ASP A 116 7.30 -15.37 3.86
CA ASP A 116 8.40 -15.76 4.79
C ASP A 116 8.40 -14.84 6.01
N LEU A 117 8.29 -13.56 5.79
CA LEU A 117 8.26 -12.60 6.94
C LEU A 117 7.12 -12.96 7.90
N ALA A 118 6.09 -13.58 7.39
CA ALA A 118 4.94 -13.96 8.25
C ALA A 118 5.29 -15.21 9.06
N GLU A 119 5.78 -16.24 8.41
CA GLU A 119 6.13 -17.50 9.12
C GLU A 119 7.07 -17.21 10.30
N GLU A 120 7.78 -16.11 10.25
CA GLU A 120 8.72 -15.78 11.37
C GLU A 120 8.04 -14.87 12.39
N GLN A 121 7.51 -13.76 11.95
CA GLN A 121 6.84 -12.82 12.91
C GLN A 121 5.68 -13.53 13.63
N GLY A 122 4.47 -13.37 13.15
CA GLY A 122 3.32 -14.04 13.83
C GLY A 122 2.07 -13.91 12.95
N HIS A 123 2.25 -13.88 11.65
CA HIS A 123 1.08 -13.76 10.73
C HIS A 123 0.98 -15.02 9.87
N ARG A 124 0.43 -16.09 10.40
CA ARG A 124 0.31 -17.34 9.62
C ARG A 124 -0.93 -17.28 8.71
N ASP A 125 -2.01 -16.75 9.21
CA ASP A 125 -3.25 -16.64 8.37
C ASP A 125 -2.93 -15.90 7.07
N ILE A 126 -2.38 -14.72 7.18
CA ILE A 126 -2.02 -13.93 5.96
C ILE A 126 -1.01 -14.73 5.13
N ALA A 127 -0.15 -15.45 5.78
CA ALA A 127 0.86 -16.26 5.04
C ALA A 127 0.16 -17.31 4.18
N ARG A 128 -0.90 -17.90 4.68
CA ARG A 128 -1.64 -18.92 3.88
C ARG A 128 -2.07 -18.30 2.55
N TYR A 129 -2.75 -17.18 2.60
CA TYR A 129 -3.19 -16.53 1.33
C TYR A 129 -1.97 -16.22 0.47
N LEU A 130 -0.94 -15.67 1.07
CA LEU A 130 0.30 -15.35 0.31
C LEU A 130 0.82 -16.61 -0.40
N HIS A 131 0.92 -17.69 0.31
CA HIS A 131 1.42 -18.95 -0.33
C HIS A 131 0.60 -19.29 -1.58
N ALA A 132 -0.64 -18.85 -1.61
CA ALA A 132 -1.50 -19.13 -2.81
C ALA A 132 -1.31 -18.05 -3.87
N ALA A 133 -1.20 -16.81 -3.46
CA ALA A 133 -1.03 -15.71 -4.45
C ALA A 133 0.45 -15.33 -4.60
N THR A 134 1.34 -16.12 -4.05
CA THR A 134 2.79 -15.79 -4.16
C THR A 134 3.59 -17.04 -4.57
N GLY A 135 3.40 -18.13 -3.86
CA GLY A 135 4.15 -19.37 -4.21
C GLY A 135 5.46 -19.42 -3.43
N ASP A 136 5.52 -20.18 -2.36
CA ASP A 136 6.77 -20.26 -1.56
C ASP A 136 7.97 -20.59 -2.46
N GLY A 1 -2.64 30.62 -22.68
CA GLY A 1 -2.65 31.62 -21.57
C GLY A 1 -3.66 31.21 -20.51
N SER A 2 -3.30 30.29 -19.66
CA SER A 2 -4.23 29.84 -18.58
C SER A 2 -5.59 29.43 -19.18
N PRO A 3 -5.72 28.15 -19.49
CA PRO A 3 -6.98 27.64 -20.08
C PRO A 3 -8.08 27.60 -19.02
N GLY A 4 -7.70 27.52 -17.77
CA GLY A 4 -8.73 27.47 -16.68
C GLY A 4 -9.35 26.08 -16.61
N ILE A 5 -8.65 25.14 -16.03
CA ILE A 5 -9.21 23.75 -15.93
C ILE A 5 -8.60 23.02 -14.73
N HIS A 6 -7.32 23.16 -14.51
CA HIS A 6 -6.68 22.48 -13.35
C HIS A 6 -6.26 23.50 -12.29
N MET A 7 -5.98 23.05 -11.10
CA MET A 7 -5.56 23.99 -10.03
C MET A 7 -4.07 23.82 -9.73
N LEU A 8 -3.31 24.88 -9.89
CA LEU A 8 -1.84 24.79 -9.61
C LEU A 8 -1.50 25.58 -8.35
N GLY A 9 -2.44 25.72 -7.45
CA GLY A 9 -2.18 26.48 -6.20
C GLY A 9 -1.61 25.54 -5.13
N GLY A 10 -1.96 24.29 -5.19
CA GLY A 10 -1.44 23.32 -4.17
C GLY A 10 -1.71 21.89 -4.64
N SER A 11 -0.78 21.30 -5.33
CA SER A 11 -0.98 19.90 -5.81
C SER A 11 -0.73 18.91 -4.68
N SER A 12 -1.73 18.66 -3.86
CA SER A 12 -1.55 17.71 -2.74
C SER A 12 -1.39 16.29 -3.26
N ASP A 13 -2.46 15.60 -3.54
CA ASP A 13 -2.36 14.20 -4.06
C ASP A 13 -1.42 13.36 -3.18
N ALA A 14 -1.25 13.74 -1.94
CA ALA A 14 -0.35 12.98 -1.03
C ALA A 14 -0.99 12.78 0.34
N GLY A 15 -1.94 13.61 0.70
CA GLY A 15 -2.60 13.46 2.03
C GLY A 15 -3.13 12.04 2.18
N LEU A 16 -3.54 11.44 1.09
CA LEU A 16 -4.07 10.04 1.17
C LEU A 16 -2.97 9.09 1.68
N ALA A 17 -1.74 9.43 1.43
CA ALA A 17 -0.62 8.56 1.91
C ALA A 17 -0.30 8.85 3.37
N THR A 18 -0.10 10.10 3.71
CA THR A 18 0.23 10.46 5.13
C THR A 18 -0.95 10.08 6.03
N ALA A 19 -2.14 10.48 5.68
CA ALA A 19 -3.33 10.15 6.53
C ALA A 19 -3.45 8.63 6.67
N ALA A 20 -3.22 7.92 5.60
CA ALA A 20 -3.32 6.43 5.65
C ALA A 20 -2.30 5.87 6.65
N ALA A 21 -1.12 6.44 6.68
CA ALA A 21 -0.08 5.96 7.64
C ALA A 21 -0.58 6.09 9.08
N ARG A 22 -1.37 7.10 9.34
CA ARG A 22 -1.89 7.30 10.73
C ARG A 22 -3.22 6.57 10.91
N GLY A 23 -3.55 5.67 10.01
CA GLY A 23 -4.84 4.93 10.14
C GLY A 23 -6.01 5.92 10.10
N GLN A 24 -6.06 6.76 9.10
CA GLN A 24 -7.18 7.74 9.01
C GLN A 24 -8.00 7.52 7.72
N VAL A 25 -8.76 6.47 7.65
CA VAL A 25 -9.57 6.23 6.41
C VAL A 25 -10.46 7.43 6.14
N GLU A 26 -10.96 8.05 7.19
CA GLU A 26 -11.85 9.24 7.01
C GLU A 26 -11.09 10.34 6.27
N THR A 27 -9.95 10.73 6.76
CA THR A 27 -9.17 11.81 6.08
C THR A 27 -8.88 11.41 4.63
N VAL A 28 -8.59 10.16 4.40
CA VAL A 28 -8.29 9.69 3.02
C VAL A 28 -9.59 9.50 2.22
N ARG A 29 -10.69 9.31 2.90
CA ARG A 29 -11.99 9.11 2.18
C ARG A 29 -12.35 10.35 1.36
N GLN A 30 -12.22 11.51 1.96
CA GLN A 30 -12.56 12.76 1.23
C GLN A 30 -11.47 13.15 0.23
N LEU A 31 -10.24 13.21 0.66
CA LEU A 31 -9.13 13.59 -0.29
C LEU A 31 -9.18 12.77 -1.57
N LEU A 32 -9.02 11.47 -1.48
CA LEU A 32 -9.04 10.62 -2.70
C LEU A 32 -10.30 10.85 -3.54
N GLU A 33 -11.45 10.87 -2.91
CA GLU A 33 -12.71 11.09 -3.69
C GLU A 33 -12.93 12.59 -3.96
N ALA A 34 -11.96 13.41 -3.68
CA ALA A 34 -12.14 14.88 -3.92
C ALA A 34 -11.16 15.37 -5.01
N GLY A 35 -10.00 14.76 -5.11
CA GLY A 35 -9.03 15.20 -6.15
C GLY A 35 -7.71 14.44 -5.98
N ALA A 36 -7.37 14.02 -4.78
CA ALA A 36 -6.08 13.29 -4.56
C ALA A 36 -5.91 12.18 -5.61
N ASP A 37 -4.78 12.16 -6.27
CA ASP A 37 -4.54 11.11 -7.31
C ASP A 37 -4.26 9.76 -6.65
N PRO A 38 -4.71 8.71 -7.29
CA PRO A 38 -4.52 7.34 -6.74
C PRO A 38 -3.08 6.86 -6.99
N ASN A 39 -2.43 7.38 -7.99
CA ASN A 39 -1.03 6.96 -8.28
C ASN A 39 -0.06 8.12 -8.07
N ALA A 40 -0.36 8.98 -7.15
CA ALA A 40 0.54 10.15 -6.88
C ALA A 40 1.61 9.78 -5.83
N LEU A 41 2.78 9.40 -6.27
CA LEU A 41 3.85 9.02 -5.30
C LEU A 41 4.37 10.28 -4.58
N ASN A 42 4.96 10.13 -3.42
CA ASN A 42 5.47 11.32 -2.68
C ASN A 42 7.00 11.30 -2.60
N ARG A 43 7.59 12.36 -2.08
CA ARG A 43 9.08 12.42 -1.97
C ARG A 43 9.62 11.14 -1.33
N PHE A 44 8.83 10.48 -0.52
CA PHE A 44 9.31 9.22 0.13
C PHE A 44 9.35 8.09 -0.91
N GLY A 45 8.76 8.31 -2.06
CA GLY A 45 8.76 7.26 -3.12
C GLY A 45 8.24 5.94 -2.55
N ARG A 46 7.44 6.01 -1.51
CA ARG A 46 6.89 4.76 -0.91
C ARG A 46 5.52 4.44 -1.50
N ARG A 47 5.05 5.26 -2.42
CA ARG A 47 3.70 5.01 -3.03
C ARG A 47 2.63 4.94 -1.94
N PRO A 48 1.40 4.91 -2.36
CA PRO A 48 0.27 4.84 -1.38
C PRO A 48 0.20 3.45 -0.73
N ILE A 49 -0.61 3.33 0.30
CA ILE A 49 -0.75 2.01 1.01
C ILE A 49 0.57 1.57 1.64
N GLN A 50 1.61 1.39 0.86
CA GLN A 50 2.92 0.95 1.44
C GLN A 50 3.24 1.74 2.73
N VAL A 51 2.75 2.95 2.82
CA VAL A 51 3.01 3.76 4.05
C VAL A 51 1.70 4.01 4.80
N MET A 52 0.82 3.04 4.80
CA MET A 52 -0.49 3.21 5.52
C MET A 52 -0.54 2.31 6.74
N MET A 53 -1.55 2.46 7.56
CA MET A 53 -1.66 1.58 8.75
C MET A 53 -2.08 0.19 8.30
N MET A 54 -1.16 -0.72 8.18
CA MET A 54 -1.50 -2.09 7.72
C MET A 54 -2.46 -2.78 8.69
N GLY A 55 -2.75 -2.16 9.81
CA GLY A 55 -3.69 -2.78 10.79
C GLY A 55 -5.12 -2.35 10.47
N SER A 56 -5.38 -1.91 9.26
CA SER A 56 -6.75 -1.46 8.89
C SER A 56 -6.95 -1.61 7.38
N ALA A 57 -7.76 -2.56 6.96
CA ALA A 57 -8.01 -2.75 5.51
C ALA A 57 -8.76 -1.54 4.94
N GLN A 58 -9.55 -0.90 5.75
CA GLN A 58 -10.31 0.30 5.28
C GLN A 58 -9.37 1.29 4.59
N VAL A 59 -8.14 1.37 5.04
CA VAL A 59 -7.17 2.32 4.42
C VAL A 59 -6.70 1.76 3.07
N ALA A 60 -6.31 0.51 3.04
CA ALA A 60 -5.83 -0.09 1.77
C ALA A 60 -7.01 -0.28 0.79
N GLU A 61 -8.21 -0.36 1.31
CA GLU A 61 -9.39 -0.54 0.42
C GLU A 61 -9.61 0.69 -0.45
N LEU A 62 -9.69 1.86 0.14
CA LEU A 62 -9.91 3.09 -0.67
C LEU A 62 -8.76 3.31 -1.65
N LEU A 63 -7.55 3.40 -1.15
CA LEU A 63 -6.38 3.63 -2.05
C LEU A 63 -6.41 2.68 -3.26
N LEU A 64 -6.59 1.42 -3.02
CA LEU A 64 -6.64 0.45 -4.15
C LEU A 64 -7.92 0.62 -4.96
N LEU A 65 -8.95 1.14 -4.35
CA LEU A 65 -10.23 1.34 -5.09
C LEU A 65 -10.06 2.41 -6.17
N HIS A 66 -9.37 3.48 -5.86
CA HIS A 66 -9.15 4.56 -6.86
C HIS A 66 -8.05 4.14 -7.83
N GLY A 67 -7.09 3.38 -7.38
CA GLY A 67 -5.99 2.94 -8.28
C GLY A 67 -4.64 3.12 -7.58
N ALA A 68 -4.46 2.56 -6.42
CA ALA A 68 -3.17 2.70 -5.70
C ALA A 68 -2.08 1.90 -6.43
N GLU A 69 -0.94 1.74 -5.81
CA GLU A 69 0.16 0.97 -6.46
C GLU A 69 0.48 -0.28 -5.64
N PRO A 70 -0.35 -1.29 -5.80
CA PRO A 70 -0.14 -2.55 -5.05
C PRO A 70 0.98 -3.38 -5.69
N ASN A 71 1.20 -3.20 -6.98
CA ASN A 71 2.28 -3.97 -7.65
C ASN A 71 3.62 -3.23 -7.54
N CYS A 72 3.68 -2.02 -8.04
CA CYS A 72 4.95 -1.24 -7.97
C CYS A 72 5.45 -1.18 -6.52
N ALA A 73 6.67 -0.74 -6.33
CA ALA A 73 7.22 -0.66 -4.94
C ALA A 73 8.51 0.16 -4.91
N ASP A 74 9.32 -0.04 -3.89
CA ASP A 74 10.60 0.73 -3.80
C ASP A 74 11.66 0.10 -4.70
N PRO A 75 12.21 0.90 -5.59
CA PRO A 75 13.26 0.40 -6.51
C PRO A 75 14.59 0.21 -5.77
N ALA A 76 14.77 0.92 -4.69
CA ALA A 76 16.04 0.78 -3.92
C ALA A 76 16.25 -0.67 -3.47
N THR A 77 15.23 -1.28 -2.94
CA THR A 77 15.36 -2.69 -2.47
C THR A 77 14.05 -3.45 -2.67
N LEU A 78 13.66 -3.69 -3.91
CA LEU A 78 12.40 -4.43 -4.22
C LEU A 78 11.57 -4.72 -2.97
N THR A 79 10.74 -3.81 -2.56
CA THR A 79 9.91 -4.04 -1.34
C THR A 79 8.44 -3.79 -1.63
N ARG A 80 7.76 -4.76 -2.17
CA ARG A 80 6.31 -4.58 -2.49
C ARG A 80 5.51 -4.31 -1.21
N PRO A 81 4.34 -3.76 -1.38
CA PRO A 81 3.47 -3.45 -0.21
C PRO A 81 2.92 -4.74 0.40
N VAL A 82 2.94 -5.82 -0.33
CA VAL A 82 2.42 -7.10 0.21
C VAL A 82 3.23 -7.51 1.44
N HIS A 83 4.48 -7.18 1.47
CA HIS A 83 5.33 -7.55 2.65
C HIS A 83 4.83 -6.84 3.91
N ASP A 84 4.48 -5.58 3.79
CA ASP A 84 3.99 -4.83 4.98
C ASP A 84 2.61 -5.34 5.40
N ALA A 85 1.70 -5.47 4.47
CA ALA A 85 0.32 -5.95 4.82
C ALA A 85 0.41 -7.25 5.63
N ALA A 86 1.44 -8.02 5.41
CA ALA A 86 1.58 -9.30 6.17
C ALA A 86 2.51 -9.09 7.37
N ARG A 87 3.42 -8.16 7.27
CA ARG A 87 4.35 -7.89 8.41
C ARG A 87 3.55 -7.64 9.69
N GLU A 88 2.34 -7.14 9.55
CA GLU A 88 1.49 -6.89 10.76
C GLU A 88 0.49 -8.03 10.93
N GLY A 89 0.10 -8.65 9.85
CA GLY A 89 -0.87 -9.79 9.94
C GLY A 89 -2.26 -9.30 9.56
N PHE A 90 -2.37 -8.54 8.50
CA PHE A 90 -3.71 -8.04 8.06
C PHE A 90 -4.16 -8.77 6.79
N LEU A 91 -4.95 -9.80 6.93
CA LEU A 91 -5.43 -10.57 5.74
C LEU A 91 -6.45 -9.75 4.95
N ASP A 92 -7.13 -8.83 5.59
CA ASP A 92 -8.14 -8.00 4.87
C ASP A 92 -7.49 -7.23 3.72
N THR A 93 -6.45 -6.48 3.99
CA THR A 93 -5.78 -5.70 2.89
C THR A 93 -5.24 -6.66 1.83
N LEU A 94 -4.74 -7.79 2.24
CA LEU A 94 -4.18 -8.77 1.25
C LEU A 94 -5.26 -9.15 0.23
N VAL A 95 -6.44 -9.50 0.69
CA VAL A 95 -7.52 -9.88 -0.26
C VAL A 95 -7.83 -8.71 -1.20
N VAL A 96 -8.05 -7.54 -0.65
CA VAL A 96 -8.35 -6.35 -1.50
C VAL A 96 -7.25 -6.17 -2.56
N LEU A 97 -6.01 -6.27 -2.16
CA LEU A 97 -4.88 -6.10 -3.14
C LEU A 97 -5.02 -7.11 -4.28
N HIS A 98 -5.09 -8.38 -3.96
CA HIS A 98 -5.20 -9.42 -5.02
C HIS A 98 -6.53 -9.26 -5.77
N ARG A 99 -7.51 -8.66 -5.17
CA ARG A 99 -8.83 -8.49 -5.84
C ARG A 99 -8.78 -7.33 -6.85
N ALA A 100 -8.02 -6.31 -6.55
CA ALA A 100 -7.93 -5.15 -7.48
C ALA A 100 -6.68 -5.25 -8.36
N GLY A 101 -6.35 -6.42 -8.82
CA GLY A 101 -5.14 -6.57 -9.69
C GLY A 101 -3.88 -6.17 -8.91
N ALA A 102 -3.08 -7.14 -8.55
CA ALA A 102 -1.82 -6.81 -7.78
C ALA A 102 -0.91 -8.04 -7.74
N ARG A 103 0.35 -7.87 -8.03
CA ARG A 103 1.29 -9.04 -7.99
C ARG A 103 1.62 -9.41 -6.55
N LEU A 104 1.69 -10.67 -6.25
CA LEU A 104 2.00 -11.08 -4.85
C LEU A 104 3.17 -12.08 -4.82
N ASP A 105 3.94 -12.14 -5.88
CA ASP A 105 5.09 -13.09 -5.91
C ASP A 105 6.41 -12.34 -6.16
N VAL A 106 6.71 -11.38 -5.33
CA VAL A 106 7.99 -10.62 -5.51
C VAL A 106 8.96 -10.91 -4.37
N CYS A 107 10.20 -10.57 -4.53
CA CYS A 107 11.20 -10.81 -3.45
C CYS A 107 11.56 -9.49 -2.77
N ASP A 108 11.92 -9.53 -1.52
CA ASP A 108 12.29 -8.27 -0.81
C ASP A 108 13.71 -7.84 -1.17
N ALA A 109 13.97 -7.63 -2.45
CA ALA A 109 15.34 -7.20 -2.89
C ALA A 109 16.37 -8.31 -2.62
N TRP A 110 16.70 -8.52 -1.37
CA TRP A 110 17.70 -9.58 -1.04
C TRP A 110 17.15 -10.97 -1.38
N GLY A 111 16.02 -11.33 -0.85
CA GLY A 111 15.44 -12.66 -1.15
C GLY A 111 14.27 -12.95 -0.20
N ARG A 112 14.29 -12.40 0.98
CA ARG A 112 13.18 -12.64 1.95
C ARG A 112 11.82 -12.34 1.30
N LEU A 113 11.08 -13.35 0.96
CA LEU A 113 9.75 -13.12 0.33
C LEU A 113 8.73 -12.62 1.37
N PRO A 114 7.59 -12.20 0.89
CA PRO A 114 6.53 -11.69 1.80
C PRO A 114 5.88 -12.84 2.57
N VAL A 115 5.60 -13.92 1.91
CA VAL A 115 4.97 -15.08 2.60
C VAL A 115 5.86 -15.57 3.75
N ASP A 116 7.16 -15.51 3.56
CA ASP A 116 8.09 -15.96 4.64
C ASP A 116 7.98 -15.03 5.85
N LEU A 117 7.98 -13.74 5.62
CA LEU A 117 7.90 -12.78 6.76
C LEU A 117 6.58 -12.99 7.53
N ALA A 118 5.57 -13.47 6.85
CA ALA A 118 4.27 -13.70 7.54
C ALA A 118 4.41 -14.79 8.61
N GLU A 119 4.72 -15.99 8.20
CA GLU A 119 4.88 -17.11 9.18
C GLU A 119 5.88 -16.73 10.27
N GLU A 120 6.77 -15.81 9.99
CA GLU A 120 7.79 -15.40 11.01
C GLU A 120 7.11 -14.64 12.15
N GLN A 121 6.17 -13.79 11.86
CA GLN A 121 5.49 -13.02 12.94
C GLN A 121 4.24 -13.76 13.43
N GLY A 122 4.00 -14.95 12.95
CA GLY A 122 2.81 -15.71 13.39
C GLY A 122 1.60 -15.34 12.55
N HIS A 123 1.79 -15.11 11.27
CA HIS A 123 0.65 -14.75 10.39
C HIS A 123 0.40 -15.87 9.38
N ARG A 124 0.19 -17.07 9.86
CA ARG A 124 -0.06 -18.22 8.94
C ARG A 124 -1.20 -17.87 7.97
N ASP A 125 -2.12 -17.06 8.40
CA ASP A 125 -3.25 -16.67 7.51
C ASP A 125 -2.70 -15.91 6.29
N ILE A 126 -1.74 -15.06 6.49
CA ILE A 126 -1.16 -14.30 5.33
C ILE A 126 -0.25 -15.22 4.53
N ALA A 127 0.46 -16.10 5.20
CA ALA A 127 1.40 -17.02 4.48
C ALA A 127 0.64 -17.97 3.56
N ARG A 128 -0.27 -18.76 4.08
CA ARG A 128 -1.01 -19.70 3.21
C ARG A 128 -1.67 -18.95 2.05
N TYR A 129 -2.22 -17.80 2.31
CA TYR A 129 -2.85 -17.02 1.21
C TYR A 129 -1.76 -16.52 0.26
N LEU A 130 -0.67 -16.04 0.80
CA LEU A 130 0.43 -15.54 -0.05
C LEU A 130 1.04 -16.71 -0.84
N HIS A 131 1.33 -17.79 -0.17
CA HIS A 131 1.93 -18.97 -0.86
C HIS A 131 1.10 -19.33 -2.11
N ALA A 132 -0.18 -19.10 -2.06
CA ALA A 132 -1.04 -19.41 -3.24
C ALA A 132 -0.90 -18.32 -4.31
N ALA A 133 -0.57 -17.12 -3.91
CA ALA A 133 -0.42 -16.01 -4.90
C ALA A 133 1.06 -15.72 -5.18
N THR A 134 1.95 -16.28 -4.39
CA THR A 134 3.40 -16.03 -4.62
C THR A 134 3.99 -17.08 -5.56
N GLY A 135 3.44 -18.26 -5.56
CA GLY A 135 3.97 -19.34 -6.45
C GLY A 135 3.98 -18.86 -7.91
N ASP A 136 2.98 -19.22 -8.67
CA ASP A 136 2.93 -18.79 -10.08
C ASP A 136 1.48 -18.80 -10.58
N GLY A 1 -6.04 36.67 -7.10
CA GLY A 1 -4.68 36.94 -7.63
C GLY A 1 -4.21 35.75 -8.47
N SER A 2 -2.93 35.58 -8.62
CA SER A 2 -2.40 34.44 -9.42
C SER A 2 -2.47 33.15 -8.61
N PRO A 3 -2.86 32.08 -9.26
CA PRO A 3 -2.96 30.77 -8.57
C PRO A 3 -1.57 30.19 -8.32
N GLY A 4 -0.64 30.42 -9.21
CA GLY A 4 0.74 29.89 -9.01
C GLY A 4 1.12 29.01 -10.22
N ILE A 5 2.14 29.39 -10.93
CA ILE A 5 2.57 28.59 -12.11
C ILE A 5 3.05 27.20 -11.67
N HIS A 6 3.92 26.58 -12.43
CA HIS A 6 4.42 25.23 -12.04
C HIS A 6 4.93 25.23 -10.60
N MET A 7 6.10 25.78 -10.37
CA MET A 7 6.69 25.84 -8.99
C MET A 7 6.30 24.61 -8.16
N LEU A 8 7.06 23.55 -8.25
CA LEU A 8 6.74 22.31 -7.47
C LEU A 8 6.82 22.60 -5.97
N GLY A 9 5.70 22.81 -5.33
CA GLY A 9 5.73 23.09 -3.87
C GLY A 9 4.40 22.65 -3.23
N GLY A 10 4.44 22.22 -2.01
CA GLY A 10 3.19 21.77 -1.32
C GLY A 10 2.62 20.57 -2.07
N SER A 11 1.77 19.80 -1.43
CA SER A 11 1.18 18.62 -2.12
C SER A 11 0.03 18.05 -1.28
N SER A 12 -1.18 18.22 -1.73
CA SER A 12 -2.35 17.67 -0.97
C SER A 12 -2.50 16.18 -1.26
N ASP A 13 -2.06 15.75 -2.42
CA ASP A 13 -2.19 14.30 -2.76
C ASP A 13 -1.43 13.44 -1.74
N ALA A 14 -0.31 13.92 -1.27
CA ALA A 14 0.47 13.15 -0.27
C ALA A 14 -0.35 12.95 1.01
N GLY A 15 -1.37 13.76 1.20
CA GLY A 15 -2.22 13.62 2.41
C GLY A 15 -2.81 12.21 2.47
N LEU A 16 -2.95 11.56 1.34
CA LEU A 16 -3.51 10.18 1.33
C LEU A 16 -2.57 9.22 2.08
N ALA A 17 -1.29 9.41 1.95
CA ALA A 17 -0.33 8.52 2.65
C ALA A 17 -0.22 8.90 4.13
N THR A 18 -0.03 10.17 4.40
CA THR A 18 0.09 10.62 5.82
C THR A 18 -1.16 10.21 6.60
N ALA A 19 -2.33 10.58 6.14
CA ALA A 19 -3.58 10.21 6.86
C ALA A 19 -3.72 8.68 6.90
N ALA A 20 -3.27 8.02 5.87
CA ALA A 20 -3.38 6.52 5.85
C ALA A 20 -2.35 5.91 6.81
N ALA A 21 -1.15 6.40 6.81
CA ALA A 21 -0.10 5.85 7.72
C ALA A 21 -0.53 6.03 9.18
N ARG A 22 -1.31 7.05 9.46
CA ARG A 22 -1.76 7.29 10.85
C ARG A 22 -2.81 6.25 11.26
N GLY A 23 -3.53 5.73 10.31
CA GLY A 23 -4.58 4.71 10.62
C GLY A 23 -5.96 5.34 10.47
N GLN A 24 -6.10 6.31 9.60
CA GLN A 24 -7.42 6.96 9.40
C GLN A 24 -8.03 6.53 8.06
N VAL A 25 -9.32 6.35 8.02
CA VAL A 25 -9.99 5.94 6.74
C VAL A 25 -10.82 7.11 6.20
N GLU A 26 -11.70 7.64 6.99
CA GLU A 26 -12.55 8.78 6.52
C GLU A 26 -11.67 9.92 6.00
N THR A 27 -10.52 10.10 6.58
CA THR A 27 -9.62 11.19 6.13
C THR A 27 -9.20 10.98 4.67
N VAL A 28 -8.55 9.88 4.38
CA VAL A 28 -8.13 9.62 2.97
C VAL A 28 -9.37 9.52 2.06
N ARG A 29 -10.48 9.13 2.60
CA ARG A 29 -11.72 9.01 1.78
C ARG A 29 -12.18 10.39 1.32
N GLN A 30 -12.15 11.36 2.19
CA GLN A 30 -12.59 12.74 1.81
C GLN A 30 -11.67 13.31 0.73
N LEU A 31 -10.40 13.05 0.82
CA LEU A 31 -9.45 13.60 -0.20
C LEU A 31 -9.66 12.89 -1.55
N LEU A 32 -9.79 11.59 -1.54
CA LEU A 32 -9.98 10.86 -2.82
C LEU A 32 -11.32 11.22 -3.46
N GLU A 33 -12.40 11.04 -2.75
CA GLU A 33 -13.74 11.38 -3.31
C GLU A 33 -13.75 12.83 -3.81
N ALA A 34 -12.90 13.66 -3.25
CA ALA A 34 -12.85 15.08 -3.69
C ALA A 34 -12.08 15.20 -5.01
N GLY A 35 -10.80 14.96 -4.98
CA GLY A 35 -9.99 15.05 -6.22
C GLY A 35 -8.51 14.82 -5.89
N ALA A 36 -8.21 13.79 -5.13
CA ALA A 36 -6.79 13.51 -4.78
C ALA A 36 -6.13 12.66 -5.88
N ASP A 37 -4.84 12.51 -5.82
CA ASP A 37 -4.15 11.69 -6.86
C ASP A 37 -4.09 10.22 -6.42
N PRO A 38 -4.57 9.34 -7.28
CA PRO A 38 -4.57 7.90 -6.96
C PRO A 38 -3.15 7.33 -7.05
N ASN A 39 -2.25 8.03 -7.71
CA ASN A 39 -0.86 7.52 -7.83
C ASN A 39 0.13 8.59 -7.35
N ALA A 40 -0.20 9.27 -6.29
CA ALA A 40 0.72 10.32 -5.76
C ALA A 40 1.95 9.67 -5.11
N LEU A 41 3.09 9.80 -5.73
CA LEU A 41 4.33 9.19 -5.15
C LEU A 41 4.78 10.00 -3.93
N ASN A 42 4.45 9.54 -2.75
CA ASN A 42 4.85 10.28 -1.51
C ASN A 42 6.37 10.52 -1.49
N ARG A 43 6.86 11.15 -0.46
CA ARG A 43 8.33 11.41 -0.39
C ARG A 43 9.03 10.30 0.41
N PHE A 44 8.42 9.15 0.49
CA PHE A 44 9.06 8.02 1.25
C PHE A 44 9.48 6.91 0.28
N GLY A 45 9.66 7.24 -0.97
CA GLY A 45 10.07 6.20 -1.97
C GLY A 45 9.11 5.00 -1.89
N ARG A 46 7.90 5.23 -1.48
CA ARG A 46 6.93 4.10 -1.38
C ARG A 46 5.60 4.48 -2.04
N ARG A 47 4.58 3.69 -1.85
CA ARG A 47 3.26 4.00 -2.47
C ARG A 47 2.31 4.57 -1.40
N PRO A 48 1.12 4.95 -1.80
CA PRO A 48 0.14 5.51 -0.85
C PRO A 48 -0.37 4.43 0.10
N ILE A 49 -0.23 3.17 -0.27
CA ILE A 49 -0.70 2.08 0.61
C ILE A 49 0.50 1.42 1.29
N GLN A 50 1.65 1.44 0.67
CA GLN A 50 2.84 0.82 1.30
C GLN A 50 3.15 1.49 2.64
N VAL A 51 2.64 2.68 2.85
CA VAL A 51 2.88 3.40 4.14
C VAL A 51 1.56 3.83 4.77
N MET A 52 0.53 3.03 4.64
CA MET A 52 -0.79 3.39 5.23
C MET A 52 -0.95 2.72 6.61
N MET A 53 0.13 2.51 7.31
CA MET A 53 0.07 1.86 8.66
C MET A 53 -0.23 0.36 8.53
N MET A 54 -0.74 -0.09 7.40
CA MET A 54 -1.06 -1.54 7.23
C MET A 54 -1.89 -2.05 8.41
N GLY A 55 -2.62 -1.19 9.05
CA GLY A 55 -3.46 -1.62 10.21
C GLY A 55 -4.91 -1.22 9.97
N SER A 56 -5.32 -1.13 8.73
CA SER A 56 -6.73 -0.73 8.43
C SER A 56 -7.07 -1.05 6.97
N ALA A 57 -7.76 -2.13 6.74
CA ALA A 57 -8.13 -2.49 5.33
C ALA A 57 -8.97 -1.38 4.70
N GLN A 58 -9.66 -0.62 5.51
CA GLN A 58 -10.50 0.48 4.97
C GLN A 58 -9.65 1.44 4.13
N VAL A 59 -8.38 1.55 4.43
CA VAL A 59 -7.50 2.45 3.64
C VAL A 59 -6.92 1.70 2.44
N ALA A 60 -6.67 0.43 2.61
CA ALA A 60 -6.10 -0.38 1.48
C ALA A 60 -7.11 -0.45 0.32
N GLU A 61 -8.36 -0.59 0.63
CA GLU A 61 -9.40 -0.68 -0.45
C GLU A 61 -9.75 0.73 -0.96
N LEU A 62 -9.82 1.69 -0.09
CA LEU A 62 -10.17 3.08 -0.52
C LEU A 62 -9.21 3.53 -1.64
N LEU A 63 -7.93 3.54 -1.38
CA LEU A 63 -6.96 3.97 -2.43
C LEU A 63 -6.95 2.97 -3.58
N LEU A 64 -7.25 1.73 -3.32
CA LEU A 64 -7.25 0.70 -4.41
C LEU A 64 -8.36 1.00 -5.42
N LEU A 65 -9.61 0.90 -5.00
CA LEU A 65 -10.74 1.16 -5.94
C LEU A 65 -10.51 2.48 -6.68
N HIS A 66 -9.82 3.40 -6.08
CA HIS A 66 -9.56 4.70 -6.75
C HIS A 66 -8.46 4.55 -7.80
N GLY A 67 -7.27 4.19 -7.38
CA GLY A 67 -6.17 4.01 -8.35
C GLY A 67 -4.83 3.96 -7.61
N ALA A 68 -4.78 3.27 -6.49
CA ALA A 68 -3.50 3.19 -5.72
C ALA A 68 -2.41 2.52 -6.57
N GLU A 69 -1.29 2.21 -5.98
CA GLU A 69 -0.19 1.56 -6.74
C GLU A 69 0.23 0.25 -6.06
N PRO A 70 -0.61 -0.75 -6.19
CA PRO A 70 -0.32 -2.07 -5.59
C PRO A 70 0.66 -2.86 -6.46
N ASN A 71 0.89 -2.42 -7.67
CA ASN A 71 1.82 -3.17 -8.57
C ASN A 71 3.26 -2.64 -8.41
N CYS A 72 3.45 -1.36 -8.46
CA CYS A 72 4.83 -0.80 -8.31
C CYS A 72 5.46 -1.26 -6.98
N ALA A 73 6.72 -0.99 -6.79
CA ALA A 73 7.38 -1.41 -5.52
C ALA A 73 8.60 -0.53 -5.23
N ASP A 74 9.31 -0.81 -4.17
CA ASP A 74 10.52 -0.01 -3.83
C ASP A 74 11.75 -0.61 -4.50
N PRO A 75 12.35 0.14 -5.39
CA PRO A 75 13.56 -0.35 -6.10
C PRO A 75 14.76 -0.39 -5.14
N ALA A 76 14.66 0.29 -4.03
CA ALA A 76 15.79 0.28 -3.05
C ALA A 76 15.94 -1.10 -2.39
N THR A 77 14.89 -1.87 -2.36
CA THR A 77 14.98 -3.22 -1.72
C THR A 77 13.99 -4.19 -2.38
N LEU A 78 13.56 -3.90 -3.58
CA LEU A 78 12.60 -4.81 -4.28
C LEU A 78 11.42 -5.15 -3.35
N THR A 79 11.11 -4.28 -2.44
CA THR A 79 9.99 -4.54 -1.49
C THR A 79 8.65 -4.13 -2.11
N ARG A 80 7.73 -5.05 -2.22
CA ARG A 80 6.40 -4.73 -2.81
C ARG A 80 5.40 -4.40 -1.69
N PRO A 81 4.22 -3.97 -2.08
CA PRO A 81 3.17 -3.63 -1.09
C PRO A 81 2.68 -4.89 -0.38
N VAL A 82 2.95 -6.05 -0.95
CA VAL A 82 2.51 -7.31 -0.30
C VAL A 82 3.33 -7.56 0.96
N HIS A 83 4.56 -7.13 0.97
CA HIS A 83 5.43 -7.33 2.17
C HIS A 83 4.92 -6.48 3.32
N ASP A 84 4.58 -5.24 3.06
CA ASP A 84 4.07 -4.35 4.14
C ASP A 84 2.81 -4.96 4.76
N ALA A 85 1.78 -5.15 3.97
CA ALA A 85 0.52 -5.75 4.50
C ALA A 85 0.84 -7.07 5.20
N ALA A 86 1.94 -7.69 4.84
CA ALA A 86 2.33 -8.97 5.50
C ALA A 86 3.07 -8.68 6.80
N ARG A 87 3.76 -7.56 6.86
CA ARG A 87 4.50 -7.21 8.10
C ARG A 87 3.54 -7.15 9.28
N GLU A 88 2.34 -6.70 9.05
CA GLU A 88 1.33 -6.62 10.14
C GLU A 88 0.40 -7.84 10.10
N GLY A 89 0.38 -8.56 9.01
CA GLY A 89 -0.49 -9.76 8.91
C GLY A 89 -1.94 -9.33 8.67
N PHE A 90 -2.15 -8.46 7.71
CA PHE A 90 -3.55 -8.00 7.43
C PHE A 90 -4.09 -8.71 6.19
N LEU A 91 -4.69 -9.85 6.36
CA LEU A 91 -5.24 -10.60 5.19
C LEU A 91 -6.29 -9.76 4.46
N ASP A 92 -7.02 -8.94 5.18
CA ASP A 92 -8.05 -8.09 4.52
C ASP A 92 -7.43 -7.24 3.41
N THR A 93 -6.33 -6.59 3.70
CA THR A 93 -5.67 -5.75 2.66
C THR A 93 -5.07 -6.65 1.57
N LEU A 94 -4.63 -7.83 1.94
CA LEU A 94 -4.04 -8.75 0.92
C LEU A 94 -5.06 -9.03 -0.17
N VAL A 95 -6.30 -9.29 0.21
CA VAL A 95 -7.35 -9.56 -0.80
C VAL A 95 -7.51 -8.35 -1.72
N VAL A 96 -7.74 -7.20 -1.14
CA VAL A 96 -7.90 -5.96 -1.96
C VAL A 96 -6.84 -5.87 -3.06
N LEU A 97 -5.60 -6.13 -2.71
CA LEU A 97 -4.51 -6.06 -3.73
C LEU A 97 -4.68 -7.17 -4.77
N HIS A 98 -4.78 -8.40 -4.34
CA HIS A 98 -4.92 -9.52 -5.30
C HIS A 98 -6.25 -9.42 -6.06
N ARG A 99 -7.34 -9.17 -5.38
CA ARG A 99 -8.65 -9.08 -6.08
C ARG A 99 -8.72 -7.82 -6.95
N ALA A 100 -7.76 -6.94 -6.82
CA ALA A 100 -7.77 -5.70 -7.64
C ALA A 100 -6.51 -5.62 -8.50
N GLY A 101 -5.93 -6.74 -8.84
CA GLY A 101 -4.70 -6.73 -9.67
C GLY A 101 -3.49 -6.40 -8.81
N ALA A 102 -2.65 -7.38 -8.53
CA ALA A 102 -1.45 -7.13 -7.69
C ALA A 102 -0.53 -8.35 -7.72
N ARG A 103 0.65 -8.20 -8.26
CA ARG A 103 1.59 -9.35 -8.32
C ARG A 103 2.11 -9.68 -6.91
N LEU A 104 2.10 -10.94 -6.55
CA LEU A 104 2.58 -11.32 -5.19
C LEU A 104 3.76 -12.28 -5.29
N ASP A 105 4.50 -12.22 -6.37
CA ASP A 105 5.67 -13.13 -6.53
C ASP A 105 6.97 -12.33 -6.55
N VAL A 106 7.19 -11.50 -5.56
CA VAL A 106 8.43 -10.68 -5.53
C VAL A 106 9.20 -10.94 -4.22
N CYS A 107 10.49 -10.76 -4.24
CA CYS A 107 11.28 -10.99 -3.00
C CYS A 107 11.78 -9.66 -2.43
N ASP A 108 11.89 -9.55 -1.14
CA ASP A 108 12.37 -8.28 -0.53
C ASP A 108 13.86 -8.07 -0.82
N ALA A 109 14.21 -7.86 -2.06
CA ALA A 109 15.64 -7.65 -2.44
C ALA A 109 16.49 -8.84 -2.00
N TRP A 110 17.00 -9.60 -2.95
CA TRP A 110 17.85 -10.80 -2.61
C TRP A 110 17.36 -11.50 -1.34
N GLY A 111 16.07 -11.52 -1.12
CA GLY A 111 15.53 -12.18 0.11
C GLY A 111 14.54 -13.27 -0.29
N ARG A 112 13.35 -13.23 0.26
CA ARG A 112 12.34 -14.27 -0.08
C ARG A 112 10.97 -13.61 -0.30
N LEU A 113 9.98 -14.41 -0.62
CA LEU A 113 8.62 -13.84 -0.85
C LEU A 113 8.09 -13.21 0.44
N PRO A 114 7.03 -12.45 0.31
CA PRO A 114 6.43 -11.79 1.50
C PRO A 114 5.78 -12.81 2.42
N VAL A 115 5.51 -14.00 1.92
CA VAL A 115 4.87 -15.04 2.78
C VAL A 115 5.78 -15.38 3.97
N ASP A 116 7.07 -15.36 3.77
CA ASP A 116 8.00 -15.67 4.88
C ASP A 116 7.97 -14.55 5.93
N LEU A 117 7.94 -13.32 5.50
CA LEU A 117 7.90 -12.18 6.47
C LEU A 117 6.68 -12.31 7.39
N ALA A 118 5.61 -12.87 6.88
CA ALA A 118 4.39 -13.03 7.72
C ALA A 118 4.64 -14.06 8.82
N GLU A 119 4.80 -15.31 8.46
CA GLU A 119 5.03 -16.36 9.50
C GLU A 119 6.21 -15.98 10.40
N GLU A 120 7.12 -15.18 9.90
CA GLU A 120 8.30 -14.78 10.72
C GLU A 120 7.88 -13.77 11.80
N GLN A 121 6.85 -13.01 11.55
CA GLN A 121 6.41 -11.99 12.56
C GLN A 121 5.29 -12.58 13.44
N GLY A 122 4.67 -13.65 13.02
CA GLY A 122 3.58 -14.25 13.84
C GLY A 122 2.32 -14.39 12.99
N HIS A 123 2.28 -13.76 11.85
CA HIS A 123 1.08 -13.87 10.97
C HIS A 123 1.08 -15.22 10.26
N ARG A 124 0.36 -16.18 10.79
CA ARG A 124 0.32 -17.53 10.16
C ARG A 124 -0.83 -17.64 9.15
N ASP A 125 -1.99 -17.13 9.50
CA ASP A 125 -3.14 -17.20 8.55
C ASP A 125 -2.81 -16.42 7.28
N ILE A 126 -2.16 -15.30 7.42
CA ILE A 126 -1.80 -14.48 6.23
C ILE A 126 -0.80 -15.24 5.36
N ALA A 127 0.10 -15.96 5.97
CA ALA A 127 1.11 -16.74 5.18
C ALA A 127 0.40 -17.75 4.29
N ARG A 128 -0.65 -18.34 4.78
CA ARG A 128 -1.40 -19.35 3.95
C ARG A 128 -1.91 -18.69 2.67
N TYR A 129 -2.58 -17.57 2.80
CA TYR A 129 -3.10 -16.86 1.58
C TYR A 129 -1.94 -16.48 0.66
N LEU A 130 -0.77 -16.26 1.22
CA LEU A 130 0.41 -15.88 0.37
C LEU A 130 1.09 -17.14 -0.17
N HIS A 131 1.17 -18.18 0.62
CA HIS A 131 1.83 -19.43 0.15
C HIS A 131 1.19 -19.91 -1.16
N ALA A 132 -0.07 -19.62 -1.36
CA ALA A 132 -0.74 -20.04 -2.62
C ALA A 132 -0.81 -18.88 -3.61
N ALA A 133 -0.69 -17.67 -3.14
CA ALA A 133 -0.74 -16.50 -4.06
C ALA A 133 0.66 -16.10 -4.51
N THR A 134 1.66 -16.40 -3.72
CA THR A 134 3.05 -16.03 -4.10
C THR A 134 3.77 -17.25 -4.70
N GLY A 135 3.04 -18.27 -5.08
CA GLY A 135 3.69 -19.48 -5.66
C GLY A 135 3.43 -19.55 -7.17
N ASP A 136 2.66 -20.51 -7.60
CA ASP A 136 2.36 -20.65 -9.05
C ASP A 136 1.28 -21.71 -9.27
N GLY A 1 -14.74 34.53 3.61
CA GLY A 1 -13.41 34.57 4.29
C GLY A 1 -12.31 34.85 3.26
N SER A 2 -11.20 34.16 3.36
CA SER A 2 -10.10 34.40 2.38
C SER A 2 -10.45 33.78 1.02
N PRO A 3 -9.77 34.24 0.00
CA PRO A 3 -10.02 33.72 -1.37
C PRO A 3 -9.46 32.31 -1.51
N GLY A 4 -10.21 31.41 -2.09
CA GLY A 4 -9.72 30.01 -2.27
C GLY A 4 -10.17 29.48 -3.64
N ILE A 5 -9.86 30.20 -4.69
CA ILE A 5 -10.27 29.74 -6.04
C ILE A 5 -9.04 29.33 -6.86
N HIS A 6 -8.04 28.79 -6.20
CA HIS A 6 -6.81 28.36 -6.95
C HIS A 6 -6.88 26.87 -7.30
N MET A 7 -8.05 26.28 -7.21
CA MET A 7 -8.18 24.83 -7.54
C MET A 7 -7.25 23.99 -6.67
N LEU A 8 -7.48 22.70 -6.60
CA LEU A 8 -6.60 21.82 -5.77
C LEU A 8 -6.62 20.39 -6.31
N GLY A 9 -5.65 20.04 -7.11
CA GLY A 9 -5.61 18.64 -7.67
C GLY A 9 -4.18 18.13 -7.61
N GLY A 10 -3.26 18.83 -8.21
CA GLY A 10 -1.84 18.38 -8.19
C GLY A 10 -1.27 18.53 -6.78
N SER A 11 -1.80 19.44 -6.01
CA SER A 11 -1.30 19.64 -4.62
C SER A 11 -2.05 18.72 -3.65
N SER A 12 -1.72 18.79 -2.39
CA SER A 12 -2.42 17.92 -1.38
C SER A 12 -2.29 16.44 -1.77
N ASP A 13 -1.30 16.10 -2.55
CA ASP A 13 -1.13 14.68 -2.97
C ASP A 13 -0.67 13.84 -1.77
N ALA A 14 0.17 14.41 -0.94
CA ALA A 14 0.66 13.64 0.26
C ALA A 14 -0.45 13.52 1.29
N GLY A 15 -1.44 14.38 1.24
CA GLY A 15 -2.57 14.30 2.23
C GLY A 15 -3.23 12.92 2.15
N LEU A 16 -3.13 12.27 1.02
CA LEU A 16 -3.75 10.92 0.87
C LEU A 16 -2.91 9.86 1.60
N ALA A 17 -1.61 9.96 1.54
CA ALA A 17 -0.75 8.96 2.22
C ALA A 17 -0.58 9.27 3.70
N THR A 18 -0.46 10.53 4.05
CA THR A 18 -0.29 10.89 5.48
C THR A 18 -1.51 10.44 6.30
N ALA A 19 -2.70 10.62 5.78
CA ALA A 19 -3.91 10.19 6.53
C ALA A 19 -3.95 8.66 6.62
N ALA A 20 -3.79 7.99 5.53
CA ALA A 20 -3.80 6.50 5.55
C ALA A 20 -2.81 5.97 6.59
N ALA A 21 -1.61 6.50 6.60
CA ALA A 21 -0.60 6.02 7.59
C ALA A 21 -0.95 6.47 9.00
N ARG A 22 -1.81 7.46 9.13
CA ARG A 22 -2.19 7.95 10.49
C ARG A 22 -3.51 7.30 10.94
N GLY A 23 -3.82 6.14 10.43
CA GLY A 23 -5.10 5.47 10.84
C GLY A 23 -6.28 6.40 10.53
N GLN A 24 -6.23 7.11 9.45
CA GLN A 24 -7.34 8.05 9.10
C GLN A 24 -8.07 7.56 7.84
N VAL A 25 -9.12 6.81 8.00
CA VAL A 25 -9.88 6.30 6.82
C VAL A 25 -10.86 7.37 6.31
N GLU A 26 -11.78 7.79 7.13
CA GLU A 26 -12.77 8.82 6.69
C GLU A 26 -12.05 10.01 6.03
N THR A 27 -11.04 10.52 6.68
CA THR A 27 -10.27 11.67 6.12
C THR A 27 -9.78 11.34 4.71
N VAL A 28 -9.44 10.11 4.46
CA VAL A 28 -8.97 9.73 3.10
C VAL A 28 -10.16 9.52 2.16
N ARG A 29 -11.27 9.10 2.70
CA ARG A 29 -12.48 8.89 1.85
C ARG A 29 -12.88 10.19 1.14
N GLN A 30 -12.73 11.29 1.83
CA GLN A 30 -13.09 12.61 1.20
C GLN A 30 -11.97 13.08 0.26
N LEU A 31 -10.76 13.11 0.75
CA LEU A 31 -9.63 13.57 -0.11
C LEU A 31 -9.59 12.77 -1.42
N LEU A 32 -9.56 11.47 -1.34
CA LEU A 32 -9.52 10.65 -2.58
C LEU A 32 -10.70 10.98 -3.49
N GLU A 33 -11.90 10.79 -3.01
CA GLU A 33 -13.10 11.10 -3.85
C GLU A 33 -13.11 12.59 -4.23
N ALA A 34 -12.46 13.42 -3.46
CA ALA A 34 -12.43 14.87 -3.78
C ALA A 34 -11.50 15.13 -4.97
N GLY A 35 -10.23 14.88 -4.80
CA GLY A 35 -9.26 15.11 -5.91
C GLY A 35 -7.85 14.79 -5.43
N ALA A 36 -7.65 13.66 -4.81
CA ALA A 36 -6.30 13.28 -4.33
C ALA A 36 -5.53 12.55 -5.43
N ASP A 37 -4.27 12.29 -5.21
CA ASP A 37 -3.46 11.58 -6.24
C ASP A 37 -3.10 10.17 -5.74
N PRO A 38 -3.79 9.18 -6.24
CA PRO A 38 -3.53 7.78 -5.84
C PRO A 38 -2.19 7.29 -6.42
N ASN A 39 -1.66 8.00 -7.40
CA ASN A 39 -0.36 7.56 -7.99
C ASN A 39 0.76 8.53 -7.60
N ALA A 40 0.62 9.17 -6.47
CA ALA A 40 1.67 10.14 -6.02
C ALA A 40 2.64 9.46 -5.06
N LEU A 41 3.81 9.09 -5.54
CA LEU A 41 4.80 8.42 -4.65
C LEU A 41 5.27 9.39 -3.56
N ASN A 42 5.11 9.01 -2.31
CA ASN A 42 5.55 9.91 -1.21
C ASN A 42 7.07 10.12 -1.28
N ARG A 43 7.60 10.95 -0.42
CA ARG A 43 9.07 11.20 -0.45
C ARG A 43 9.83 10.00 0.13
N PHE A 44 9.12 9.03 0.66
CA PHE A 44 9.81 7.83 1.24
C PHE A 44 9.91 6.72 0.19
N GLY A 45 9.76 7.07 -1.07
CA GLY A 45 9.85 6.04 -2.15
C GLY A 45 8.90 4.88 -1.83
N ARG A 46 7.87 5.12 -1.06
CA ARG A 46 6.91 4.04 -0.72
C ARG A 46 5.57 4.31 -1.41
N ARG A 47 4.79 3.29 -1.63
CA ARG A 47 3.48 3.47 -2.31
C ARG A 47 2.49 4.14 -1.33
N PRO A 48 1.38 4.57 -1.85
CA PRO A 48 0.35 5.21 -0.98
C PRO A 48 -0.25 4.19 -0.02
N ILE A 49 -0.05 2.93 -0.27
CA ILE A 49 -0.60 1.88 0.64
C ILE A 49 0.55 1.23 1.43
N GLN A 50 1.76 1.39 0.98
CA GLN A 50 2.90 0.78 1.72
C GLN A 50 3.11 1.51 3.06
N VAL A 51 2.62 2.72 3.17
CA VAL A 51 2.79 3.48 4.44
C VAL A 51 1.44 3.60 5.17
N MET A 52 0.35 3.37 4.48
CA MET A 52 -0.99 3.48 5.15
C MET A 52 -1.05 2.57 6.38
N MET A 53 -2.01 2.77 7.23
CA MET A 53 -2.13 1.90 8.44
C MET A 53 -2.40 0.46 7.99
N MET A 54 -1.36 -0.29 7.77
CA MET A 54 -1.54 -1.71 7.31
C MET A 54 -2.54 -2.47 8.21
N GLY A 55 -2.79 -1.98 9.40
CA GLY A 55 -3.75 -2.68 10.30
C GLY A 55 -5.19 -2.20 10.01
N SER A 56 -5.43 -1.64 8.86
CA SER A 56 -6.80 -1.15 8.54
C SER A 56 -7.15 -1.45 7.08
N ALA A 57 -8.16 -2.24 6.84
CA ALA A 57 -8.55 -2.56 5.43
C ALA A 57 -9.26 -1.35 4.80
N GLN A 58 -9.86 -0.53 5.62
CA GLN A 58 -10.57 0.67 5.09
C GLN A 58 -9.64 1.51 4.22
N VAL A 59 -8.36 1.44 4.47
CA VAL A 59 -7.39 2.24 3.66
C VAL A 59 -6.93 1.44 2.44
N ALA A 60 -6.53 0.20 2.64
CA ALA A 60 -6.06 -0.64 1.50
C ALA A 60 -7.14 -0.69 0.41
N GLU A 61 -8.38 -0.70 0.79
CA GLU A 61 -9.48 -0.76 -0.23
C GLU A 61 -9.69 0.62 -0.87
N LEU A 62 -9.80 1.65 -0.07
CA LEU A 62 -10.02 3.01 -0.64
C LEU A 62 -8.97 3.34 -1.70
N LEU A 63 -7.71 3.45 -1.31
CA LEU A 63 -6.64 3.77 -2.29
C LEU A 63 -6.70 2.83 -3.50
N LEU A 64 -6.83 1.55 -3.27
CA LEU A 64 -6.90 0.59 -4.41
C LEU A 64 -8.02 0.98 -5.37
N LEU A 65 -9.17 1.35 -4.85
CA LEU A 65 -10.30 1.74 -5.72
C LEU A 65 -9.91 2.96 -6.57
N HIS A 66 -8.98 3.75 -6.10
CA HIS A 66 -8.54 4.95 -6.88
C HIS A 66 -7.30 4.62 -7.69
N GLY A 67 -7.10 3.37 -8.01
CA GLY A 67 -5.91 2.98 -8.81
C GLY A 67 -4.62 3.38 -8.08
N ALA A 68 -4.47 2.96 -6.86
CA ALA A 68 -3.24 3.30 -6.09
C ALA A 68 -2.04 2.56 -6.69
N GLU A 69 -1.08 2.18 -5.89
CA GLU A 69 0.10 1.44 -6.45
C GLU A 69 0.31 0.14 -5.68
N PRO A 70 -0.57 -0.80 -5.89
CA PRO A 70 -0.48 -2.10 -5.21
C PRO A 70 0.51 -3.01 -5.95
N ASN A 71 0.73 -2.76 -7.21
CA ASN A 71 1.68 -3.61 -8.00
C ASN A 71 3.06 -2.95 -8.03
N CYS A 72 3.11 -1.64 -7.97
CA CYS A 72 4.42 -0.94 -8.00
C CYS A 72 5.26 -1.30 -6.78
N ALA A 73 6.54 -1.50 -6.94
CA ALA A 73 7.40 -1.87 -5.79
C ALA A 73 8.62 -0.95 -5.72
N ASP A 74 9.42 -1.09 -4.70
CA ASP A 74 10.64 -0.23 -4.56
C ASP A 74 11.73 -0.74 -5.50
N PRO A 75 12.40 0.18 -6.16
CA PRO A 75 13.47 -0.19 -7.11
C PRO A 75 14.77 -0.53 -6.37
N ALA A 76 14.99 0.06 -5.22
CA ALA A 76 16.24 -0.22 -4.47
C ALA A 76 16.18 -1.62 -3.82
N THR A 77 15.01 -2.15 -3.61
CA THR A 77 14.91 -3.49 -2.98
C THR A 77 13.73 -4.29 -3.56
N LEU A 78 13.25 -3.92 -4.72
CA LEU A 78 12.11 -4.67 -5.35
C LEU A 78 11.08 -5.08 -4.29
N THR A 79 10.85 -4.22 -3.32
CA THR A 79 9.87 -4.56 -2.25
C THR A 79 8.45 -4.14 -2.65
N ARG A 80 7.53 -5.07 -2.59
CA ARG A 80 6.12 -4.74 -2.97
C ARG A 80 5.32 -4.33 -1.73
N PRO A 81 4.11 -3.89 -1.95
CA PRO A 81 3.23 -3.47 -0.82
C PRO A 81 2.68 -4.70 -0.09
N VAL A 82 2.71 -5.84 -0.72
CA VAL A 82 2.19 -7.08 -0.05
C VAL A 82 3.00 -7.37 1.20
N HIS A 83 4.28 -7.05 1.20
CA HIS A 83 5.13 -7.32 2.39
C HIS A 83 4.59 -6.54 3.60
N ASP A 84 4.27 -5.28 3.41
CA ASP A 84 3.74 -4.47 4.55
C ASP A 84 2.45 -5.09 5.07
N ALA A 85 1.47 -5.25 4.22
CA ALA A 85 0.18 -5.85 4.66
C ALA A 85 0.44 -7.17 5.39
N ALA A 86 1.49 -7.86 5.01
CA ALA A 86 1.83 -9.15 5.68
C ALA A 86 2.63 -8.87 6.95
N ARG A 87 3.29 -7.74 7.01
CA ARG A 87 4.09 -7.40 8.22
C ARG A 87 3.19 -7.34 9.45
N GLU A 88 1.98 -6.89 9.30
CA GLU A 88 1.05 -6.81 10.47
C GLU A 88 0.16 -8.06 10.53
N GLY A 89 0.04 -8.78 9.45
CA GLY A 89 -0.80 -10.00 9.44
C GLY A 89 -2.24 -9.64 9.07
N PHE A 90 -2.40 -8.61 8.26
CA PHE A 90 -3.77 -8.19 7.87
C PHE A 90 -4.12 -8.77 6.49
N LEU A 91 -4.73 -9.92 6.46
CA LEU A 91 -5.09 -10.54 5.14
C LEU A 91 -6.13 -9.68 4.41
N ASP A 92 -6.86 -8.88 5.15
CA ASP A 92 -7.89 -8.02 4.49
C ASP A 92 -7.25 -7.13 3.42
N THR A 93 -6.10 -6.58 3.70
CA THR A 93 -5.42 -5.71 2.69
C THR A 93 -4.86 -6.57 1.55
N LEU A 94 -4.37 -7.73 1.86
CA LEU A 94 -3.81 -8.62 0.80
C LEU A 94 -4.91 -8.99 -0.20
N VAL A 95 -6.08 -9.29 0.28
CA VAL A 95 -7.21 -9.64 -0.63
C VAL A 95 -7.52 -8.45 -1.54
N VAL A 96 -7.57 -7.27 -0.98
CA VAL A 96 -7.85 -6.07 -1.81
C VAL A 96 -6.84 -5.96 -2.95
N LEU A 97 -5.58 -6.18 -2.66
CA LEU A 97 -4.54 -6.11 -3.73
C LEU A 97 -4.83 -7.18 -4.80
N HIS A 98 -5.10 -8.39 -4.38
CA HIS A 98 -5.39 -9.47 -5.37
C HIS A 98 -6.75 -9.22 -6.03
N ARG A 99 -7.56 -8.38 -5.47
CA ARG A 99 -8.90 -8.10 -6.06
C ARG A 99 -8.75 -7.22 -7.31
N ALA A 100 -8.42 -5.98 -7.12
CA ALA A 100 -8.27 -5.06 -8.29
C ALA A 100 -7.15 -5.57 -9.22
N GLY A 101 -5.92 -5.34 -8.86
CA GLY A 101 -4.78 -5.81 -9.71
C GLY A 101 -3.47 -5.59 -8.98
N ALA A 102 -2.85 -6.65 -8.52
CA ALA A 102 -1.56 -6.51 -7.80
C ALA A 102 -0.83 -7.87 -7.79
N ARG A 103 0.35 -7.91 -8.35
CA ARG A 103 1.11 -9.20 -8.38
C ARG A 103 1.39 -9.68 -6.96
N LEU A 104 1.03 -10.91 -6.65
CA LEU A 104 1.27 -11.43 -5.28
C LEU A 104 2.33 -12.54 -5.32
N ASP A 105 3.53 -12.20 -5.69
CA ASP A 105 4.62 -13.23 -5.75
C ASP A 105 5.98 -12.55 -5.99
N VAL A 106 6.38 -11.71 -5.09
CA VAL A 106 7.70 -11.01 -5.26
C VAL A 106 8.51 -11.11 -3.96
N CYS A 107 9.74 -10.66 -4.00
CA CYS A 107 10.58 -10.69 -2.77
C CYS A 107 11.31 -9.35 -2.65
N ASP A 108 11.79 -9.01 -1.49
CA ASP A 108 12.49 -7.71 -1.33
C ASP A 108 13.81 -7.75 -2.09
N ALA A 109 13.76 -7.72 -3.40
CA ALA A 109 14.99 -7.75 -4.23
C ALA A 109 15.82 -8.99 -3.89
N TRP A 110 16.58 -8.94 -2.82
CA TRP A 110 17.40 -10.12 -2.41
C TRP A 110 17.09 -10.46 -0.95
N GLY A 111 15.88 -10.24 -0.52
CA GLY A 111 15.53 -10.54 0.89
C GLY A 111 14.48 -11.65 0.96
N ARG A 112 13.55 -11.56 1.87
CA ARG A 112 12.51 -12.61 2.01
C ARG A 112 11.23 -12.20 1.29
N LEU A 113 10.40 -13.16 0.95
CA LEU A 113 9.12 -12.85 0.26
C LEU A 113 8.09 -12.34 1.28
N PRO A 114 6.94 -11.95 0.80
CA PRO A 114 5.87 -11.46 1.72
C PRO A 114 5.37 -12.59 2.61
N VAL A 115 5.67 -13.82 2.25
CA VAL A 115 5.22 -14.97 3.08
C VAL A 115 6.31 -15.33 4.09
N ASP A 116 7.55 -15.19 3.71
CA ASP A 116 8.67 -15.52 4.64
C ASP A 116 8.68 -14.53 5.80
N LEU A 117 8.47 -13.27 5.53
CA LEU A 117 8.47 -12.25 6.62
C LEU A 117 7.43 -12.63 7.68
N ALA A 118 6.36 -13.26 7.28
CA ALA A 118 5.31 -13.67 8.25
C ALA A 118 5.69 -14.99 8.91
N GLU A 119 6.29 -15.89 8.17
CA GLU A 119 6.69 -17.20 8.75
C GLU A 119 7.57 -17.00 9.98
N GLU A 120 8.27 -15.90 10.07
CA GLU A 120 9.15 -15.64 11.24
C GLU A 120 8.39 -14.88 12.33
N GLN A 121 7.69 -13.83 11.97
CA GLN A 121 6.95 -13.05 13.00
C GLN A 121 5.81 -13.89 13.61
N GLY A 122 4.59 -13.70 13.17
CA GLY A 122 3.47 -14.51 13.74
C GLY A 122 2.24 -14.44 12.83
N HIS A 123 2.42 -14.19 11.56
CA HIS A 123 1.25 -14.13 10.64
C HIS A 123 1.15 -15.45 9.87
N ARG A 124 0.49 -16.43 10.44
CA ARG A 124 0.37 -17.74 9.74
C ARG A 124 -0.76 -17.70 8.70
N ASP A 125 -1.95 -17.39 9.10
CA ASP A 125 -3.10 -17.34 8.13
C ASP A 125 -2.70 -16.57 6.86
N ILE A 126 -2.08 -15.44 7.01
CA ILE A 126 -1.67 -14.67 5.80
C ILE A 126 -0.60 -15.45 5.03
N ALA A 127 0.27 -16.12 5.73
CA ALA A 127 1.34 -16.92 5.05
C ALA A 127 0.70 -18.02 4.20
N ARG A 128 -0.34 -18.64 4.69
CA ARG A 128 -1.01 -19.71 3.90
C ARG A 128 -1.60 -19.11 2.63
N TYR A 129 -2.19 -17.95 2.74
CA TYR A 129 -2.78 -17.29 1.54
C TYR A 129 -1.67 -16.73 0.67
N LEU A 130 -0.57 -16.33 1.27
CA LEU A 130 0.56 -15.77 0.49
C LEU A 130 1.27 -16.89 -0.27
N HIS A 131 1.78 -17.87 0.43
CA HIS A 131 2.50 -18.99 -0.26
C HIS A 131 1.56 -19.64 -1.29
N ALA A 132 0.28 -19.59 -1.06
CA ALA A 132 -0.67 -20.21 -2.02
C ALA A 132 -0.73 -19.39 -3.32
N ALA A 133 -0.58 -18.10 -3.21
CA ALA A 133 -0.62 -17.24 -4.43
C ALA A 133 0.81 -16.88 -4.88
N THR A 134 1.75 -16.95 -3.99
CA THR A 134 3.16 -16.61 -4.37
C THR A 134 3.93 -17.88 -4.75
N GLY A 135 3.22 -18.96 -5.02
CA GLY A 135 3.92 -20.22 -5.40
C GLY A 135 4.24 -20.19 -6.90
N ASP A 136 5.12 -19.32 -7.30
CA ASP A 136 5.49 -19.23 -8.74
C ASP A 136 5.85 -20.61 -9.30
N GLY A 1 12.27 34.43 -5.96
CA GLY A 1 12.19 33.47 -4.83
C GLY A 1 13.38 33.68 -3.89
N SER A 2 13.25 34.58 -2.96
CA SER A 2 14.37 34.85 -2.00
C SER A 2 14.63 33.61 -1.14
N PRO A 3 13.61 33.15 -0.44
CA PRO A 3 13.77 31.96 0.43
C PRO A 3 13.89 30.69 -0.41
N GLY A 4 13.24 30.64 -1.54
CA GLY A 4 13.32 29.43 -2.41
C GLY A 4 14.75 29.27 -2.94
N ILE A 5 15.33 28.12 -2.75
CA ILE A 5 16.73 27.89 -3.25
C ILE A 5 16.90 26.45 -3.74
N HIS A 6 15.83 25.80 -4.11
CA HIS A 6 15.95 24.39 -4.60
C HIS A 6 14.61 23.93 -5.21
N MET A 7 14.24 22.68 -4.98
CA MET A 7 12.96 22.15 -5.56
C MET A 7 11.79 23.10 -5.26
N LEU A 8 10.63 22.80 -5.79
CA LEU A 8 9.44 23.66 -5.55
C LEU A 8 8.15 22.84 -5.68
N GLY A 9 7.73 22.23 -4.61
CA GLY A 9 6.49 21.40 -4.68
C GLY A 9 5.28 22.27 -4.31
N GLY A 10 4.19 21.65 -3.94
CA GLY A 10 2.97 22.43 -3.56
C GLY A 10 2.69 22.25 -2.07
N SER A 11 1.73 21.42 -1.75
CA SER A 11 1.40 21.20 -0.31
C SER A 11 1.22 19.71 -0.02
N SER A 12 0.09 19.15 -0.38
CA SER A 12 -0.14 17.69 -0.11
C SER A 12 -0.53 16.97 -1.40
N ASP A 13 0.42 16.37 -2.07
CA ASP A 13 0.11 15.63 -3.32
C ASP A 13 -0.47 14.25 -3.00
N ALA A 14 -0.27 13.79 -1.79
CA ALA A 14 -0.80 12.45 -1.41
C ALA A 14 -1.16 12.44 0.08
N GLY A 15 -1.91 13.40 0.53
CA GLY A 15 -2.30 13.44 1.97
C GLY A 15 -2.97 12.13 2.34
N LEU A 16 -3.58 11.48 1.39
CA LEU A 16 -4.26 10.17 1.67
C LEU A 16 -3.24 9.18 2.23
N ALA A 17 -2.01 9.26 1.78
CA ALA A 17 -0.97 8.32 2.29
C ALA A 17 -0.52 8.76 3.69
N THR A 18 -0.40 10.04 3.91
CA THR A 18 0.01 10.53 5.26
C THR A 18 -1.03 10.12 6.30
N ALA A 19 -2.27 10.46 6.08
CA ALA A 19 -3.33 10.09 7.07
C ALA A 19 -3.47 8.57 7.12
N ALA A 20 -3.24 7.90 6.02
CA ALA A 20 -3.35 6.42 6.02
C ALA A 20 -2.24 5.83 6.89
N ALA A 21 -1.09 6.46 6.92
CA ALA A 21 0.03 5.94 7.75
C ALA A 21 -0.29 6.12 9.24
N ARG A 22 -1.09 7.11 9.57
CA ARG A 22 -1.44 7.32 11.01
C ARG A 22 -2.82 6.73 11.32
N GLY A 23 -3.28 5.81 10.51
CA GLY A 23 -4.61 5.17 10.76
C GLY A 23 -5.73 6.20 10.71
N GLN A 24 -6.21 6.53 9.53
CA GLN A 24 -7.32 7.51 9.42
C GLN A 24 -8.15 7.23 8.16
N VAL A 25 -8.91 6.17 8.17
CA VAL A 25 -9.75 5.83 6.97
C VAL A 25 -10.69 7.01 6.65
N GLU A 26 -11.28 7.59 7.65
CA GLU A 26 -12.21 8.74 7.40
C GLU A 26 -11.49 9.86 6.64
N THR A 27 -10.36 10.29 7.14
CA THR A 27 -9.61 11.39 6.44
C THR A 27 -9.15 10.91 5.06
N VAL A 28 -8.67 9.70 4.97
CA VAL A 28 -8.20 9.18 3.66
C VAL A 28 -9.37 9.11 2.66
N ARG A 29 -10.53 8.74 3.13
CA ARG A 29 -11.70 8.66 2.22
C ARG A 29 -12.13 10.07 1.78
N GLN A 30 -11.82 11.07 2.56
CA GLN A 30 -12.21 12.46 2.20
C GLN A 30 -11.24 13.03 1.15
N LEU A 31 -9.96 12.99 1.43
CA LEU A 31 -8.97 13.54 0.45
C LEU A 31 -9.08 12.80 -0.89
N LEU A 32 -9.18 11.49 -0.85
CA LEU A 32 -9.28 10.73 -2.13
C LEU A 32 -10.48 11.21 -2.95
N GLU A 33 -11.64 11.23 -2.36
CA GLU A 33 -12.85 11.70 -3.11
C GLU A 33 -12.83 13.23 -3.25
N ALA A 34 -11.89 13.90 -2.63
CA ALA A 34 -11.83 15.38 -2.74
C ALA A 34 -11.09 15.80 -4.02
N GLY A 35 -10.05 15.10 -4.37
CA GLY A 35 -9.30 15.47 -5.61
C GLY A 35 -7.93 14.80 -5.62
N ALA A 36 -7.43 14.37 -4.49
CA ALA A 36 -6.09 13.72 -4.44
C ALA A 36 -5.96 12.65 -5.53
N ASP A 37 -4.85 12.61 -6.21
CA ASP A 37 -4.66 11.59 -7.28
C ASP A 37 -4.32 10.23 -6.66
N PRO A 38 -4.70 9.19 -7.35
CA PRO A 38 -4.44 7.81 -6.86
C PRO A 38 -2.99 7.38 -7.17
N ASN A 39 -2.19 8.26 -7.72
CA ASN A 39 -0.78 7.88 -8.05
C ASN A 39 0.19 8.99 -7.64
N ALA A 40 0.02 9.55 -6.48
CA ALA A 40 0.95 10.63 -6.03
C ALA A 40 1.81 10.12 -4.87
N LEU A 41 3.06 9.82 -5.13
CA LEU A 41 3.94 9.31 -4.05
C LEU A 41 4.32 10.44 -3.09
N ASN A 42 4.33 10.18 -1.81
CA ASN A 42 4.69 11.24 -0.83
C ASN A 42 6.07 10.97 -0.23
N ARG A 43 7.11 11.36 -0.92
CA ARG A 43 8.49 11.15 -0.41
C ARG A 43 8.70 9.69 -0.01
N PHE A 44 9.81 9.38 0.62
CA PHE A 44 10.12 7.98 1.04
C PHE A 44 10.04 7.03 -0.16
N GLY A 45 10.02 7.55 -1.37
CA GLY A 45 9.96 6.69 -2.59
C GLY A 45 9.05 5.48 -2.35
N ARG A 46 7.99 5.67 -1.60
CA ARG A 46 7.07 4.54 -1.33
C ARG A 46 5.76 4.71 -2.11
N ARG A 47 4.75 3.97 -1.74
CA ARG A 47 3.44 4.07 -2.44
C ARG A 47 2.38 4.58 -1.46
N PRO A 48 1.17 4.79 -1.95
CA PRO A 48 0.09 5.28 -1.06
C PRO A 48 -0.36 4.16 -0.12
N ILE A 49 -0.07 2.93 -0.44
CA ILE A 49 -0.47 1.80 0.45
C ILE A 49 0.76 1.29 1.20
N GLN A 50 1.93 1.44 0.64
CA GLN A 50 3.16 0.96 1.32
C GLN A 50 3.54 1.89 2.48
N VAL A 51 2.82 2.97 2.64
CA VAL A 51 3.14 3.92 3.75
C VAL A 51 2.00 3.96 4.78
N MET A 52 0.83 3.52 4.41
CA MET A 52 -0.30 3.56 5.38
C MET A 52 -0.01 2.63 6.56
N MET A 53 -0.74 2.77 7.64
CA MET A 53 -0.51 1.90 8.83
C MET A 53 -0.59 0.41 8.44
N MET A 54 -1.17 0.12 7.29
CA MET A 54 -1.27 -1.31 6.86
C MET A 54 -2.06 -2.11 7.90
N GLY A 55 -2.89 -1.46 8.66
CA GLY A 55 -3.70 -2.18 9.69
C GLY A 55 -5.18 -1.80 9.51
N SER A 56 -5.54 -1.31 8.36
CA SER A 56 -6.96 -0.93 8.12
C SER A 56 -7.32 -1.13 6.65
N ALA A 57 -7.91 -2.24 6.31
CA ALA A 57 -8.30 -2.51 4.90
C ALA A 57 -9.12 -1.35 4.33
N GLN A 58 -9.80 -0.62 5.19
CA GLN A 58 -10.61 0.54 4.71
C GLN A 58 -9.73 1.48 3.88
N VAL A 59 -8.49 1.61 4.25
CA VAL A 59 -7.56 2.50 3.49
C VAL A 59 -6.99 1.77 2.28
N ALA A 60 -6.67 0.52 2.42
CA ALA A 60 -6.11 -0.26 1.28
C ALA A 60 -7.16 -0.45 0.18
N GLU A 61 -8.41 -0.58 0.55
CA GLU A 61 -9.48 -0.76 -0.47
C GLU A 61 -9.80 0.56 -1.18
N LEU A 62 -9.83 1.63 -0.45
CA LEU A 62 -10.15 2.96 -1.06
C LEU A 62 -9.18 3.27 -2.21
N LEU A 63 -7.91 3.40 -1.90
CA LEU A 63 -6.92 3.72 -2.96
C LEU A 63 -6.91 2.64 -4.04
N LEU A 64 -7.21 1.41 -3.69
CA LEU A 64 -7.20 0.31 -4.71
C LEU A 64 -8.20 0.60 -5.83
N LEU A 65 -9.48 0.58 -5.53
CA LEU A 65 -10.50 0.83 -6.59
C LEU A 65 -10.19 2.13 -7.34
N HIS A 66 -9.50 3.05 -6.71
CA HIS A 66 -9.17 4.33 -7.40
C HIS A 66 -7.96 4.14 -8.32
N GLY A 67 -6.81 3.90 -7.77
CA GLY A 67 -5.60 3.70 -8.61
C GLY A 67 -4.36 3.58 -7.71
N ALA A 68 -4.47 2.89 -6.61
CA ALA A 68 -3.29 2.74 -5.70
C ALA A 68 -2.15 2.03 -6.43
N GLU A 69 -1.18 1.56 -5.69
CA GLU A 69 -0.03 0.84 -6.34
C GLU A 69 0.15 -0.54 -5.68
N PRO A 70 -0.73 -1.43 -6.02
CA PRO A 70 -0.67 -2.81 -5.46
C PRO A 70 0.41 -3.61 -6.19
N ASN A 71 0.61 -3.35 -7.45
CA ASN A 71 1.65 -4.11 -8.21
C ASN A 71 2.96 -3.31 -8.23
N CYS A 72 2.88 -2.01 -8.19
CA CYS A 72 4.11 -1.18 -8.21
C CYS A 72 4.96 -1.46 -6.96
N ALA A 73 6.16 -0.96 -6.92
CA ALA A 73 7.03 -1.21 -5.73
C ALA A 73 8.26 -0.31 -5.78
N ASP A 74 9.13 -0.42 -4.80
CA ASP A 74 10.36 0.43 -4.79
C ASP A 74 11.40 -0.15 -5.76
N PRO A 75 11.95 0.72 -6.58
CA PRO A 75 12.97 0.29 -7.56
C PRO A 75 14.32 0.06 -6.87
N ALA A 76 14.53 0.70 -5.73
CA ALA A 76 15.82 0.54 -5.01
C ALA A 76 15.91 -0.83 -4.34
N THR A 77 14.78 -1.39 -3.96
CA THR A 77 14.80 -2.72 -3.29
C THR A 77 13.65 -3.60 -3.81
N LEU A 78 13.07 -3.26 -4.93
CA LEU A 78 11.94 -4.06 -5.49
C LEU A 78 10.97 -4.49 -4.39
N THR A 79 10.85 -3.70 -3.35
CA THR A 79 9.95 -4.06 -2.23
C THR A 79 8.48 -3.89 -2.65
N ARG A 80 7.65 -4.85 -2.34
CA ARG A 80 6.21 -4.76 -2.72
C ARG A 80 5.35 -4.48 -1.48
N PRO A 81 4.13 -4.08 -1.72
CA PRO A 81 3.18 -3.78 -0.59
C PRO A 81 2.76 -5.08 0.09
N VAL A 82 2.81 -6.19 -0.60
CA VAL A 82 2.42 -7.49 0.01
C VAL A 82 3.29 -7.78 1.23
N HIS A 83 4.50 -7.29 1.24
CA HIS A 83 5.40 -7.52 2.40
C HIS A 83 4.88 -6.78 3.64
N ASP A 84 4.31 -5.62 3.43
CA ASP A 84 3.80 -4.83 4.58
C ASP A 84 2.45 -5.40 5.07
N ALA A 85 1.48 -5.51 4.19
CA ALA A 85 0.16 -6.07 4.61
C ALA A 85 0.36 -7.43 5.28
N ALA A 86 1.42 -8.12 4.95
CA ALA A 86 1.68 -9.44 5.59
C ALA A 86 2.43 -9.22 6.91
N ARG A 87 3.08 -8.10 7.06
CA ARG A 87 3.83 -7.81 8.32
C ARG A 87 2.86 -7.42 9.45
N GLU A 88 1.64 -7.07 9.11
CA GLU A 88 0.66 -6.68 10.15
C GLU A 88 -0.30 -7.83 10.45
N GLY A 89 -0.64 -8.60 9.45
CA GLY A 89 -1.57 -9.75 9.67
C GLY A 89 -2.97 -9.37 9.18
N PHE A 90 -3.07 -8.59 8.14
CA PHE A 90 -4.39 -8.19 7.62
C PHE A 90 -4.72 -8.96 6.34
N LEU A 91 -5.60 -9.93 6.43
CA LEU A 91 -5.97 -10.73 5.23
C LEU A 91 -6.92 -9.93 4.33
N ASP A 92 -7.62 -8.97 4.89
CA ASP A 92 -8.57 -8.16 4.07
C ASP A 92 -7.80 -7.30 3.05
N THR A 93 -6.80 -6.60 3.48
CA THR A 93 -6.03 -5.75 2.53
C THR A 93 -5.31 -6.62 1.50
N LEU A 94 -4.88 -7.79 1.89
CA LEU A 94 -4.17 -8.69 0.93
C LEU A 94 -5.13 -9.06 -0.22
N VAL A 95 -6.32 -9.48 0.11
CA VAL A 95 -7.30 -9.86 -0.96
C VAL A 95 -7.56 -8.64 -1.85
N VAL A 96 -7.67 -7.48 -1.26
CA VAL A 96 -7.93 -6.25 -2.07
C VAL A 96 -6.87 -6.10 -3.16
N LEU A 97 -5.61 -6.14 -2.80
CA LEU A 97 -4.53 -6.00 -3.82
C LEU A 97 -4.72 -7.01 -4.95
N HIS A 98 -4.89 -8.27 -4.63
CA HIS A 98 -5.08 -9.29 -5.69
C HIS A 98 -6.35 -8.99 -6.50
N ARG A 99 -7.28 -8.29 -5.90
CA ARG A 99 -8.54 -7.95 -6.63
C ARG A 99 -8.28 -6.88 -7.69
N ALA A 100 -7.25 -6.11 -7.53
CA ALA A 100 -6.94 -5.04 -8.51
C ALA A 100 -5.54 -5.25 -9.11
N GLY A 101 -5.14 -6.48 -9.30
CA GLY A 101 -3.78 -6.73 -9.88
C GLY A 101 -2.72 -6.51 -8.81
N ALA A 102 -2.03 -7.54 -8.42
CA ALA A 102 -0.96 -7.38 -7.38
C ALA A 102 0.07 -8.50 -7.51
N ARG A 103 1.33 -8.16 -7.52
CA ARG A 103 2.39 -9.21 -7.65
C ARG A 103 2.60 -9.91 -6.29
N LEU A 104 2.82 -11.20 -6.31
CA LEU A 104 3.04 -11.94 -5.03
C LEU A 104 4.24 -12.87 -5.17
N ASP A 105 5.01 -12.74 -6.21
CA ASP A 105 6.21 -13.62 -6.39
C ASP A 105 7.49 -12.79 -6.23
N VAL A 106 7.40 -11.68 -5.54
CA VAL A 106 8.61 -10.83 -5.34
C VAL A 106 9.32 -11.22 -4.05
N CYS A 107 10.63 -11.16 -4.01
CA CYS A 107 11.37 -11.54 -2.78
C CYS A 107 12.09 -10.33 -2.20
N ASP A 108 11.45 -9.19 -2.17
CA ASP A 108 12.10 -7.95 -1.63
C ASP A 108 13.47 -7.73 -2.29
N ALA A 109 13.47 -7.38 -3.54
CA ALA A 109 14.76 -7.14 -4.27
C ALA A 109 15.58 -8.43 -4.33
N TRP A 110 16.23 -8.78 -3.26
CA TRP A 110 17.05 -10.02 -3.24
C TRP A 110 17.20 -10.53 -1.81
N GLY A 111 16.12 -10.57 -1.07
CA GLY A 111 16.20 -11.04 0.34
C GLY A 111 15.13 -12.11 0.60
N ARG A 112 14.22 -11.84 1.50
CA ARG A 112 13.16 -12.85 1.81
C ARG A 112 11.89 -12.55 1.00
N LEU A 113 10.86 -13.33 1.20
CA LEU A 113 9.59 -13.11 0.46
C LEU A 113 8.54 -12.49 1.40
N PRO A 114 7.42 -12.12 0.84
CA PRO A 114 6.33 -11.51 1.66
C PRO A 114 5.75 -12.55 2.62
N VAL A 115 5.94 -13.81 2.34
CA VAL A 115 5.40 -14.87 3.24
C VAL A 115 6.37 -15.12 4.40
N ASP A 116 7.62 -14.79 4.24
CA ASP A 116 8.61 -14.99 5.33
C ASP A 116 8.23 -14.14 6.55
N LEU A 117 7.58 -13.04 6.33
CA LEU A 117 7.17 -12.17 7.47
C LEU A 117 6.30 -12.96 8.46
N ALA A 118 5.11 -13.31 8.05
CA ALA A 118 4.21 -14.08 8.96
C ALA A 118 4.87 -15.43 9.29
N GLU A 119 5.42 -16.09 8.30
CA GLU A 119 6.09 -17.40 8.55
C GLU A 119 7.02 -17.28 9.75
N GLU A 120 7.59 -16.12 9.94
CA GLU A 120 8.51 -15.90 11.09
C GLU A 120 7.70 -15.96 12.39
N GLN A 121 6.77 -15.06 12.56
CA GLN A 121 5.93 -15.06 13.80
C GLN A 121 5.06 -13.81 13.85
N GLY A 122 3.77 -13.96 13.76
CA GLY A 122 2.88 -12.76 13.82
C GLY A 122 1.55 -13.05 13.13
N HIS A 123 1.58 -13.51 11.91
CA HIS A 123 0.29 -13.78 11.19
C HIS A 123 0.39 -15.08 10.39
N ARG A 124 0.32 -16.20 11.06
CA ARG A 124 0.39 -17.51 10.34
C ARG A 124 -0.78 -17.63 9.35
N ASP A 125 -1.84 -16.90 9.58
CA ASP A 125 -3.01 -16.97 8.66
C ASP A 125 -2.70 -16.26 7.35
N ILE A 126 -2.06 -15.12 7.40
CA ILE A 126 -1.73 -14.39 6.14
C ILE A 126 -0.81 -15.24 5.26
N ALA A 127 0.00 -16.06 5.87
CA ALA A 127 0.93 -16.93 5.08
C ALA A 127 0.11 -17.92 4.26
N ARG A 128 -0.77 -18.65 4.90
CA ARG A 128 -1.61 -19.65 4.17
C ARG A 128 -2.17 -19.04 2.88
N TYR A 129 -2.71 -17.85 2.97
CA TYR A 129 -3.29 -17.20 1.76
C TYR A 129 -2.19 -16.53 0.91
N LEU A 130 -1.44 -15.64 1.49
CA LEU A 130 -0.38 -14.95 0.70
C LEU A 130 0.63 -15.95 0.12
N HIS A 131 1.00 -16.97 0.86
CA HIS A 131 1.98 -17.95 0.30
C HIS A 131 1.32 -18.73 -0.84
N ALA A 132 0.08 -19.09 -0.69
CA ALA A 132 -0.62 -19.84 -1.78
C ALA A 132 -0.51 -19.06 -3.09
N ALA A 133 -0.39 -17.76 -3.00
CA ALA A 133 -0.26 -16.93 -4.23
C ALA A 133 1.21 -16.74 -4.61
N THR A 134 2.11 -17.00 -3.69
CA THR A 134 3.57 -16.85 -4.01
C THR A 134 4.16 -18.21 -4.36
N GLY A 135 3.35 -19.11 -4.85
CA GLY A 135 3.86 -20.47 -5.21
C GLY A 135 4.74 -20.36 -6.46
N ASP A 136 5.84 -19.69 -6.36
CA ASP A 136 6.76 -19.54 -7.53
C ASP A 136 7.05 -20.90 -8.17
N GLY A 1 -5.78 33.77 -11.51
CA GLY A 1 -5.32 32.51 -12.17
C GLY A 1 -4.03 32.03 -11.52
N SER A 2 -4.04 30.85 -10.95
CA SER A 2 -2.82 30.29 -10.29
C SER A 2 -2.13 31.36 -9.43
N PRO A 3 -2.74 31.68 -8.32
CA PRO A 3 -2.20 32.69 -7.39
C PRO A 3 -0.91 32.19 -6.73
N GLY A 4 -0.68 30.90 -6.77
CA GLY A 4 0.54 30.35 -6.14
C GLY A 4 1.65 30.17 -7.19
N ILE A 5 1.27 29.83 -8.40
CA ILE A 5 2.27 29.61 -9.51
C ILE A 5 3.49 28.78 -9.06
N HIS A 6 4.14 29.16 -7.99
CA HIS A 6 5.32 28.39 -7.51
C HIS A 6 4.88 27.02 -6.97
N MET A 7 3.70 26.95 -6.40
CA MET A 7 3.21 25.65 -5.86
C MET A 7 2.97 24.65 -6.99
N LEU A 8 3.50 23.47 -6.88
CA LEU A 8 3.31 22.46 -7.94
C LEU A 8 2.35 21.37 -7.46
N GLY A 9 1.39 21.73 -6.64
CA GLY A 9 0.41 20.71 -6.15
C GLY A 9 0.78 20.32 -4.71
N GLY A 10 1.35 21.23 -3.96
CA GLY A 10 1.72 20.90 -2.55
C GLY A 10 0.56 21.22 -1.63
N SER A 11 -0.48 20.43 -1.65
CA SER A 11 -1.66 20.69 -0.77
C SER A 11 -2.14 19.39 -0.12
N SER A 12 -2.51 18.42 -0.91
CA SER A 12 -3.00 17.13 -0.33
C SER A 12 -2.77 15.98 -1.31
N ASP A 13 -1.78 16.08 -2.16
CA ASP A 13 -1.51 14.98 -3.14
C ASP A 13 -1.14 13.70 -2.38
N ALA A 14 -0.15 13.77 -1.53
CA ALA A 14 0.26 12.56 -0.76
C ALA A 14 -0.41 12.55 0.61
N GLY A 15 -1.47 13.32 0.77
CA GLY A 15 -2.17 13.36 2.08
C GLY A 15 -2.83 12.01 2.34
N LEU A 16 -3.35 11.38 1.33
CA LEU A 16 -4.01 10.05 1.51
C LEU A 16 -3.00 9.04 2.06
N ALA A 17 -1.74 9.23 1.78
CA ALA A 17 -0.71 8.28 2.30
C ALA A 17 -0.39 8.60 3.76
N THR A 18 -0.16 9.86 4.08
CA THR A 18 0.15 10.23 5.48
C THR A 18 -1.03 9.88 6.39
N ALA A 19 -2.21 10.31 6.03
CA ALA A 19 -3.41 9.99 6.87
C ALA A 19 -3.58 8.47 6.98
N ALA A 20 -3.24 7.76 5.94
CA ALA A 20 -3.37 6.27 5.98
C ALA A 20 -2.29 5.67 6.87
N ALA A 21 -1.11 6.25 6.86
CA ALA A 21 -0.01 5.71 7.72
C ALA A 21 -0.41 5.78 9.20
N ARG A 22 -1.27 6.70 9.55
CA ARG A 22 -1.70 6.82 10.97
C ARG A 22 -2.98 6.01 11.19
N GLY A 23 -3.68 5.68 10.15
CA GLY A 23 -4.95 4.89 10.31
C GLY A 23 -6.14 5.85 10.28
N GLN A 24 -6.26 6.65 9.25
CA GLN A 24 -7.40 7.60 9.17
C GLN A 24 -8.16 7.41 7.85
N VAL A 25 -9.00 6.42 7.77
CA VAL A 25 -9.77 6.19 6.52
C VAL A 25 -10.66 7.41 6.24
N GLU A 26 -11.24 7.98 7.26
CA GLU A 26 -12.12 9.17 7.05
C GLU A 26 -11.34 10.30 6.39
N THR A 27 -10.14 10.55 6.84
CA THR A 27 -9.33 11.65 6.23
C THR A 27 -9.01 11.30 4.76
N VAL A 28 -8.66 10.07 4.50
CA VAL A 28 -8.33 9.66 3.10
C VAL A 28 -9.62 9.54 2.28
N ARG A 29 -10.72 9.27 2.92
CA ARG A 29 -12.01 9.12 2.17
C ARG A 29 -12.39 10.45 1.51
N GLN A 30 -12.40 11.52 2.25
CA GLN A 30 -12.78 12.84 1.67
C GLN A 30 -11.65 13.37 0.77
N LEU A 31 -10.45 12.90 0.98
CA LEU A 31 -9.30 13.40 0.16
C LEU A 31 -9.41 12.87 -1.28
N LEU A 32 -9.33 11.57 -1.45
CA LEU A 32 -9.42 11.00 -2.83
C LEU A 32 -10.73 11.42 -3.50
N GLU A 33 -11.83 11.32 -2.81
CA GLU A 33 -13.13 11.71 -3.41
C GLU A 33 -13.11 13.18 -3.83
N ALA A 34 -12.44 14.01 -3.06
CA ALA A 34 -12.37 15.46 -3.41
C ALA A 34 -11.58 15.66 -4.70
N GLY A 35 -10.30 15.37 -4.68
CA GLY A 35 -9.47 15.53 -5.89
C GLY A 35 -8.02 15.16 -5.57
N ALA A 36 -7.80 13.96 -5.11
CA ALA A 36 -6.40 13.54 -4.78
C ALA A 36 -5.91 12.50 -5.79
N ASP A 37 -4.71 12.67 -6.29
CA ASP A 37 -4.17 11.70 -7.28
C ASP A 37 -3.90 10.35 -6.61
N PRO A 38 -4.43 9.29 -7.18
CA PRO A 38 -4.22 7.95 -6.60
C PRO A 38 -2.79 7.47 -6.84
N ASN A 39 -2.09 8.08 -7.76
CA ASN A 39 -0.69 7.67 -8.05
C ASN A 39 0.30 8.71 -7.52
N ALA A 40 -0.08 9.42 -6.49
CA ALA A 40 0.84 10.46 -5.93
C ALA A 40 1.89 9.81 -5.02
N LEU A 41 3.10 9.72 -5.48
CA LEU A 41 4.18 9.09 -4.64
C LEU A 41 4.44 9.93 -3.39
N ASN A 42 5.11 9.38 -2.42
CA ASN A 42 5.40 10.14 -1.18
C ASN A 42 6.89 10.51 -1.13
N ARG A 43 7.35 11.01 0.00
CA ARG A 43 8.79 11.39 0.10
C ARG A 43 9.65 10.16 0.41
N PHE A 44 9.05 9.10 0.88
CA PHE A 44 9.83 7.87 1.19
C PHE A 44 9.87 6.94 -0.03
N GLY A 45 9.58 7.45 -1.21
CA GLY A 45 9.61 6.60 -2.42
C GLY A 45 8.75 5.35 -2.20
N ARG A 46 7.65 5.50 -1.52
CA ARG A 46 6.77 4.32 -1.26
C ARG A 46 5.39 4.54 -1.90
N ARG A 47 4.64 3.48 -2.06
CA ARG A 47 3.28 3.62 -2.66
C ARG A 47 2.30 4.18 -1.61
N PRO A 48 1.12 4.53 -2.04
CA PRO A 48 0.10 5.08 -1.11
C PRO A 48 -0.35 3.99 -0.12
N ILE A 49 -0.02 2.76 -0.38
CA ILE A 49 -0.42 1.66 0.54
C ILE A 49 0.81 1.11 1.26
N GLN A 50 1.98 1.37 0.74
CA GLN A 50 3.22 0.85 1.40
C GLN A 50 3.57 1.73 2.62
N VAL A 51 2.84 2.79 2.84
CA VAL A 51 3.14 3.67 4.00
C VAL A 51 1.93 3.77 4.95
N MET A 52 0.81 3.20 4.57
CA MET A 52 -0.38 3.27 5.46
C MET A 52 -0.16 2.41 6.71
N MET A 53 -0.93 2.62 7.74
CA MET A 53 -0.76 1.83 9.00
C MET A 53 -0.83 0.32 8.70
N MET A 54 -1.40 -0.05 7.58
CA MET A 54 -1.50 -1.50 7.24
C MET A 54 -2.33 -2.23 8.30
N GLY A 55 -3.12 -1.51 9.06
CA GLY A 55 -3.96 -2.16 10.11
C GLY A 55 -5.42 -1.79 9.90
N SER A 56 -5.78 -1.43 8.68
CA SER A 56 -7.20 -1.05 8.41
C SER A 56 -7.53 -1.30 6.93
N ALA A 57 -8.29 -2.31 6.64
CA ALA A 57 -8.65 -2.60 5.22
C ALA A 57 -9.36 -1.40 4.59
N GLN A 58 -10.00 -0.59 5.40
CA GLN A 58 -10.72 0.59 4.84
C GLN A 58 -9.75 1.49 4.07
N VAL A 59 -8.49 1.49 4.46
CA VAL A 59 -7.50 2.34 3.75
C VAL A 59 -6.96 1.63 2.51
N ALA A 60 -6.57 0.39 2.65
CA ALA A 60 -6.02 -0.38 1.49
C ALA A 60 -7.09 -0.51 0.39
N GLU A 61 -8.32 -0.69 0.76
CA GLU A 61 -9.40 -0.84 -0.27
C GLU A 61 -9.73 0.52 -0.89
N LEU A 62 -9.65 1.58 -0.12
CA LEU A 62 -9.96 2.93 -0.68
C LEU A 62 -9.07 3.24 -1.88
N LEU A 63 -7.79 3.34 -1.68
CA LEU A 63 -6.86 3.66 -2.81
C LEU A 63 -6.92 2.57 -3.88
N LEU A 64 -7.00 1.33 -3.49
CA LEU A 64 -7.05 0.23 -4.50
C LEU A 64 -8.25 0.41 -5.43
N LEU A 65 -9.44 0.46 -4.89
CA LEU A 65 -10.65 0.62 -5.76
C LEU A 65 -10.49 1.84 -6.68
N HIS A 66 -9.70 2.80 -6.26
CA HIS A 66 -9.50 4.01 -7.12
C HIS A 66 -8.40 3.74 -8.15
N GLY A 67 -7.16 3.72 -7.72
CA GLY A 67 -6.06 3.46 -8.69
C GLY A 67 -4.71 3.62 -7.96
N ALA A 68 -4.55 2.99 -6.83
CA ALA A 68 -3.25 3.10 -6.09
C ALA A 68 -2.15 2.36 -6.84
N GLU A 69 -1.06 2.06 -6.17
CA GLU A 69 0.05 1.34 -6.84
C GLU A 69 0.34 0.02 -6.11
N PRO A 70 -0.49 -0.95 -6.33
CA PRO A 70 -0.33 -2.27 -5.68
C PRO A 70 0.77 -3.08 -6.38
N ASN A 71 1.03 -2.79 -7.63
CA ASN A 71 2.09 -3.55 -8.37
C ASN A 71 3.43 -2.81 -8.28
N CYS A 72 3.44 -1.54 -8.56
CA CYS A 72 4.73 -0.77 -8.49
C CYS A 72 5.37 -0.94 -7.11
N ALA A 73 6.57 -1.45 -7.07
CA ALA A 73 7.26 -1.65 -5.76
C ALA A 73 8.42 -0.66 -5.61
N ASP A 74 9.13 -0.71 -4.51
CA ASP A 74 10.27 0.22 -4.31
C ASP A 74 11.48 -0.24 -5.13
N PRO A 75 12.00 0.65 -5.95
CA PRO A 75 13.17 0.31 -6.79
C PRO A 75 14.45 0.24 -5.94
N ALA A 76 14.39 0.73 -4.73
CA ALA A 76 15.61 0.69 -3.86
C ALA A 76 15.81 -0.71 -3.25
N THR A 77 14.74 -1.42 -3.02
CA THR A 77 14.87 -2.79 -2.43
C THR A 77 13.84 -3.73 -3.05
N LEU A 78 13.26 -3.37 -4.17
CA LEU A 78 12.24 -4.25 -4.82
C LEU A 78 11.17 -4.67 -3.81
N THR A 79 10.86 -3.82 -2.87
CA THR A 79 9.83 -4.16 -1.84
C THR A 79 8.43 -3.82 -2.37
N ARG A 80 7.57 -4.79 -2.44
CA ARG A 80 6.19 -4.52 -2.94
C ARG A 80 5.25 -4.23 -1.75
N PRO A 81 4.04 -3.84 -2.07
CA PRO A 81 3.05 -3.52 -1.02
C PRO A 81 2.55 -4.80 -0.34
N VAL A 82 2.90 -5.94 -0.87
CA VAL A 82 2.45 -7.23 -0.24
C VAL A 82 3.31 -7.54 0.99
N HIS A 83 4.50 -7.01 1.04
CA HIS A 83 5.38 -7.29 2.22
C HIS A 83 4.88 -6.54 3.46
N ASP A 84 4.65 -5.27 3.35
CA ASP A 84 4.15 -4.48 4.52
C ASP A 84 2.83 -5.06 5.02
N ALA A 85 1.91 -5.31 4.12
CA ALA A 85 0.59 -5.87 4.55
C ALA A 85 0.78 -7.23 5.24
N ALA A 86 1.84 -7.91 4.91
CA ALA A 86 2.09 -9.24 5.54
C ALA A 86 2.87 -9.08 6.84
N ARG A 87 3.56 -7.98 7.00
CA ARG A 87 4.34 -7.76 8.26
C ARG A 87 3.41 -7.47 9.43
N GLU A 88 2.28 -6.86 9.16
CA GLU A 88 1.32 -6.55 10.27
C GLU A 88 0.40 -7.75 10.53
N GLY A 89 0.02 -8.44 9.49
CA GLY A 89 -0.88 -9.62 9.66
C GLY A 89 -2.32 -9.22 9.32
N PHE A 90 -2.51 -8.53 8.22
CA PHE A 90 -3.88 -8.12 7.82
C PHE A 90 -4.28 -8.82 6.53
N LEU A 91 -5.10 -9.83 6.61
CA LEU A 91 -5.53 -10.56 5.38
C LEU A 91 -6.56 -9.73 4.59
N ASP A 92 -7.24 -8.83 5.26
CA ASP A 92 -8.25 -8.00 4.55
C ASP A 92 -7.59 -7.20 3.42
N THR A 93 -6.44 -6.63 3.69
CA THR A 93 -5.74 -5.83 2.63
C THR A 93 -5.15 -6.78 1.58
N LEU A 94 -4.61 -7.88 2.01
CA LEU A 94 -4.01 -8.86 1.04
C LEU A 94 -5.05 -9.25 -0.01
N VAL A 95 -6.25 -9.57 0.42
CA VAL A 95 -7.31 -9.95 -0.55
C VAL A 95 -7.62 -8.76 -1.46
N VAL A 96 -7.68 -7.58 -0.90
CA VAL A 96 -7.97 -6.37 -1.72
C VAL A 96 -6.95 -6.24 -2.86
N LEU A 97 -5.69 -6.36 -2.54
CA LEU A 97 -4.63 -6.24 -3.60
C LEU A 97 -4.86 -7.28 -4.70
N HIS A 98 -5.00 -8.52 -4.32
CA HIS A 98 -5.22 -9.60 -5.35
C HIS A 98 -6.51 -9.32 -6.12
N ARG A 99 -7.44 -8.64 -5.53
CA ARG A 99 -8.73 -8.34 -6.23
C ARG A 99 -8.48 -7.37 -7.39
N ALA A 100 -8.15 -6.14 -7.09
CA ALA A 100 -7.90 -5.14 -8.16
C ALA A 100 -6.84 -5.66 -9.14
N GLY A 101 -5.95 -6.49 -8.68
CA GLY A 101 -4.89 -7.02 -9.58
C GLY A 101 -3.51 -6.59 -9.07
N ALA A 102 -2.93 -7.36 -8.19
CA ALA A 102 -1.58 -6.99 -7.65
C ALA A 102 -0.67 -8.22 -7.61
N ARG A 103 0.54 -8.09 -8.04
CA ARG A 103 1.49 -9.25 -8.02
C ARG A 103 1.91 -9.56 -6.59
N LEU A 104 2.06 -10.82 -6.26
CA LEU A 104 2.45 -11.18 -4.87
C LEU A 104 3.74 -12.03 -4.88
N ASP A 105 4.25 -12.36 -6.04
CA ASP A 105 5.49 -13.17 -6.11
C ASP A 105 6.72 -12.25 -6.21
N VAL A 106 7.04 -11.56 -5.14
CA VAL A 106 8.21 -10.65 -5.16
C VAL A 106 9.03 -10.81 -3.87
N CYS A 107 10.32 -10.58 -3.94
CA CYS A 107 11.16 -10.72 -2.72
C CYS A 107 11.75 -9.35 -2.34
N ASP A 108 12.15 -9.18 -1.12
CA ASP A 108 12.74 -7.86 -0.71
C ASP A 108 14.09 -7.67 -1.39
N ALA A 109 14.07 -7.36 -2.67
CA ALA A 109 15.35 -7.16 -3.42
C ALA A 109 16.19 -8.45 -3.40
N TRP A 110 16.87 -8.70 -2.32
CA TRP A 110 17.70 -9.94 -2.23
C TRP A 110 17.36 -10.70 -0.95
N GLY A 111 16.11 -10.71 -0.57
CA GLY A 111 15.71 -11.44 0.68
C GLY A 111 14.69 -12.53 0.35
N ARG A 112 13.72 -12.70 1.21
CA ARG A 112 12.69 -13.76 0.95
C ARG A 112 11.40 -13.15 0.41
N LEU A 113 10.33 -13.89 0.43
CA LEU A 113 9.04 -13.36 -0.08
C LEU A 113 8.19 -12.80 1.07
N PRO A 114 7.08 -12.20 0.74
CA PRO A 114 6.18 -11.64 1.78
C PRO A 114 5.55 -12.76 2.60
N VAL A 115 5.49 -13.95 2.05
CA VAL A 115 4.89 -15.09 2.79
C VAL A 115 5.85 -15.56 3.89
N ASP A 116 7.13 -15.36 3.70
CA ASP A 116 8.12 -15.79 4.73
C ASP A 116 8.18 -14.76 5.87
N LEU A 117 8.10 -13.50 5.54
CA LEU A 117 8.15 -12.45 6.61
C LEU A 117 6.98 -12.65 7.58
N ALA A 118 5.92 -13.24 7.12
CA ALA A 118 4.74 -13.47 8.02
C ALA A 118 5.01 -14.67 8.94
N GLU A 119 5.35 -15.80 8.36
CA GLU A 119 5.62 -17.01 9.18
C GLU A 119 6.67 -16.71 10.26
N GLU A 120 7.51 -15.73 10.03
CA GLU A 120 8.55 -15.39 11.04
C GLU A 120 7.94 -14.55 12.16
N GLN A 121 7.30 -13.45 11.82
CA GLN A 121 6.69 -12.59 12.88
C GLN A 121 5.60 -13.37 13.61
N GLY A 122 4.52 -13.69 12.94
CA GLY A 122 3.43 -14.45 13.60
C GLY A 122 2.12 -14.22 12.84
N HIS A 123 2.14 -14.34 11.55
CA HIS A 123 0.90 -14.13 10.75
C HIS A 123 0.58 -15.39 9.93
N ARG A 124 0.29 -16.48 10.59
CA ARG A 124 -0.02 -17.74 9.85
C ARG A 124 -1.18 -17.50 8.87
N ASP A 125 -2.12 -16.68 9.25
CA ASP A 125 -3.29 -16.41 8.36
C ASP A 125 -2.80 -15.77 7.06
N ILE A 126 -1.98 -14.76 7.15
CA ILE A 126 -1.47 -14.08 5.92
C ILE A 126 -0.47 -14.99 5.19
N ALA A 127 0.16 -15.89 5.91
CA ALA A 127 1.15 -16.79 5.25
C ALA A 127 0.42 -17.80 4.35
N ARG A 128 -0.65 -18.38 4.83
CA ARG A 128 -1.40 -19.37 4.01
C ARG A 128 -1.91 -18.71 2.73
N TYR A 129 -2.60 -17.60 2.84
CA TYR A 129 -3.11 -16.91 1.63
C TYR A 129 -1.95 -16.49 0.72
N LEU A 130 -0.85 -16.10 1.32
CA LEU A 130 0.32 -15.68 0.51
C LEU A 130 0.99 -16.90 -0.14
N HIS A 131 1.10 -17.98 0.58
CA HIS A 131 1.72 -19.21 0.00
C HIS A 131 0.94 -19.68 -1.23
N ALA A 132 -0.31 -19.29 -1.34
CA ALA A 132 -1.12 -19.72 -2.52
C ALA A 132 -0.92 -18.75 -3.68
N ALA A 133 -0.67 -17.50 -3.38
CA ALA A 133 -0.48 -16.49 -4.47
C ALA A 133 1.01 -16.28 -4.75
N THR A 134 1.86 -16.62 -3.80
CA THR A 134 3.33 -16.42 -4.01
C THR A 134 4.00 -17.76 -4.29
N GLY A 135 3.34 -18.85 -4.00
CA GLY A 135 3.95 -20.20 -4.26
C GLY A 135 4.31 -20.34 -5.73
N ASP A 136 3.32 -20.52 -6.58
CA ASP A 136 3.59 -20.67 -8.03
C ASP A 136 2.28 -20.63 -8.82
#